data_5T6N
#
_entry.id   5T6N
#
_cell.length_a   105.943
_cell.length_b   151.808
_cell.length_c   349.508
_cell.angle_alpha   90.00
_cell.angle_beta   90.00
_cell.angle_gamma   90.00
#
_symmetry.space_group_name_H-M   'C 2 2 21'
#
loop_
_entity.id
_entity.type
_entity.pdbx_description
1 polymer 'Hemagglutinin HA1'
2 polymer 'Hemagglutinin HA2'
3 branched alpha-D-mannopyranose-(1-6)-beta-D-mannopyranose-(1-4)-2-acetamido-2-deoxy-beta-D-glucopyranose-(1-4)-2-acetamido-2-deoxy-beta-D-glucopyranose
4 branched 2-acetamido-2-deoxy-beta-D-glucopyranose-(1-4)-2-acetamido-2-deoxy-beta-D-glucopyranose
5 branched beta-D-mannopyranose-(1-4)-2-acetamido-2-deoxy-beta-D-glucopyranose-(1-4)-2-acetamido-2-deoxy-beta-D-glucopyranose
6 branched alpha-D-mannopyranose-(1-3)-[alpha-D-mannopyranose-(1-6)]beta-D-mannopyranose-(1-4)-2-acetamido-2-deoxy-beta-D-glucopyranose-(1-4)-2-acetamido-2-deoxy-beta-D-glucopyranose
7 non-polymer 2-acetamido-2-deoxy-beta-D-glucopyranose
8 non-polymer 'ethyl 6-bromo-4-[(dimethylamino)methyl]-5-hydroxy-1-methyl-2-[(phenylsulfanyl)methyl]-1H-indole-3-carboxylate'
9 non-polymer 'SULFATE ION'
10 non-polymer GLYCEROL
11 water water
#
loop_
_entity_poly.entity_id
_entity_poly.type
_entity_poly.pdbx_seq_one_letter_code
_entity_poly.pdbx_strand_id
1 'polypeptide(L)'
;ADPGATLCLGHHAVPNGTLVKTITDDQIEVTNATELVQSSSTGKICNNPHRILDGIDCTLIDALLGDPHCDVFQNETWDL
FVERSKAFSNCYPYDVPDYASLRSLVASSGTLEFITEGFTWTGVTQNGGSNACKRGPGSGFFSRLNWLTKSGSTYPVLNV
TMPNNDNFDKLYIWGVHHPSTNQEQTSLYVQASGRVTVSTRRSQQTIIPNIGSRPWVRGLSSRISIYWTIVKPGDVLVIN
SNGNLIAPRGYFKMRTGKSSIMRSDAPIDTCISECITPNGSIPNDKPFQNVNKITYGACPKYVKQNTLKLATGMRNVPEK
QTR
;
A,C,E
2 'polypeptide(L)'
;GLFGAIAGFIENGWEGMIDGWYGFRHQNSEGTGQAADLKSTQAAIDQINGKLNRVIEKTNEKFHQIEKEFSEVEGRIQDL
EKYVEDTKIDLWSYNAELLVALENQHTIDLTDSEMNKLFEKTGRQLRENAEDMGNGCFKIYHKCDNACIESIRNGTYDHD
VYRDEALNNRFQIK
;
B,D,F
#
# COMPACT_ATOMS: atom_id res chain seq x y z
N PRO A 3 -15.12 67.61 4.01
CA PRO A 3 -16.14 66.97 4.86
C PRO A 3 -16.63 65.64 4.30
N GLY A 4 -16.03 64.55 4.77
CA GLY A 4 -16.41 63.21 4.34
C GLY A 4 -16.17 62.18 5.42
N ALA A 5 -15.81 60.97 5.00
CA ALA A 5 -15.54 59.91 5.94
C ALA A 5 -14.66 58.87 5.27
N THR A 6 -13.92 58.14 6.09
CA THR A 6 -13.13 57.00 5.68
C THR A 6 -13.65 55.72 6.29
N LEU A 7 -13.84 54.68 5.46
CA LEU A 7 -14.22 53.35 5.90
C LEU A 7 -13.15 52.35 5.48
N CYS A 8 -12.52 51.72 6.45
CA CYS A 8 -11.41 50.78 6.22
C CYS A 8 -11.85 49.36 6.50
N LEU A 9 -11.48 48.43 5.63
CA LEU A 9 -11.72 47.01 5.85
C LEU A 9 -10.48 46.34 6.37
N GLY A 10 -10.66 45.35 7.23
CA GLY A 10 -9.51 44.62 7.72
C GLY A 10 -9.82 43.30 8.37
N HIS A 11 -8.78 42.68 8.89
CA HIS A 11 -8.85 41.37 9.47
C HIS A 11 -8.00 41.38 10.72
N HIS A 12 -8.17 40.37 11.57
CA HIS A 12 -7.49 40.36 12.84
C HIS A 12 -6.11 39.76 12.73
N ALA A 13 -5.38 39.84 13.83
CA ALA A 13 -4.05 39.30 13.95
C ALA A 13 -3.80 39.12 15.43
N VAL A 14 -2.75 38.36 15.75
CA VAL A 14 -2.34 38.12 17.13
C VAL A 14 -0.85 38.34 17.21
N PRO A 15 -0.30 38.61 18.41
CA PRO A 15 1.12 38.94 18.46
C PRO A 15 2.01 37.81 17.94
N ASN A 16 1.75 36.56 18.32
CA ASN A 16 2.44 35.42 17.71
C ASN A 16 1.50 34.23 17.59
N GLY A 17 1.38 33.69 16.38
CA GLY A 17 0.55 32.53 16.05
C GLY A 17 1.35 31.22 16.01
N THR A 18 0.97 30.34 15.09
CA THR A 18 1.54 29.01 14.92
C THR A 18 2.15 28.88 13.54
N LEU A 19 3.29 28.23 13.43
CA LEU A 19 3.91 27.91 12.15
C LEU A 19 3.30 26.63 11.59
N VAL A 20 2.93 26.65 10.30
CA VAL A 20 2.40 25.48 9.59
C VAL A 20 3.07 25.38 8.23
N LYS A 21 2.93 24.21 7.61
CA LYS A 21 3.52 23.93 6.31
C LYS A 21 2.46 24.01 5.24
N THR A 22 2.86 24.43 4.05
CA THR A 22 1.98 24.40 2.90
C THR A 22 2.65 23.71 1.72
N ILE A 23 1.98 23.76 0.57
CA ILE A 23 2.56 23.25 -0.67
C ILE A 23 3.77 24.08 -1.06
N THR A 24 3.71 25.40 -0.88
N THR A 24 3.67 25.40 -0.91
CA THR A 24 4.79 26.27 -1.33
CA THR A 24 4.73 26.31 -1.28
C THR A 24 5.71 26.73 -0.21
C THR A 24 5.79 26.43 -0.20
N ASP A 25 5.36 26.53 1.06
CA ASP A 25 6.18 27.01 2.17
C ASP A 25 6.45 25.96 3.22
N ASP A 26 7.70 25.87 3.65
N ASP A 26 7.72 25.87 3.64
CA ASP A 26 8.03 25.00 4.75
CA ASP A 26 8.08 25.01 4.75
C ASP A 26 7.57 25.55 6.09
C ASP A 26 7.56 25.55 6.08
N GLN A 27 7.49 26.87 6.23
CA GLN A 27 7.06 27.52 7.48
C GLN A 27 6.32 28.79 7.13
N ILE A 28 5.04 28.87 7.46
CA ILE A 28 4.26 30.08 7.27
C ILE A 28 3.34 30.25 8.46
N GLU A 29 3.18 31.48 8.93
CA GLU A 29 2.55 31.74 10.23
C GLU A 29 1.08 32.03 10.10
N VAL A 30 0.26 31.26 10.81
CA VAL A 30 -1.18 31.47 10.81
C VAL A 30 -1.61 31.81 12.23
N THR A 31 -2.85 32.27 12.37
CA THR A 31 -3.30 32.73 13.69
C THR A 31 -3.50 31.61 14.70
N ASN A 32 -3.76 30.39 14.24
CA ASN A 32 -4.12 29.28 15.10
C ASN A 32 -4.02 27.99 14.30
N ALA A 33 -3.68 26.92 14.97
CA ALA A 33 -3.58 25.62 14.32
C ALA A 33 -3.88 24.55 15.35
N THR A 34 -4.27 23.38 14.88
CA THR A 34 -4.52 22.27 15.77
C THR A 34 -3.66 21.10 15.35
N GLU A 35 -3.25 20.29 16.32
CA GLU A 35 -2.32 19.18 16.12
C GLU A 35 -3.03 17.90 15.69
N LEU A 36 -2.50 17.25 14.66
CA LEU A 36 -3.10 16.04 14.09
C LEU A 36 -2.41 14.73 14.45
N VAL A 37 -1.26 14.75 15.09
CA VAL A 37 -0.51 13.55 15.39
C VAL A 37 -0.54 13.33 16.90
N GLN A 38 -1.18 12.24 17.34
CA GLN A 38 -1.12 11.85 18.73
C GLN A 38 0.25 11.27 19.06
N SER A 39 0.93 11.85 20.02
CA SER A 39 2.30 11.48 20.27
C SER A 39 2.59 11.12 21.73
N SER A 40 1.60 11.10 22.58
CA SER A 40 1.79 10.78 23.99
C SER A 40 0.75 9.79 24.45
N SER A 41 1.12 9.03 25.47
CA SER A 41 0.22 8.09 26.10
C SER A 41 0.25 8.29 27.60
N THR A 42 -0.87 7.96 28.26
CA THR A 42 -0.88 7.93 29.73
C THR A 42 0.02 6.85 30.29
N GLY A 43 0.46 5.87 29.50
CA GLY A 43 1.25 4.77 29.99
C GLY A 43 0.46 3.58 30.50
N LYS A 44 -0.86 3.62 30.44
CA LYS A 44 -1.70 2.59 31.02
C LYS A 44 -2.72 2.11 30.00
N ILE A 45 -3.02 0.83 30.03
CA ILE A 45 -4.06 0.26 29.20
C ILE A 45 -5.39 0.38 29.91
N CYS A 46 -6.37 1.00 29.29
CA CYS A 46 -7.67 1.17 29.92
C CYS A 46 -8.48 -0.09 29.83
N ASN A 47 -9.10 -0.48 30.93
CA ASN A 47 -9.79 -1.76 30.96
C ASN A 47 -11.20 -1.69 30.40
N ASN A 48 -11.64 -0.52 29.97
CA ASN A 48 -12.88 -0.40 29.21
C ASN A 48 -12.59 0.36 27.91
N PRO A 49 -13.35 0.09 26.85
CA PRO A 49 -14.49 -0.80 26.71
C PRO A 49 -14.16 -2.20 26.24
N HIS A 50 -12.89 -2.50 25.96
CA HIS A 50 -12.54 -3.83 25.47
C HIS A 50 -12.28 -4.75 26.61
N ARG A 51 -12.66 -6.01 26.44
CA ARG A 51 -12.38 -7.04 27.44
C ARG A 51 -10.88 -7.38 27.42
N ILE A 52 -10.14 -6.82 28.35
CA ILE A 52 -8.72 -7.09 28.51
C ILE A 52 -8.52 -8.30 29.40
N LEU A 53 -7.59 -9.17 29.01
CA LEU A 53 -7.22 -10.33 29.80
C LEU A 53 -5.73 -10.29 30.03
N ASP A 54 -5.31 -9.99 31.24
CA ASP A 54 -3.89 -9.93 31.60
C ASP A 54 -3.40 -11.35 31.90
N GLY A 55 -2.48 -11.86 31.09
CA GLY A 55 -1.93 -13.19 31.28
C GLY A 55 -0.91 -13.28 32.38
N ILE A 56 -0.51 -12.13 32.91
CA ILE A 56 0.40 -12.05 34.04
C ILE A 56 1.62 -12.93 33.80
N ASP A 57 1.63 -14.11 34.40
CA ASP A 57 2.78 -15.00 34.31
C ASP A 57 2.64 -16.00 33.19
N CYS A 58 1.58 -15.94 32.40
CA CYS A 58 1.23 -16.98 31.46
C CYS A 58 1.19 -16.43 30.05
N THR A 59 1.82 -17.13 29.14
CA THR A 59 1.57 -16.89 27.75
C THR A 59 0.26 -17.54 27.33
N LEU A 60 -0.25 -17.16 26.16
CA LEU A 60 -1.48 -17.75 25.67
C LEU A 60 -1.35 -19.24 25.40
N ILE A 61 -0.21 -19.67 24.88
CA ILE A 61 -0.05 -21.09 24.61
C ILE A 61 0.00 -21.88 25.91
N ASP A 62 0.73 -21.37 26.92
CA ASP A 62 0.77 -22.07 28.20
C ASP A 62 -0.60 -22.13 28.86
N ALA A 63 -1.42 -21.09 28.74
CA ALA A 63 -2.79 -21.22 29.23
C ALA A 63 -3.62 -22.18 28.39
N LEU A 64 -3.35 -22.26 27.09
CA LEU A 64 -4.06 -23.18 26.21
C LEU A 64 -3.83 -24.65 26.58
N LEU A 65 -2.56 -25.05 26.72
CA LEU A 65 -2.22 -26.44 26.98
C LEU A 65 -2.64 -26.89 28.36
N GLY A 66 -2.53 -26.01 29.34
CA GLY A 66 -2.95 -26.26 30.68
C GLY A 66 -1.80 -26.42 31.63
N ASP A 67 -0.72 -25.71 31.40
CA ASP A 67 0.31 -25.59 32.42
C ASP A 67 -0.36 -25.25 33.75
N PRO A 68 -0.10 -26.02 34.83
CA PRO A 68 -0.88 -25.83 36.05
C PRO A 68 -0.99 -24.41 36.56
N HIS A 69 0.11 -23.66 36.66
CA HIS A 69 -0.04 -22.27 37.10
C HIS A 69 -0.75 -21.37 36.09
N CYS A 70 -1.20 -21.88 34.95
CA CYS A 70 -1.97 -21.14 33.99
C CYS A 70 -3.39 -21.61 33.92
N ASP A 71 -3.73 -22.64 34.70
CA ASP A 71 -5.08 -23.17 34.65
C ASP A 71 -6.12 -22.20 35.21
N VAL A 72 -5.71 -21.15 35.91
N VAL A 72 -5.73 -21.16 35.93
CA VAL A 72 -6.64 -20.10 36.27
CA VAL A 72 -6.66 -20.09 36.26
C VAL A 72 -7.24 -19.43 35.04
C VAL A 72 -7.28 -19.48 35.03
N PHE A 73 -6.74 -19.73 33.84
CA PHE A 73 -7.30 -19.19 32.61
C PHE A 73 -8.24 -20.15 31.87
N GLN A 74 -8.56 -21.29 32.44
CA GLN A 74 -9.46 -22.20 31.75
C GLN A 74 -10.78 -21.53 31.44
N ASN A 75 -11.25 -21.75 30.20
CA ASN A 75 -12.52 -21.27 29.69
C ASN A 75 -12.61 -19.75 29.64
N GLU A 76 -11.49 -19.03 29.74
CA GLU A 76 -11.51 -17.57 29.70
C GLU A 76 -11.73 -17.05 28.28
N THR A 77 -12.27 -15.85 28.20
CA THR A 77 -12.46 -15.15 26.93
C THR A 77 -11.85 -13.75 27.02
N TRP A 78 -11.56 -13.17 25.87
CA TRP A 78 -10.93 -11.86 25.83
C TRP A 78 -11.27 -11.17 24.51
N ASP A 79 -11.24 -9.84 24.53
CA ASP A 79 -11.06 -9.06 23.32
C ASP A 79 -9.58 -8.91 23.03
N LEU A 80 -8.80 -8.58 24.05
CA LEU A 80 -7.35 -8.46 23.94
C LEU A 80 -6.67 -9.24 25.05
N PHE A 81 -5.89 -10.26 24.67
CA PHE A 81 -4.98 -10.93 25.58
C PHE A 81 -3.66 -10.17 25.65
N VAL A 82 -3.21 -9.81 26.84
CA VAL A 82 -1.96 -9.08 27.00
C VAL A 82 -0.91 -10.02 27.60
N GLU A 83 0.19 -10.23 26.88
CA GLU A 83 1.26 -11.10 27.33
C GLU A 83 2.37 -10.31 27.98
N ARG A 84 2.79 -10.74 29.15
CA ARG A 84 3.82 -10.03 29.88
C ARG A 84 5.19 -10.60 29.62
N SER A 85 6.20 -9.74 29.70
CA SER A 85 7.53 -10.26 29.46
C SER A 85 7.99 -11.19 30.58
N LYS A 86 7.32 -11.15 31.74
CA LYS A 86 7.69 -11.98 32.89
C LYS A 86 7.05 -13.35 32.87
N ALA A 87 6.26 -13.66 31.84
CA ALA A 87 5.63 -14.97 31.76
C ALA A 87 6.69 -16.04 31.74
N PHE A 88 6.39 -17.20 32.32
CA PHE A 88 7.31 -18.32 32.35
C PHE A 88 6.51 -19.60 32.21
N SER A 89 7.15 -20.62 31.67
CA SER A 89 6.62 -21.96 31.62
C SER A 89 7.03 -22.74 32.85
N ASN A 90 6.17 -23.65 33.30
CA ASN A 90 6.53 -24.46 34.46
C ASN A 90 5.97 -25.86 34.38
N CYS A 91 6.10 -26.51 33.23
CA CYS A 91 5.57 -27.85 33.04
C CYS A 91 6.59 -28.64 32.20
N TYR A 92 6.12 -29.64 31.50
CA TYR A 92 7.01 -30.46 30.69
C TYR A 92 7.60 -29.61 29.58
N PRO A 93 8.91 -29.68 29.34
CA PRO A 93 9.52 -28.90 28.26
C PRO A 93 8.96 -29.30 26.90
N TYR A 94 8.68 -28.30 26.07
CA TYR A 94 7.99 -28.56 24.81
C TYR A 94 8.39 -27.55 23.76
N ASP A 95 8.04 -27.86 22.54
CA ASP A 95 8.14 -26.88 21.48
C ASP A 95 6.91 -26.98 20.58
N VAL A 96 6.60 -25.89 19.90
CA VAL A 96 5.48 -25.92 18.96
C VAL A 96 5.98 -25.57 17.57
N PRO A 97 6.10 -26.53 16.67
CA PRO A 97 6.34 -26.16 15.27
C PRO A 97 5.22 -25.26 14.80
N ASP A 98 5.58 -24.15 14.17
CA ASP A 98 4.63 -23.09 13.82
C ASP A 98 3.88 -22.57 15.05
N TYR A 99 4.65 -22.22 16.08
CA TYR A 99 4.14 -21.59 17.28
C TYR A 99 3.34 -20.34 16.95
N ALA A 100 3.90 -19.47 16.09
CA ALA A 100 3.25 -18.20 15.80
C ALA A 100 1.86 -18.40 15.22
N SER A 101 1.68 -19.40 14.38
CA SER A 101 0.36 -19.60 13.79
C SER A 101 -0.65 -20.06 14.82
N LEU A 102 -0.25 -20.96 15.73
CA LEU A 102 -1.16 -21.45 16.75
C LEU A 102 -1.55 -20.34 17.71
N ARG A 103 -0.55 -19.60 18.18
CA ARG A 103 -0.80 -18.44 19.01
C ARG A 103 -1.72 -17.46 18.32
N SER A 104 -1.59 -17.30 17.01
CA SER A 104 -2.41 -16.34 16.31
C SER A 104 -3.85 -16.84 16.16
N LEU A 105 -4.05 -18.08 15.73
CA LEU A 105 -5.43 -18.52 15.54
C LEU A 105 -6.16 -18.63 16.88
N VAL A 106 -5.44 -18.97 17.94
CA VAL A 106 -6.09 -18.95 19.26
C VAL A 106 -6.42 -17.53 19.69
N ALA A 107 -5.47 -16.60 19.54
CA ALA A 107 -5.75 -15.22 19.94
C ALA A 107 -6.93 -14.65 19.18
N SER A 108 -7.00 -14.92 17.88
CA SER A 108 -8.07 -14.39 17.06
C SER A 108 -9.40 -15.06 17.39
N SER A 109 -9.37 -16.31 17.85
CA SER A 109 -10.59 -16.99 18.26
C SER A 109 -11.19 -16.36 19.53
N GLY A 110 -10.37 -15.87 20.44
CA GLY A 110 -10.88 -15.12 21.56
C GLY A 110 -11.41 -15.93 22.71
N THR A 111 -11.20 -17.25 22.72
CA THR A 111 -11.75 -18.10 23.75
C THR A 111 -10.88 -19.33 23.99
N LEU A 112 -10.84 -19.74 25.25
CA LEU A 112 -10.27 -21.00 25.66
C LEU A 112 -11.34 -22.01 26.06
N GLU A 113 -12.60 -21.81 25.65
CA GLU A 113 -13.63 -22.80 25.91
C GLU A 113 -13.16 -24.18 25.48
N PHE A 114 -13.11 -25.09 26.46
CA PHE A 114 -12.71 -26.47 26.23
C PHE A 114 -13.85 -27.42 26.60
N ILE A 115 -14.12 -28.36 25.70
CA ILE A 115 -15.12 -29.38 25.88
C ILE A 115 -14.42 -30.72 25.93
N THR A 116 -14.55 -31.40 27.06
CA THR A 116 -14.06 -32.75 27.21
C THR A 116 -14.90 -33.73 26.40
N GLU A 117 -14.22 -34.65 25.73
CA GLU A 117 -14.84 -35.69 24.93
C GLU A 117 -14.39 -37.05 25.44
N GLY A 118 -15.25 -38.05 25.23
CA GLY A 118 -15.00 -39.37 25.76
C GLY A 118 -14.16 -40.23 24.86
N PHE A 119 -12.87 -39.97 24.82
CA PHE A 119 -11.97 -40.82 24.07
C PHE A 119 -11.80 -42.13 24.82
N THR A 120 -11.74 -43.22 24.09
CA THR A 120 -11.50 -44.54 24.65
C THR A 120 -10.10 -44.96 24.26
N TRP A 121 -9.22 -45.09 25.25
CA TRP A 121 -7.84 -45.49 25.00
C TRP A 121 -7.66 -46.91 25.52
N THR A 122 -8.01 -47.88 24.66
CA THR A 122 -8.01 -49.29 25.01
C THR A 122 -6.59 -49.83 24.96
N GLY A 123 -6.09 -50.29 26.10
CA GLY A 123 -4.83 -51.00 26.17
C GLY A 123 -3.63 -50.20 26.63
N VAL A 124 -3.83 -49.00 27.15
CA VAL A 124 -2.74 -48.16 27.60
C VAL A 124 -3.07 -47.59 28.97
N THR A 125 -2.03 -47.19 29.69
CA THR A 125 -2.20 -46.40 30.90
C THR A 125 -2.43 -44.93 30.54
N GLN A 126 -3.37 -44.28 31.23
CA GLN A 126 -3.71 -42.88 30.98
C GLN A 126 -3.11 -41.99 32.06
N ASN A 127 -3.15 -40.69 31.79
CA ASN A 127 -2.85 -39.68 32.80
C ASN A 127 -1.41 -39.70 33.28
N GLY A 128 -0.47 -39.84 32.36
CA GLY A 128 0.92 -39.73 32.74
C GLY A 128 1.24 -38.38 33.35
N GLY A 129 2.28 -38.38 34.21
CA GLY A 129 2.68 -37.20 34.93
C GLY A 129 4.20 -37.12 35.02
N SER A 130 4.67 -36.01 35.58
CA SER A 130 6.08 -35.71 35.72
C SER A 130 6.27 -34.73 36.86
N ASN A 131 7.40 -34.83 37.54
CA ASN A 131 7.76 -33.83 38.53
C ASN A 131 8.27 -32.57 37.90
N ALA A 132 8.45 -32.57 36.58
CA ALA A 132 8.70 -31.33 35.87
C ALA A 132 7.45 -30.46 35.80
N CYS A 133 6.28 -31.03 36.08
CA CYS A 133 5.01 -30.38 35.94
C CYS A 133 4.14 -30.66 37.16
N LYS A 134 4.52 -30.10 38.31
CA LYS A 134 3.77 -30.36 39.54
C LYS A 134 2.40 -29.71 39.54
N ARG A 135 1.41 -30.46 39.95
CA ARG A 135 0.06 -29.94 40.14
C ARG A 135 -0.26 -30.11 41.62
N GLY A 136 -0.10 -29.06 42.40
CA GLY A 136 -0.18 -29.24 43.83
C GLY A 136 1.10 -29.85 44.35
N PRO A 137 1.01 -30.66 45.39
CA PRO A 137 2.25 -31.26 45.91
C PRO A 137 2.81 -32.31 45.01
N GLY A 138 1.98 -32.99 44.22
CA GLY A 138 2.41 -34.11 43.42
C GLY A 138 2.69 -33.81 41.95
N SER A 139 3.24 -34.82 41.28
CA SER A 139 3.52 -34.71 39.87
C SER A 139 2.21 -34.58 39.07
N GLY A 140 2.32 -34.04 37.88
CA GLY A 140 1.17 -33.73 37.07
C GLY A 140 1.56 -33.50 35.63
N PHE A 141 0.65 -32.86 34.91
CA PHE A 141 0.79 -32.69 33.47
C PHE A 141 -0.12 -31.55 33.02
N PHE A 142 0.00 -31.19 31.75
CA PHE A 142 -0.89 -30.22 31.15
C PHE A 142 -2.34 -30.67 31.34
N SER A 143 -3.21 -29.76 31.73
CA SER A 143 -4.58 -30.17 32.03
C SER A 143 -5.34 -30.65 30.81
N ARG A 144 -4.87 -30.33 29.61
CA ARG A 144 -5.64 -30.60 28.41
C ARG A 144 -5.09 -31.72 27.56
N LEU A 145 -3.98 -32.29 27.97
CA LEU A 145 -3.30 -33.36 27.27
C LEU A 145 -3.26 -34.60 28.15
N ASN A 146 -3.19 -35.77 27.52
CA ASN A 146 -3.27 -37.08 28.19
C ASN A 146 -2.04 -37.91 27.81
N TRP A 147 -1.08 -38.04 28.70
CA TRP A 147 0.12 -38.84 28.42
C TRP A 147 -0.19 -40.33 28.51
N LEU A 148 -0.27 -41.01 27.39
CA LEU A 148 -0.60 -42.44 27.35
C LEU A 148 0.70 -43.24 27.34
N THR A 149 0.78 -44.26 28.19
CA THR A 149 1.96 -45.12 28.26
C THR A 149 1.52 -46.60 28.19
N LYS A 150 2.49 -47.50 28.24
CA LYS A 150 2.18 -48.94 28.19
C LYS A 150 1.33 -49.35 29.38
N SER A 151 0.50 -50.35 29.19
CA SER A 151 -0.27 -50.96 30.27
C SER A 151 0.23 -52.39 30.45
N GLY A 152 0.81 -52.68 31.62
CA GLY A 152 1.41 -53.99 31.84
C GLY A 152 2.71 -54.14 31.07
N SER A 153 2.67 -54.75 29.87
CA SER A 153 3.87 -54.90 29.06
C SER A 153 3.61 -54.70 27.57
N THR A 154 2.44 -54.25 27.17
CA THR A 154 2.16 -53.96 25.76
C THR A 154 1.61 -52.55 25.58
N TYR A 155 1.81 -52.02 24.38
CA TYR A 155 1.21 -50.77 23.93
C TYR A 155 0.58 -51.04 22.58
N PRO A 156 -0.73 -51.24 22.54
CA PRO A 156 -1.39 -51.63 21.28
C PRO A 156 -1.31 -50.54 20.24
N VAL A 157 -1.77 -50.87 19.04
CA VAL A 157 -1.98 -49.85 18.02
C VAL A 157 -3.31 -49.19 18.37
N LEU A 158 -3.26 -47.93 18.80
CA LEU A 158 -4.44 -47.16 19.13
C LEU A 158 -5.08 -46.67 17.86
N ASN A 159 -6.39 -46.78 17.78
CA ASN A 159 -7.09 -46.37 16.58
C ASN A 159 -8.48 -45.92 17.02
N VAL A 160 -8.61 -44.63 17.33
CA VAL A 160 -9.86 -44.09 17.85
C VAL A 160 -10.38 -43.02 16.92
N THR A 161 -11.69 -42.83 16.96
CA THR A 161 -12.32 -41.83 16.11
C THR A 161 -13.28 -40.98 16.93
N MET A 162 -13.51 -39.75 16.46
CA MET A 162 -14.36 -38.78 17.16
C MET A 162 -14.95 -37.86 16.13
N PRO A 163 -16.23 -38.01 15.84
CA PRO A 163 -16.86 -37.22 14.78
C PRO A 163 -17.34 -35.88 15.31
N ASN A 164 -17.43 -34.92 14.40
CA ASN A 164 -17.92 -33.59 14.73
C ASN A 164 -19.32 -33.44 14.18
N ASN A 165 -20.32 -33.68 15.02
CA ASN A 165 -21.72 -33.55 14.65
C ASN A 165 -22.29 -32.20 15.06
N ASP A 166 -21.44 -31.30 15.55
CA ASP A 166 -21.87 -29.96 15.89
C ASP A 166 -21.83 -29.11 14.62
N ASN A 167 -22.15 -27.82 14.75
CA ASN A 167 -22.15 -26.91 13.61
C ASN A 167 -21.08 -25.84 13.72
N PHE A 168 -20.03 -26.09 14.51
CA PHE A 168 -18.90 -25.20 14.63
C PHE A 168 -17.63 -26.00 14.46
N ASP A 169 -16.52 -25.32 14.24
CA ASP A 169 -15.25 -26.00 14.02
C ASP A 169 -14.65 -26.37 15.37
N LYS A 170 -13.98 -27.51 15.42
CA LYS A 170 -13.34 -28.00 16.63
C LYS A 170 -11.84 -27.89 16.49
N LEU A 171 -11.17 -27.38 17.51
CA LEU A 171 -9.70 -27.28 17.51
C LEU A 171 -9.14 -28.32 18.46
N TYR A 172 -8.41 -29.29 17.94
CA TYR A 172 -7.78 -30.35 18.73
C TYR A 172 -6.30 -30.06 18.89
N ILE A 173 -5.83 -30.08 20.12
CA ILE A 173 -4.42 -29.89 20.44
C ILE A 173 -3.89 -31.21 20.90
N TRP A 174 -2.79 -31.65 20.30
CA TRP A 174 -2.20 -32.94 20.63
C TRP A 174 -0.70 -32.81 20.56
N GLY A 175 0.00 -33.90 20.85
CA GLY A 175 1.43 -33.84 20.95
C GLY A 175 2.08 -35.16 20.66
N VAL A 176 3.40 -35.13 20.56
CA VAL A 176 4.22 -36.31 20.34
C VAL A 176 5.38 -36.26 21.32
N HIS A 177 5.66 -37.36 22.01
CA HIS A 177 6.73 -37.37 22.99
C HIS A 177 8.04 -37.82 22.33
N HIS A 178 9.12 -37.07 22.58
CA HIS A 178 10.47 -37.36 22.11
C HIS A 178 11.31 -37.72 23.33
N PRO A 179 11.46 -39.00 23.63
CA PRO A 179 12.29 -39.43 24.77
C PRO A 179 13.76 -39.22 24.48
N SER A 180 14.54 -39.13 25.52
CA SER A 180 15.95 -38.85 25.33
C SER A 180 16.83 -40.10 25.22
N THR A 181 16.33 -41.30 25.56
CA THR A 181 17.09 -42.54 25.47
C THR A 181 16.24 -43.65 24.88
N ASN A 182 16.89 -44.64 24.25
CA ASN A 182 16.15 -45.81 23.78
C ASN A 182 15.53 -46.57 24.94
N GLN A 183 16.17 -46.52 26.11
CA GLN A 183 15.60 -47.15 27.30
C GLN A 183 14.26 -46.53 27.64
N GLU A 184 14.18 -45.20 27.61
CA GLU A 184 12.91 -44.50 27.83
C GLU A 184 11.88 -44.92 26.79
N GLN A 185 12.26 -44.89 25.52
CA GLN A 185 11.28 -45.21 24.49
C GLN A 185 10.63 -46.55 24.75
N THR A 186 11.44 -47.61 25.00
CA THR A 186 10.84 -48.94 25.20
C THR A 186 10.19 -49.08 26.56
N SER A 187 10.75 -48.44 27.57
CA SER A 187 10.16 -48.51 28.91
C SER A 187 8.80 -47.82 28.99
N LEU A 188 8.50 -46.87 28.09
CA LEU A 188 7.18 -46.24 28.12
C LEU A 188 6.25 -46.84 27.08
N TYR A 189 6.75 -46.99 25.88
CA TYR A 189 5.99 -47.55 24.77
C TYR A 189 6.72 -48.80 24.38
N VAL A 190 6.01 -49.88 24.13
CA VAL A 190 6.78 -51.09 23.94
C VAL A 190 7.62 -50.99 22.68
N GLN A 191 7.01 -50.57 21.58
CA GLN A 191 7.72 -50.46 20.33
C GLN A 191 9.00 -49.65 20.47
N ALA A 192 9.98 -49.95 19.61
CA ALA A 192 11.25 -49.22 19.70
C ALA A 192 11.19 -47.87 19.02
N SER A 193 10.17 -47.63 18.20
CA SER A 193 10.01 -46.36 17.50
C SER A 193 8.52 -46.09 17.33
N GLY A 194 8.05 -44.97 17.90
CA GLY A 194 6.63 -44.64 17.90
C GLY A 194 6.15 -44.03 16.60
N ARG A 195 4.85 -43.81 16.53
CA ARG A 195 4.29 -43.16 15.36
C ARG A 195 2.93 -42.59 15.71
N VAL A 196 2.70 -41.34 15.30
CA VAL A 196 1.43 -40.67 15.58
C VAL A 196 0.87 -40.14 14.28
N THR A 197 -0.35 -40.54 13.95
CA THR A 197 -1.03 -40.09 12.74
C THR A 197 -2.39 -39.55 13.11
N VAL A 198 -2.65 -38.29 12.79
CA VAL A 198 -3.93 -37.67 13.07
C VAL A 198 -4.49 -37.21 11.74
N SER A 199 -5.73 -37.55 11.46
CA SER A 199 -6.28 -37.38 10.13
C SER A 199 -7.73 -36.95 10.20
N THR A 200 -8.16 -36.22 9.16
CA THR A 200 -9.54 -35.94 8.83
C THR A 200 -9.84 -36.53 7.44
N ARG A 201 -10.98 -36.15 6.85
CA ARG A 201 -11.31 -36.66 5.53
C ARG A 201 -10.38 -36.10 4.45
N ARG A 202 -10.01 -34.82 4.56
CA ARG A 202 -9.19 -34.19 3.52
C ARG A 202 -7.78 -33.78 4.00
N SER A 203 -7.39 -34.12 5.22
CA SER A 203 -6.05 -33.78 5.70
C SER A 203 -5.49 -34.91 6.55
N GLN A 204 -4.17 -34.87 6.73
CA GLN A 204 -3.49 -35.87 7.53
C GLN A 204 -2.11 -35.34 7.90
N GLN A 205 -1.62 -35.76 9.07
CA GLN A 205 -0.24 -35.46 9.45
C GLN A 205 0.27 -36.63 10.28
N THR A 206 1.48 -37.09 9.99
CA THR A 206 2.13 -38.18 10.71
C THR A 206 3.46 -37.73 11.25
N ILE A 207 3.69 -37.98 12.52
CA ILE A 207 4.90 -37.56 13.20
C ILE A 207 5.62 -38.80 13.68
N ILE A 208 6.94 -38.79 13.50
CA ILE A 208 7.81 -39.87 13.93
C ILE A 208 8.71 -39.31 15.04
N PRO A 209 8.64 -39.86 16.24
CA PRO A 209 9.47 -39.31 17.32
C PRO A 209 10.92 -39.50 17.00
N ASN A 210 11.75 -38.73 17.71
CA ASN A 210 13.19 -38.75 17.49
C ASN A 210 13.87 -38.76 18.84
N ILE A 211 14.63 -39.79 19.09
CA ILE A 211 15.19 -40.04 20.40
C ILE A 211 16.55 -39.37 20.49
N GLY A 212 16.81 -38.75 21.63
CA GLY A 212 18.07 -38.06 21.81
C GLY A 212 17.92 -36.95 22.83
N SER A 213 19.06 -36.48 23.31
CA SER A 213 19.07 -35.43 24.32
C SER A 213 18.94 -34.06 23.68
N ARG A 214 18.16 -33.20 24.33
CA ARG A 214 18.06 -31.78 24.10
C ARG A 214 18.56 -31.08 25.35
N PRO A 215 18.78 -29.76 25.30
CA PRO A 215 19.29 -29.10 26.50
C PRO A 215 18.43 -29.39 27.72
N TRP A 216 19.10 -29.52 28.83
CA TRP A 216 18.46 -29.87 30.08
C TRP A 216 17.57 -28.72 30.52
N VAL A 217 16.29 -29.02 30.75
CA VAL A 217 15.33 -28.00 31.10
C VAL A 217 14.40 -28.55 32.17
N ARG A 218 14.39 -27.91 33.34
CA ARG A 218 13.55 -28.30 34.47
C ARG A 218 13.63 -29.81 34.72
N GLY A 219 14.85 -30.34 34.67
CA GLY A 219 15.10 -31.72 35.01
C GLY A 219 15.09 -32.71 33.88
N LEU A 220 14.57 -32.34 32.72
CA LEU A 220 14.36 -33.29 31.63
C LEU A 220 15.18 -32.90 30.43
N SER A 221 15.56 -33.90 29.65
N SER A 221 15.62 -33.91 29.68
CA SER A 221 16.29 -33.70 28.41
CA SER A 221 16.25 -33.72 28.39
C SER A 221 15.47 -34.17 27.22
C SER A 221 15.35 -34.16 27.23
N SER A 222 14.25 -34.63 27.47
N SER A 222 14.20 -34.74 27.53
CA SER A 222 13.31 -35.01 26.44
CA SER A 222 13.20 -35.10 26.53
C SER A 222 12.35 -33.86 26.17
C SER A 222 12.33 -33.90 26.20
N ARG A 223 11.49 -34.05 25.18
CA ARG A 223 10.65 -32.96 24.74
C ARG A 223 9.30 -33.48 24.33
N ILE A 224 8.34 -32.57 24.26
CA ILE A 224 7.05 -32.83 23.68
C ILE A 224 6.88 -31.86 22.53
N SER A 225 6.37 -32.33 21.41
CA SER A 225 6.10 -31.47 20.28
C SER A 225 4.60 -31.37 20.08
N ILE A 226 4.11 -30.13 20.00
CA ILE A 226 2.67 -29.82 20.00
C ILE A 226 2.22 -29.60 18.57
N TYR A 227 1.10 -30.21 18.21
CA TYR A 227 0.50 -30.07 16.90
C TYR A 227 -0.98 -29.80 17.12
N TRP A 228 -1.68 -29.43 16.06
N TRP A 228 -1.67 -29.42 16.05
CA TRP A 228 -3.08 -29.11 16.17
CA TRP A 228 -3.07 -29.04 16.14
C TRP A 228 -3.81 -29.48 14.89
C TRP A 228 -3.80 -29.46 14.88
N THR A 229 -5.11 -29.66 15.03
CA THR A 229 -5.93 -30.14 13.93
C THR A 229 -7.31 -29.54 14.06
N ILE A 230 -7.84 -29.00 12.97
CA ILE A 230 -9.20 -28.46 12.98
C ILE A 230 -10.13 -29.45 12.31
N VAL A 231 -11.29 -29.69 12.92
CA VAL A 231 -12.28 -30.62 12.38
C VAL A 231 -13.56 -29.85 12.13
N LYS A 232 -13.95 -29.75 10.86
CA LYS A 232 -15.10 -28.98 10.44
C LYS A 232 -16.36 -29.79 10.62
N PRO A 233 -17.52 -29.14 10.66
CA PRO A 233 -18.78 -29.87 10.83
C PRO A 233 -18.97 -30.89 9.72
N GLY A 234 -19.21 -32.13 10.11
CA GLY A 234 -19.34 -33.20 9.17
C GLY A 234 -18.07 -34.00 8.99
N ASP A 235 -16.93 -33.42 9.31
CA ASP A 235 -15.69 -34.18 9.23
C ASP A 235 -15.53 -35.00 10.50
N VAL A 236 -14.47 -35.80 10.54
CA VAL A 236 -14.24 -36.71 11.65
C VAL A 236 -12.76 -36.73 11.96
N LEU A 237 -12.42 -36.84 13.23
CA LEU A 237 -11.05 -36.95 13.64
C LEU A 237 -10.73 -38.42 13.81
N VAL A 238 -9.57 -38.84 13.30
CA VAL A 238 -9.07 -40.19 13.45
C VAL A 238 -7.66 -40.11 13.97
N ILE A 239 -7.41 -40.76 15.10
CA ILE A 239 -6.09 -40.81 15.72
C ILE A 239 -5.62 -42.24 15.66
N ASN A 240 -4.39 -42.42 15.16
CA ASN A 240 -3.78 -43.72 14.92
C ASN A 240 -2.36 -43.65 15.48
N SER A 241 -2.04 -44.43 16.51
CA SER A 241 -0.69 -44.33 17.05
C SER A 241 -0.23 -45.62 17.68
N ASN A 242 1.05 -45.95 17.49
CA ASN A 242 1.59 -47.13 18.16
C ASN A 242 2.69 -46.78 19.16
N GLY A 243 2.68 -45.57 19.67
CA GLY A 243 3.64 -45.15 20.66
C GLY A 243 3.77 -43.65 20.61
N ASN A 244 4.17 -43.07 21.72
CA ASN A 244 4.58 -41.69 21.86
C ASN A 244 3.46 -40.66 21.73
N LEU A 245 2.20 -41.07 21.67
CA LEU A 245 1.09 -40.14 21.51
C LEU A 245 0.80 -39.38 22.81
N ILE A 246 0.67 -38.06 22.72
CA ILE A 246 0.13 -37.22 23.79
C ILE A 246 -1.29 -36.83 23.40
N ALA A 247 -2.19 -37.38 24.00
CA ALA A 247 -3.52 -37.39 23.41
C ALA A 247 -4.35 -36.17 23.77
N PRO A 248 -5.32 -35.81 22.96
CA PRO A 248 -6.24 -34.77 23.39
C PRO A 248 -7.27 -35.35 24.33
N ARG A 249 -7.81 -34.49 25.21
CA ARG A 249 -8.92 -34.79 26.09
C ARG A 249 -10.24 -34.24 25.58
N GLY A 250 -10.24 -33.52 24.48
CA GLY A 250 -11.44 -32.85 24.00
C GLY A 250 -11.01 -31.81 22.99
N TYR A 251 -11.89 -30.83 22.75
CA TYR A 251 -11.63 -29.81 21.75
C TYR A 251 -11.80 -28.42 22.33
N PHE A 252 -11.16 -27.43 21.70
CA PHE A 252 -11.46 -26.02 21.94
C PHE A 252 -12.46 -25.54 20.91
N LYS A 253 -13.41 -24.72 21.32
CA LYS A 253 -14.44 -24.26 20.40
C LYS A 253 -13.95 -23.04 19.63
N MET A 254 -14.02 -23.11 18.30
N MET A 254 -14.04 -23.08 18.30
CA MET A 254 -13.51 -22.04 17.43
CA MET A 254 -13.47 -22.03 17.47
C MET A 254 -14.56 -20.96 17.23
C MET A 254 -14.51 -20.96 17.15
N ARG A 255 -14.18 -19.71 17.45
CA ARG A 255 -15.01 -18.56 17.15
C ARG A 255 -14.29 -17.65 16.15
N THR A 256 -15.08 -16.80 15.51
CA THR A 256 -14.57 -15.75 14.64
C THR A 256 -14.97 -14.43 15.25
N GLY A 257 -14.08 -13.45 15.20
CA GLY A 257 -14.44 -12.15 15.76
C GLY A 257 -13.28 -11.21 15.77
N LYS A 258 -13.33 -10.27 16.73
CA LYS A 258 -12.43 -9.13 16.79
C LYS A 258 -11.33 -9.28 17.84
N SER A 259 -11.06 -10.50 18.29
CA SER A 259 -10.09 -10.70 19.36
C SER A 259 -8.69 -10.77 18.79
N SER A 260 -7.72 -10.42 19.62
CA SER A 260 -6.31 -10.47 19.23
C SER A 260 -5.45 -10.53 20.49
N ILE A 261 -4.15 -10.42 20.34
CA ILE A 261 -3.19 -10.51 21.42
C ILE A 261 -2.11 -9.45 21.23
N MET A 262 -1.54 -8.96 22.32
CA MET A 262 -0.55 -7.90 22.28
C MET A 262 0.53 -8.16 23.31
N ARG A 263 1.79 -7.87 23.00
CA ARG A 263 2.84 -7.95 24.00
C ARG A 263 2.99 -6.58 24.61
N SER A 264 2.92 -6.47 25.94
CA SER A 264 3.03 -5.18 26.59
C SER A 264 3.36 -5.38 28.05
N ASP A 265 4.12 -4.45 28.61
CA ASP A 265 4.31 -4.39 30.04
C ASP A 265 3.55 -3.24 30.67
N ALA A 266 2.65 -2.65 29.95
CA ALA A 266 1.93 -1.52 30.49
C ALA A 266 0.92 -2.00 31.51
N PRO A 267 0.85 -1.37 32.67
CA PRO A 267 -0.14 -1.78 33.65
C PRO A 267 -1.54 -1.50 33.15
N ILE A 268 -2.46 -2.26 33.62
CA ILE A 268 -3.85 -2.07 33.29
C ILE A 268 -4.48 -1.17 34.35
N ASP A 269 -5.34 -0.28 33.90
CA ASP A 269 -6.01 0.70 34.73
C ASP A 269 -7.49 0.69 34.40
N THR A 270 -8.26 1.27 35.30
CA THR A 270 -9.71 1.35 35.15
C THR A 270 -10.00 2.74 34.58
N CYS A 271 -10.18 2.80 33.25
CA CYS A 271 -10.46 4.01 32.51
C CYS A 271 -11.09 3.59 31.19
N ILE A 272 -11.41 4.58 30.34
CA ILE A 272 -12.08 4.32 29.07
C ILE A 272 -11.20 4.80 27.91
N SER A 273 -11.03 3.94 26.91
CA SER A 273 -10.23 4.24 25.74
C SER A 273 -10.36 3.18 24.67
N GLU A 274 -10.75 3.58 23.46
CA GLU A 274 -10.94 2.62 22.38
C GLU A 274 -9.64 2.13 21.79
N CYS A 275 -8.57 2.88 21.91
CA CYS A 275 -7.33 2.56 21.25
C CYS A 275 -6.26 2.18 22.25
N ILE A 276 -5.66 1.00 22.04
CA ILE A 276 -4.63 0.44 22.89
C ILE A 276 -3.36 0.25 22.06
N THR A 277 -2.22 0.60 22.62
CA THR A 277 -0.90 0.34 22.08
C THR A 277 -0.08 -0.35 23.16
N PRO A 278 1.06 -0.95 22.82
CA PRO A 278 1.89 -1.53 23.89
C PRO A 278 2.38 -0.51 24.91
N ASN A 279 2.38 0.77 24.58
CA ASN A 279 2.73 1.83 25.50
C ASN A 279 1.57 2.23 26.41
N GLY A 280 0.38 1.77 26.12
CA GLY A 280 -0.78 2.21 26.83
C GLY A 280 -1.83 2.68 25.88
N SER A 281 -2.96 3.06 26.45
CA SER A 281 -4.04 3.59 25.65
C SER A 281 -3.71 4.99 25.14
N ILE A 282 -4.28 5.33 23.98
CA ILE A 282 -4.14 6.68 23.45
C ILE A 282 -5.50 7.16 23.01
N PRO A 283 -5.77 8.44 23.09
CA PRO A 283 -7.03 8.98 22.54
C PRO A 283 -7.02 8.90 21.03
N ASN A 284 -8.21 8.77 20.44
CA ASN A 284 -8.36 8.59 19.01
C ASN A 284 -9.11 9.74 18.34
N ASP A 285 -8.99 10.93 18.89
CA ASP A 285 -9.61 12.09 18.26
C ASP A 285 -8.77 12.64 17.11
N LYS A 286 -7.48 12.58 17.20
CA LYS A 286 -6.63 13.00 16.11
C LYS A 286 -6.53 11.91 15.06
N PRO A 287 -6.32 12.26 13.80
CA PRO A 287 -6.31 11.25 12.74
C PRO A 287 -5.04 10.45 12.62
N PHE A 288 -3.91 10.91 13.14
CA PHE A 288 -2.66 10.20 13.02
C PHE A 288 -2.06 10.03 14.41
N GLN A 289 -1.15 9.08 14.54
CA GLN A 289 -0.47 8.85 15.79
C GLN A 289 0.95 8.41 15.52
N ASN A 290 1.78 8.65 16.49
CA ASN A 290 3.22 8.42 16.45
C ASN A 290 3.69 7.53 17.59
N VAL A 291 2.76 6.94 18.33
CA VAL A 291 3.11 6.21 19.54
C VAL A 291 3.68 4.82 19.23
N ASN A 292 2.94 4.00 18.48
CA ASN A 292 3.39 2.63 18.19
C ASN A 292 2.71 2.14 16.92
N LYS A 293 3.46 1.44 16.07
CA LYS A 293 2.80 0.84 14.92
C LYS A 293 1.89 -0.31 15.31
N ILE A 294 2.09 -0.89 16.49
CA ILE A 294 1.21 -1.93 17.03
C ILE A 294 0.04 -1.29 17.75
N THR A 295 -1.18 -1.55 17.30
CA THR A 295 -2.36 -1.01 17.95
C THR A 295 -3.48 -2.04 17.98
N TYR A 296 -4.47 -1.78 18.81
CA TYR A 296 -5.69 -2.57 18.86
C TYR A 296 -6.84 -1.62 19.10
N GLY A 297 -7.92 -1.80 18.37
CA GLY A 297 -9.09 -0.94 18.47
C GLY A 297 -9.21 0.08 17.35
N ALA A 298 -10.12 1.02 17.54
CA ALA A 298 -10.33 2.09 16.57
C ALA A 298 -9.24 3.13 16.81
N CYS A 299 -8.24 3.14 15.94
CA CYS A 299 -7.01 3.84 16.24
C CYS A 299 -6.61 4.81 15.16
N PRO A 300 -5.95 5.91 15.53
CA PRO A 300 -5.35 6.77 14.52
C PRO A 300 -4.31 5.99 13.77
N LYS A 301 -4.09 6.38 12.52
CA LYS A 301 -3.09 5.72 11.69
C LYS A 301 -1.69 6.11 12.11
N TYR A 302 -0.77 5.16 12.08
CA TYR A 302 0.59 5.42 12.48
C TYR A 302 1.33 6.15 11.37
N VAL A 303 2.07 7.20 11.72
CA VAL A 303 2.89 7.91 10.76
C VAL A 303 4.25 8.16 11.39
N LYS A 304 5.21 8.50 10.56
CA LYS A 304 6.54 8.76 11.09
C LYS A 304 6.70 10.13 11.73
N GLN A 305 5.84 11.10 11.41
CA GLN A 305 5.97 12.44 11.93
C GLN A 305 5.55 12.54 13.39
N ASN A 306 6.34 13.25 14.19
CA ASN A 306 5.84 13.48 15.55
C ASN A 306 4.93 14.69 15.66
N THR A 307 4.87 15.56 14.66
CA THR A 307 3.91 16.64 14.70
C THR A 307 3.47 16.96 13.28
N LEU A 308 2.22 17.38 13.15
CA LEU A 308 1.61 17.82 11.90
C LEU A 308 0.53 18.82 12.27
N LYS A 309 0.72 20.12 11.97
CA LYS A 309 -0.23 21.15 12.37
C LYS A 309 -1.16 21.52 11.24
N LEU A 310 -2.44 21.38 11.47
CA LEU A 310 -3.47 21.82 10.53
C LEU A 310 -3.88 23.26 10.90
N ALA A 311 -3.73 24.18 9.95
CA ALA A 311 -4.10 25.58 10.17
C ALA A 311 -5.61 25.71 10.39
N THR A 312 -5.98 26.46 11.43
CA THR A 312 -7.40 26.71 11.70
C THR A 312 -7.72 28.19 11.73
N GLY A 313 -6.84 29.02 11.19
CA GLY A 313 -7.10 30.43 11.09
C GLY A 313 -6.30 31.00 9.95
N MET A 314 -6.47 32.29 9.70
CA MET A 314 -5.88 32.93 8.55
C MET A 314 -4.41 33.22 8.77
N ARG A 315 -3.76 33.68 7.72
N ARG A 315 -3.77 33.74 7.72
CA ARG A 315 -2.38 34.10 7.86
CA ARG A 315 -2.40 34.21 7.81
C ARG A 315 -2.25 35.23 8.88
C ARG A 315 -2.28 35.26 8.91
N ASN A 316 -1.22 35.16 9.72
CA ASN A 316 -1.01 36.11 10.80
C ASN A 316 -0.07 37.19 10.32
N VAL A 317 -0.60 38.39 10.09
CA VAL A 317 0.19 39.51 9.56
C VAL A 317 0.10 40.69 10.52
N PRO A 318 0.72 40.65 11.70
CA PRO A 318 0.58 41.79 12.60
C PRO A 318 1.36 43.02 12.19
N GLU A 319 2.37 42.89 11.33
CA GLU A 319 3.15 43.99 10.78
C GLU A 319 3.35 43.77 9.30
N LYS A 320 3.70 44.83 8.59
CA LYS A 320 3.84 44.85 7.14
C LYS A 320 4.71 43.75 6.56
N GLY B 1 -1.05 35.40 -0.75
CA GLY B 1 -2.17 34.50 -1.00
C GLY B 1 -2.64 34.78 -2.40
N LEU B 2 -3.49 33.91 -2.94
CA LEU B 2 -3.91 34.04 -4.33
C LEU B 2 -4.71 35.31 -4.58
N PHE B 3 -5.39 35.83 -3.57
CA PHE B 3 -6.36 36.88 -3.83
C PHE B 3 -5.84 38.28 -3.55
N GLY B 4 -4.66 38.40 -2.95
CA GLY B 4 -4.01 39.69 -2.86
C GLY B 4 -4.55 40.62 -1.79
N ALA B 5 -5.44 40.15 -0.90
CA ALA B 5 -5.96 40.99 0.19
C ALA B 5 -5.15 40.79 1.46
N ILE B 6 -5.30 39.67 2.12
CA ILE B 6 -4.50 39.43 3.31
C ILE B 6 -3.04 39.38 2.92
N ALA B 7 -2.21 40.14 3.64
CA ALA B 7 -0.81 40.38 3.31
C ALA B 7 -0.67 40.89 1.88
N GLY B 8 -1.63 41.72 1.47
CA GLY B 8 -1.63 42.32 0.15
C GLY B 8 -1.98 43.80 0.19
N PHE B 9 -3.08 44.20 -0.45
CA PHE B 9 -3.43 45.61 -0.44
C PHE B 9 -3.87 46.03 0.94
N ILE B 10 -4.33 45.10 1.76
N ILE B 10 -4.37 45.09 1.74
CA ILE B 10 -4.46 45.32 3.19
CA ILE B 10 -4.46 45.25 3.19
C ILE B 10 -3.10 45.01 3.81
C ILE B 10 -3.06 45.00 3.75
N GLU B 11 -2.42 46.06 4.25
CA GLU B 11 -1.02 45.97 4.63
C GLU B 11 -0.78 45.00 5.79
N ASN B 12 -1.65 45.01 6.78
CA ASN B 12 -1.43 44.18 7.95
C ASN B 12 -2.77 43.94 8.62
N GLY B 13 -2.77 43.02 9.54
CA GLY B 13 -3.94 42.77 10.35
C GLY B 13 -3.95 43.66 11.57
N TRP B 14 -5.06 43.58 12.27
CA TRP B 14 -5.39 44.42 13.41
C TRP B 14 -5.35 43.56 14.66
N GLU B 15 -4.27 43.66 15.43
CA GLU B 15 -4.28 42.98 16.71
C GLU B 15 -5.39 43.46 17.62
N GLY B 16 -5.95 44.65 17.34
CA GLY B 16 -7.01 45.30 18.11
C GLY B 16 -8.40 44.84 17.78
N MET B 17 -8.56 44.13 16.66
N MET B 17 -8.56 44.10 16.68
CA MET B 17 -9.85 43.52 16.37
CA MET B 17 -9.83 43.47 16.32
C MET B 17 -9.92 42.21 17.14
C MET B 17 -9.93 42.18 17.12
N ILE B 18 -10.67 42.19 18.23
CA ILE B 18 -10.64 41.06 19.14
C ILE B 18 -11.97 40.34 19.21
N ASP B 19 -13.01 40.84 18.56
CA ASP B 19 -14.29 40.15 18.56
C ASP B 19 -14.71 39.65 17.18
N GLY B 20 -13.79 39.50 16.22
CA GLY B 20 -14.15 39.03 14.91
C GLY B 20 -12.91 38.76 14.10
N TRP B 21 -13.10 38.14 12.94
CA TRP B 21 -12.00 37.86 12.03
C TRP B 21 -11.81 38.95 10.97
N TYR B 22 -12.90 39.54 10.51
CA TYR B 22 -12.89 40.62 9.54
C TYR B 22 -13.77 41.72 10.12
N GLY B 23 -13.56 42.94 9.67
CA GLY B 23 -14.40 44.02 10.13
C GLY B 23 -14.06 45.37 9.54
N PHE B 24 -14.58 46.40 10.18
CA PHE B 24 -14.51 47.77 9.71
C PHE B 24 -13.92 48.69 10.78
N ARG B 25 -13.14 49.65 10.34
CA ARG B 25 -12.76 50.82 11.13
C ARG B 25 -13.19 52.07 10.36
N HIS B 26 -13.72 53.06 11.06
CA HIS B 26 -14.22 54.24 10.39
C HIS B 26 -13.72 55.50 11.07
N GLN B 27 -13.67 56.58 10.28
CA GLN B 27 -13.53 57.93 10.79
C GLN B 27 -14.60 58.81 10.16
N ASN B 28 -15.42 59.45 10.99
CA ASN B 28 -16.41 60.37 10.51
C ASN B 28 -16.50 61.58 11.46
N SER B 29 -17.54 62.39 11.27
CA SER B 29 -17.68 63.62 12.04
C SER B 29 -17.79 63.35 13.53
N GLU B 30 -18.48 62.26 13.91
CA GLU B 30 -18.66 61.90 15.31
C GLU B 30 -17.50 61.11 15.89
N GLY B 31 -16.40 60.90 15.15
CA GLY B 31 -15.25 60.22 15.74
C GLY B 31 -14.74 59.00 14.98
N THR B 32 -14.12 58.05 15.68
CA THR B 32 -13.58 56.84 15.04
C THR B 32 -14.18 55.62 15.72
N GLY B 33 -14.21 54.51 15.01
CA GLY B 33 -14.81 53.32 15.57
C GLY B 33 -14.30 52.07 14.91
N GLN B 34 -14.68 50.92 15.49
CA GLN B 34 -14.31 49.61 14.99
C GLN B 34 -15.44 48.65 15.21
N ALA B 35 -15.70 47.77 14.24
CA ALA B 35 -16.78 46.79 14.35
C ALA B 35 -16.46 45.54 13.54
N ALA B 36 -16.66 44.39 14.14
CA ALA B 36 -16.45 43.17 13.39
C ALA B 36 -17.60 42.92 12.43
N ASP B 37 -17.28 42.33 11.30
CA ASP B 37 -18.31 41.84 10.38
C ASP B 37 -18.59 40.38 10.72
N LEU B 38 -19.85 40.09 11.03
N LEU B 38 -19.85 40.08 11.04
CA LEU B 38 -20.18 38.75 11.50
CA LEU B 38 -20.20 38.75 11.51
C LEU B 38 -20.34 37.76 10.35
C LEU B 38 -20.35 37.75 10.36
N LYS B 39 -20.94 38.15 9.23
CA LYS B 39 -21.18 37.20 8.15
C LYS B 39 -19.87 36.64 7.60
N SER B 40 -18.91 37.49 7.29
N SER B 40 -18.91 37.50 7.30
CA SER B 40 -17.64 37.02 6.75
CA SER B 40 -17.63 37.02 6.76
C SER B 40 -16.86 36.22 7.79
C SER B 40 -16.87 36.22 7.80
N THR B 41 -16.88 36.68 9.05
CA THR B 41 -16.22 35.94 10.11
C THR B 41 -16.76 34.53 10.19
N GLN B 42 -18.08 34.39 10.21
CA GLN B 42 -18.73 33.11 10.35
C GLN B 42 -18.55 32.25 9.11
N ALA B 43 -18.46 32.87 7.94
CA ALA B 43 -18.25 32.11 6.72
C ALA B 43 -16.89 31.43 6.77
N ALA B 44 -15.86 32.17 7.17
CA ALA B 44 -14.55 31.53 7.25
C ALA B 44 -14.53 30.44 8.32
N ILE B 45 -15.16 30.71 9.46
CA ILE B 45 -15.17 29.75 10.56
C ILE B 45 -15.92 28.48 10.17
N ASP B 46 -17.06 28.62 9.50
CA ASP B 46 -17.80 27.47 9.07
C ASP B 46 -17.00 26.64 8.09
N GLN B 47 -16.23 27.29 7.21
CA GLN B 47 -15.44 26.49 6.29
C GLN B 47 -14.32 25.73 6.98
N ILE B 48 -13.66 26.37 7.94
N ILE B 48 -13.66 26.38 7.94
CA ILE B 48 -12.57 25.69 8.62
CA ILE B 48 -12.57 25.71 8.66
C ILE B 48 -13.09 24.57 9.52
C ILE B 48 -13.11 24.56 9.51
N ASN B 49 -14.22 24.78 10.21
CA ASN B 49 -14.83 23.69 10.96
C ASN B 49 -15.26 22.56 10.04
N GLY B 50 -15.73 22.91 8.84
CA GLY B 50 -16.07 21.89 7.87
C GLY B 50 -14.91 21.00 7.52
N LYS B 51 -13.76 21.58 7.17
CA LYS B 51 -12.61 20.74 6.81
C LYS B 51 -12.04 20.01 8.00
N LEU B 52 -12.07 20.60 9.18
CA LEU B 52 -11.61 19.94 10.38
C LEU B 52 -12.48 18.73 10.71
N ASN B 53 -13.78 18.86 10.52
CA ASN B 53 -14.64 17.70 10.74
C ASN B 53 -14.45 16.64 9.68
N ARG B 54 -14.17 17.02 8.43
CA ARG B 54 -13.93 15.96 7.43
C ARG B 54 -12.64 15.21 7.74
N VAL B 55 -11.61 15.93 8.19
CA VAL B 55 -10.33 15.31 8.48
C VAL B 55 -10.42 14.36 9.66
N ILE B 56 -11.26 14.68 10.64
CA ILE B 56 -11.33 13.86 11.86
C ILE B 56 -12.47 12.86 11.75
N GLU B 57 -12.92 12.60 10.54
CA GLU B 57 -14.03 11.65 10.38
C GLU B 57 -13.53 10.27 10.76
N LYS B 58 -14.48 9.38 11.11
CA LYS B 58 -14.18 8.10 11.77
C LYS B 58 -12.85 7.54 11.30
N THR B 59 -12.03 7.15 12.26
CA THR B 59 -10.69 6.68 12.01
C THR B 59 -10.72 5.16 11.89
N ASN B 60 -9.61 4.60 11.40
CA ASN B 60 -9.54 3.18 11.12
C ASN B 60 -9.97 2.35 12.33
N GLU B 61 -10.41 1.11 12.09
CA GLU B 61 -10.62 0.14 13.16
C GLU B 61 -10.32 -1.26 12.62
N LYS B 62 -9.09 -1.71 12.83
CA LYS B 62 -8.79 -3.12 12.68
C LYS B 62 -8.35 -3.72 14.01
N PHE B 63 -8.72 -4.98 14.20
CA PHE B 63 -8.47 -5.72 15.43
C PHE B 63 -7.29 -6.67 15.26
N HIS B 64 -7.44 -7.73 14.47
CA HIS B 64 -6.31 -8.61 14.21
C HIS B 64 -5.52 -8.08 13.01
N GLN B 65 -4.28 -7.70 13.29
CA GLN B 65 -3.23 -7.31 12.38
C GLN B 65 -2.09 -8.31 12.49
N ILE B 66 -1.12 -8.22 11.59
CA ILE B 66 0.04 -9.09 11.68
C ILE B 66 0.95 -8.68 12.85
N GLU B 67 1.90 -9.55 13.15
CA GLU B 67 2.95 -9.20 14.10
C GLU B 67 3.88 -8.20 13.47
N LYS B 68 4.39 -7.27 14.28
CA LYS B 68 5.22 -6.19 13.79
C LYS B 68 6.54 -6.01 14.52
N GLU B 69 6.77 -6.70 15.65
CA GLU B 69 8.08 -6.81 16.30
C GLU B 69 8.41 -8.28 16.41
N PHE B 70 9.69 -8.62 16.34
CA PHE B 70 10.11 -10.02 16.26
C PHE B 70 11.31 -10.28 17.17
N SER B 71 11.31 -11.41 17.84
CA SER B 71 12.36 -11.78 18.76
C SER B 71 13.39 -12.72 18.15
N GLU B 72 13.18 -13.20 16.94
CA GLU B 72 14.12 -14.13 16.35
C GLU B 72 14.31 -13.82 14.88
N VAL B 73 15.54 -14.02 14.40
CA VAL B 73 15.82 -14.03 12.98
C VAL B 73 15.13 -15.23 12.34
N GLU B 74 14.41 -14.98 11.25
CA GLU B 74 13.66 -16.05 10.61
C GLU B 74 13.79 -16.10 9.10
N GLY B 75 14.11 -15.03 8.44
CA GLY B 75 14.24 -15.03 6.99
C GLY B 75 12.98 -14.60 6.26
N ARG B 76 12.60 -15.36 5.24
CA ARG B 76 11.80 -14.82 4.15
C ARG B 76 10.43 -14.29 4.62
N ILE B 77 9.72 -15.05 5.44
CA ILE B 77 8.37 -14.63 5.81
C ILE B 77 8.42 -13.38 6.67
N GLN B 78 9.36 -13.34 7.59
CA GLN B 78 9.49 -12.16 8.42
C GLN B 78 9.96 -10.95 7.60
N ASP B 79 10.85 -11.15 6.62
CA ASP B 79 11.26 -10.05 5.75
C ASP B 79 10.06 -9.45 5.04
N LEU B 80 9.14 -10.28 4.58
CA LEU B 80 7.95 -9.77 3.92
C LEU B 80 6.99 -9.09 4.90
N GLU B 81 6.81 -9.61 6.11
CA GLU B 81 5.99 -8.90 7.09
C GLU B 81 6.53 -7.51 7.37
N LYS B 82 7.85 -7.39 7.56
CA LYS B 82 8.43 -6.10 7.85
C LYS B 82 8.34 -5.17 6.66
N TYR B 83 8.53 -5.70 5.45
CA TYR B 83 8.47 -4.87 4.26
C TYR B 83 7.05 -4.37 4.02
N VAL B 84 6.05 -5.21 4.25
CA VAL B 84 4.66 -4.75 4.14
C VAL B 84 4.40 -3.60 5.12
N GLU B 85 4.91 -3.71 6.36
CA GLU B 85 4.63 -2.67 7.34
C GLU B 85 5.40 -1.39 7.07
N ASP B 86 6.66 -1.50 6.64
CA ASP B 86 7.43 -0.30 6.28
C ASP B 86 6.82 0.40 5.08
N THR B 87 6.34 -0.37 4.12
CA THR B 87 5.70 0.20 2.96
C THR B 87 4.40 0.91 3.33
N LYS B 88 3.58 0.30 4.18
CA LYS B 88 2.35 0.95 4.59
C LYS B 88 2.62 2.25 5.36
N ILE B 89 3.58 2.23 6.29
CA ILE B 89 3.88 3.41 7.09
C ILE B 89 4.39 4.55 6.21
N ASP B 90 5.21 4.23 5.22
CA ASP B 90 5.68 5.27 4.31
C ASP B 90 4.54 5.87 3.51
N LEU B 91 3.61 5.03 3.05
CA LEU B 91 2.52 5.54 2.24
C LEU B 91 1.55 6.40 3.07
N TRP B 92 1.30 6.03 4.32
CA TRP B 92 0.43 6.85 5.16
C TRP B 92 1.12 8.13 5.60
N SER B 93 2.42 8.06 5.90
CA SER B 93 3.16 9.27 6.23
C SER B 93 3.12 10.27 5.06
N TYR B 94 3.23 9.76 3.84
CA TYR B 94 3.14 10.63 2.68
C TYR B 94 1.74 11.22 2.57
N ASN B 95 0.71 10.42 2.79
CA ASN B 95 -0.65 10.95 2.75
C ASN B 95 -0.87 12.04 3.79
N ALA B 96 -0.34 11.87 4.98
CA ALA B 96 -0.58 12.84 6.03
C ALA B 96 0.15 14.15 5.75
N GLU B 97 1.40 14.06 5.27
CA GLU B 97 2.14 15.25 4.88
C GLU B 97 1.44 16.01 3.77
N LEU B 98 0.96 15.31 2.75
CA LEU B 98 0.32 15.98 1.63
C LEU B 98 -1.05 16.51 2.03
N LEU B 99 -1.76 15.78 2.87
CA LEU B 99 -3.05 16.23 3.33
C LEU B 99 -2.96 17.58 4.04
N VAL B 100 -2.01 17.73 4.99
CA VAL B 100 -2.03 19.01 5.69
C VAL B 100 -1.46 20.11 4.82
N ALA B 101 -0.47 19.83 3.97
CA ALA B 101 0.01 20.88 3.04
C ALA B 101 -1.11 21.42 2.15
N LEU B 102 -1.92 20.55 1.57
CA LEU B 102 -3.00 21.02 0.70
C LEU B 102 -4.04 21.77 1.49
N GLU B 103 -4.42 21.23 2.63
CA GLU B 103 -5.42 21.87 3.48
C GLU B 103 -4.97 23.25 3.92
N ASN B 104 -3.70 23.37 4.35
CA ASN B 104 -3.19 24.64 4.82
C ASN B 104 -3.14 25.65 3.71
N GLN B 105 -2.67 25.26 2.52
CA GLN B 105 -2.68 26.18 1.41
C GLN B 105 -4.09 26.68 1.13
N HIS B 106 -5.06 25.79 1.19
CA HIS B 106 -6.42 26.18 0.88
C HIS B 106 -7.05 27.04 2.00
N THR B 107 -6.71 26.77 3.25
CA THR B 107 -7.22 27.57 4.36
C THR B 107 -6.73 29.02 4.26
N ILE B 108 -5.45 29.19 3.91
CA ILE B 108 -4.91 30.51 3.69
C ILE B 108 -5.62 31.18 2.50
N ASP B 109 -5.93 30.42 1.46
CA ASP B 109 -6.55 31.02 0.28
C ASP B 109 -8.00 31.41 0.53
N LEU B 110 -8.75 30.62 1.27
CA LEU B 110 -10.14 30.97 1.50
C LEU B 110 -10.26 32.11 2.52
N THR B 111 -9.36 32.20 3.49
CA THR B 111 -9.48 33.33 4.37
C THR B 111 -9.13 34.64 3.63
N ASP B 112 -8.06 34.60 2.81
CA ASP B 112 -7.75 35.70 1.91
C ASP B 112 -8.94 36.04 0.99
N SER B 113 -9.60 35.02 0.46
CA SER B 113 -10.75 35.28 -0.39
C SER B 113 -11.90 35.93 0.38
N GLU B 114 -12.19 35.51 1.61
CA GLU B 114 -13.29 36.13 2.35
C GLU B 114 -13.02 37.58 2.63
N MET B 115 -11.75 37.93 2.83
CA MET B 115 -11.40 39.33 3.00
C MET B 115 -11.69 40.12 1.74
N ASN B 116 -11.26 39.60 0.61
CA ASN B 116 -11.47 40.27 -0.66
C ASN B 116 -12.94 40.38 -1.02
N LYS B 117 -13.69 39.36 -0.71
CA LYS B 117 -15.12 39.38 -0.95
C LYS B 117 -15.78 40.46 -0.13
N LEU B 118 -15.40 40.61 1.14
CA LEU B 118 -16.01 41.65 1.97
C LEU B 118 -15.68 43.03 1.42
N PHE B 119 -14.44 43.23 0.97
CA PHE B 119 -14.06 44.50 0.39
C PHE B 119 -14.86 44.80 -0.88
N GLU B 120 -15.09 43.82 -1.73
CA GLU B 120 -15.82 44.11 -2.95
C GLU B 120 -17.29 44.33 -2.69
N LYS B 121 -17.85 43.66 -1.69
CA LYS B 121 -19.26 43.88 -1.41
C LYS B 121 -19.47 45.31 -0.93
N THR B 122 -18.55 45.81 -0.12
CA THR B 122 -18.66 47.16 0.39
C THR B 122 -18.51 48.19 -0.73
N GLY B 123 -17.55 47.96 -1.62
CA GLY B 123 -17.39 48.88 -2.73
C GLY B 123 -18.63 48.91 -3.59
N ARG B 124 -19.30 47.78 -3.76
CA ARG B 124 -20.49 47.80 -4.59
C ARG B 124 -21.66 48.51 -3.88
N GLN B 125 -21.70 48.49 -2.56
CA GLN B 125 -22.74 49.25 -1.88
C GLN B 125 -22.58 50.74 -2.12
N LEU B 126 -21.36 51.25 -2.00
CA LEU B 126 -21.09 52.62 -2.38
C LEU B 126 -21.09 52.71 -3.91
N ARG B 127 -21.82 53.63 -4.47
CA ARG B 127 -22.00 53.66 -5.93
C ARG B 127 -21.72 55.08 -6.35
N GLU B 128 -20.49 55.33 -6.73
CA GLU B 128 -20.01 56.68 -7.09
C GLU B 128 -19.92 57.59 -5.89
N ASN B 129 -20.35 57.17 -4.70
CA ASN B 129 -20.24 57.98 -3.50
C ASN B 129 -18.91 57.80 -2.80
N ALA B 130 -18.03 56.95 -3.32
CA ALA B 130 -16.77 56.64 -2.66
C ALA B 130 -15.74 56.23 -3.68
N GLU B 131 -14.47 56.33 -3.31
CA GLU B 131 -13.34 55.87 -4.11
C GLU B 131 -12.44 54.94 -3.29
N ASP B 132 -11.91 53.91 -3.96
CA ASP B 132 -11.02 52.94 -3.35
C ASP B 132 -9.63 53.54 -3.21
N MET B 133 -9.19 53.70 -1.98
CA MET B 133 -7.90 54.34 -1.77
C MET B 133 -6.73 53.42 -1.95
N GLY B 134 -6.93 52.15 -2.30
CA GLY B 134 -5.85 51.24 -2.65
C GLY B 134 -5.20 50.51 -1.49
N ASN B 135 -5.66 50.72 -0.26
CA ASN B 135 -5.09 50.11 0.92
C ASN B 135 -6.17 49.43 1.75
N GLY B 136 -7.30 49.12 1.14
CA GLY B 136 -8.43 48.56 1.81
C GLY B 136 -9.36 49.58 2.40
N CYS B 137 -9.12 50.87 2.20
CA CYS B 137 -9.99 51.90 2.76
C CYS B 137 -10.75 52.60 1.64
N PHE B 138 -11.97 52.99 1.95
CA PHE B 138 -12.78 53.79 1.06
C PHE B 138 -12.84 55.23 1.55
N LYS B 139 -12.57 56.17 0.67
CA LYS B 139 -12.88 57.58 0.91
C LYS B 139 -14.32 57.84 0.53
N ILE B 140 -15.14 58.26 1.50
CA ILE B 140 -16.58 58.52 1.31
C ILE B 140 -16.79 60.03 1.21
N TYR B 141 -17.38 60.48 0.11
CA TYR B 141 -17.48 61.89 -0.23
C TYR B 141 -18.80 62.51 0.19
N HIS B 142 -19.26 62.25 1.40
CA HIS B 142 -20.43 62.91 1.92
C HIS B 142 -20.40 62.74 3.43
N LYS B 143 -21.26 63.49 4.12
CA LYS B 143 -21.35 63.38 5.58
C LYS B 143 -22.01 62.05 5.93
N CYS B 144 -21.33 61.25 6.73
CA CYS B 144 -21.80 59.91 7.01
C CYS B 144 -21.66 59.74 8.52
N ASP B 145 -22.74 60.02 9.24
CA ASP B 145 -22.71 59.86 10.67
C ASP B 145 -22.77 58.38 11.06
N ASN B 146 -22.80 58.11 12.36
CA ASN B 146 -22.71 56.73 12.84
C ASN B 146 -23.84 55.89 12.30
N ALA B 147 -25.03 56.46 12.11
CA ALA B 147 -26.09 55.63 11.58
C ALA B 147 -25.84 55.27 10.13
N CYS B 148 -25.21 56.18 9.38
CA CYS B 148 -24.91 55.96 7.97
C CYS B 148 -23.85 54.90 7.80
N ILE B 149 -22.76 55.00 8.59
CA ILE B 149 -21.76 53.96 8.66
C ILE B 149 -22.40 52.62 9.00
N GLU B 150 -23.24 52.61 10.03
CA GLU B 150 -23.91 51.38 10.41
C GLU B 150 -24.75 50.85 9.28
N SER B 151 -25.32 51.74 8.46
CA SER B 151 -26.14 51.26 7.37
C SER B 151 -25.27 50.61 6.31
N ILE B 152 -24.02 51.05 6.19
CA ILE B 152 -23.10 50.34 5.31
C ILE B 152 -22.79 48.96 5.88
N ARG B 153 -22.46 48.91 7.17
CA ARG B 153 -22.04 47.64 7.75
C ARG B 153 -23.17 46.61 7.78
N ASN B 154 -24.43 47.03 7.90
CA ASN B 154 -25.52 46.08 7.94
C ASN B 154 -26.25 45.97 6.61
N GLY B 155 -25.62 46.42 5.54
CA GLY B 155 -26.12 46.19 4.19
C GLY B 155 -27.38 46.90 3.76
N THR B 156 -27.69 48.08 4.32
CA THR B 156 -28.89 48.81 3.92
C THR B 156 -28.65 50.26 3.47
N TYR B 157 -27.38 50.66 3.30
CA TYR B 157 -27.04 51.98 2.81
C TYR B 157 -27.66 52.24 1.45
N ASP B 158 -28.34 53.37 1.32
CA ASP B 158 -28.97 53.76 0.06
C ASP B 158 -28.10 54.79 -0.63
N HIS B 159 -27.49 54.42 -1.75
CA HIS B 159 -26.54 55.35 -2.36
C HIS B 159 -27.24 56.56 -2.95
N ASP B 160 -28.51 56.43 -3.35
CA ASP B 160 -29.19 57.55 -4.00
C ASP B 160 -29.36 58.73 -3.06
N VAL B 161 -29.65 58.47 -1.80
CA VAL B 161 -29.79 59.51 -0.79
C VAL B 161 -28.60 60.47 -0.79
N TYR B 162 -27.40 59.98 -1.09
CA TYR B 162 -26.18 60.78 -0.98
C TYR B 162 -25.49 61.06 -2.30
N ARG B 163 -26.04 60.59 -3.41
CA ARG B 163 -25.33 60.63 -4.69
C ARG B 163 -25.00 62.07 -5.12
N ASP B 164 -25.95 62.99 -4.98
CA ASP B 164 -25.72 64.35 -5.45
C ASP B 164 -24.60 65.02 -4.65
N GLU B 165 -24.70 64.95 -3.32
CA GLU B 165 -23.67 65.51 -2.46
C GLU B 165 -22.32 64.87 -2.78
N ALA B 166 -22.29 63.55 -3.01
CA ALA B 166 -21.01 62.91 -3.20
C ALA B 166 -20.40 63.23 -4.56
N LEU B 167 -21.20 63.16 -5.63
CA LEU B 167 -20.67 63.52 -6.94
C LEU B 167 -20.15 64.95 -6.94
N ASN B 168 -20.89 65.84 -6.28
CA ASN B 168 -20.44 67.22 -6.22
C ASN B 168 -19.09 67.33 -5.51
N ASN B 169 -18.87 66.56 -4.44
CA ASN B 169 -17.55 66.61 -3.81
C ASN B 169 -16.46 65.86 -4.58
N ARG B 170 -16.80 64.80 -5.31
CA ARG B 170 -15.80 64.04 -6.04
C ARG B 170 -15.24 64.82 -7.22
N PHE B 171 -16.11 65.45 -8.02
CA PHE B 171 -15.63 65.99 -9.29
C PHE B 171 -15.55 67.52 -9.34
N GLN B 172 -15.93 68.22 -8.29
CA GLN B 172 -15.83 69.67 -8.29
C GLN B 172 -15.28 70.18 -6.95
N PRO C 3 -34.91 55.99 -20.92
CA PRO C 3 -33.65 56.69 -20.63
C PRO C 3 -32.50 55.71 -20.44
N GLY C 4 -32.84 54.44 -20.13
CA GLY C 4 -31.81 53.42 -19.99
C GLY C 4 -32.22 51.98 -20.25
N ALA C 5 -31.47 51.07 -19.65
CA ALA C 5 -31.72 49.64 -19.73
C ALA C 5 -30.89 48.97 -18.67
N THR C 6 -31.22 47.72 -18.37
N THR C 6 -31.22 47.71 -18.38
CA THR C 6 -30.47 46.92 -17.41
CA THR C 6 -30.49 46.92 -17.40
C THR C 6 -30.00 45.64 -18.08
C THR C 6 -30.00 45.63 -18.07
N LEU C 7 -28.72 45.32 -17.91
CA LEU C 7 -28.15 44.09 -18.45
C LEU C 7 -27.66 43.24 -17.28
N CYS C 8 -28.25 42.04 -17.10
CA CYS C 8 -27.95 41.18 -15.95
C CYS C 8 -27.17 39.93 -16.36
N LEU C 9 -26.16 39.58 -15.59
CA LEU C 9 -25.38 38.38 -15.84
C LEU C 9 -25.89 37.26 -14.93
N GLY C 10 -25.89 36.04 -15.44
CA GLY C 10 -26.36 34.97 -14.59
C GLY C 10 -25.89 33.63 -15.05
N HIS C 11 -26.35 32.61 -14.34
CA HIS C 11 -25.93 31.25 -14.58
C HIS C 11 -27.14 30.37 -14.38
N HIS C 12 -27.06 29.13 -14.86
CA HIS C 12 -28.25 28.31 -14.81
C HIS C 12 -28.39 27.59 -13.46
N ALA C 13 -29.51 26.92 -13.32
CA ALA C 13 -29.78 26.14 -12.12
C ALA C 13 -30.77 25.09 -12.56
N VAL C 14 -30.97 24.10 -11.69
CA VAL C 14 -31.95 23.05 -11.94
C VAL C 14 -32.78 22.88 -10.68
N PRO C 15 -34.00 22.36 -10.82
CA PRO C 15 -34.85 22.21 -9.63
C PRO C 15 -34.30 21.24 -8.61
N ASN C 16 -33.79 20.09 -9.04
CA ASN C 16 -33.18 19.15 -8.10
C ASN C 16 -31.83 18.74 -8.63
N GLY C 17 -30.79 19.11 -7.90
CA GLY C 17 -29.43 18.79 -8.22
C GLY C 17 -28.95 17.56 -7.49
N THR C 18 -27.64 17.41 -7.41
CA THR C 18 -27.01 16.26 -6.79
C THR C 18 -26.09 16.71 -5.67
N LEU C 19 -26.11 15.99 -4.56
CA LEU C 19 -25.27 16.28 -3.42
C LEU C 19 -23.92 15.64 -3.62
N VAL C 20 -22.86 16.40 -3.37
CA VAL C 20 -21.51 15.89 -3.48
C VAL C 20 -20.77 16.34 -2.24
N LYS C 21 -19.59 15.76 -2.07
CA LYS C 21 -18.73 16.10 -0.96
C LYS C 21 -17.59 16.97 -1.45
N THR C 22 -17.13 17.87 -0.60
CA THR C 22 -15.91 18.59 -0.95
C THR C 22 -14.91 18.47 0.17
N ILE C 23 -13.86 19.29 0.10
CA ILE C 23 -12.88 19.40 1.17
C ILE C 23 -13.52 20.00 2.42
N THR C 24 -14.40 20.97 2.24
CA THR C 24 -15.02 21.67 3.37
C THR C 24 -16.41 21.16 3.71
N ASP C 25 -17.11 20.50 2.79
CA ASP C 25 -18.51 20.14 2.97
C ASP C 25 -18.76 18.67 2.81
N ASP C 26 -19.50 18.10 3.76
CA ASP C 26 -20.04 16.76 3.63
C ASP C 26 -21.06 16.68 2.51
N GLN C 27 -21.85 17.73 2.32
CA GLN C 27 -22.95 17.70 1.37
C GLN C 27 -23.16 19.09 0.80
N ILE C 28 -22.96 19.24 -0.50
CA ILE C 28 -23.25 20.49 -1.18
C ILE C 28 -23.84 20.16 -2.54
N GLU C 29 -24.80 20.96 -2.96
CA GLU C 29 -25.60 20.62 -4.14
C GLU C 29 -25.03 21.26 -5.39
N VAL C 30 -24.77 20.44 -6.41
CA VAL C 30 -24.32 20.90 -7.72
C VAL C 30 -25.38 20.54 -8.75
N THR C 31 -25.26 21.11 -9.95
CA THR C 31 -26.27 20.85 -10.97
C THR C 31 -26.20 19.43 -11.52
N ASN C 32 -25.04 18.78 -11.43
CA ASN C 32 -24.88 17.51 -12.09
C ASN C 32 -23.65 16.83 -11.55
N ALA C 33 -23.67 15.50 -11.53
CA ALA C 33 -22.55 14.70 -11.04
C ALA C 33 -22.63 13.35 -11.70
N THR C 34 -21.54 12.62 -11.64
CA THR C 34 -21.45 11.31 -12.23
C THR C 34 -20.85 10.37 -11.20
N GLU C 35 -21.29 9.10 -11.23
CA GLU C 35 -20.90 8.13 -10.21
C GLU C 35 -19.56 7.51 -10.55
N LEU C 36 -18.67 7.49 -9.59
CA LEU C 36 -17.35 6.91 -9.88
C LEU C 36 -17.18 5.49 -9.36
N VAL C 37 -18.13 4.94 -8.63
CA VAL C 37 -18.02 3.62 -8.01
C VAL C 37 -18.97 2.65 -8.74
N GLN C 38 -18.44 1.66 -9.45
CA GLN C 38 -19.27 0.62 -10.01
C GLN C 38 -19.77 -0.31 -8.92
N SER C 39 -21.08 -0.44 -8.77
CA SER C 39 -21.63 -1.16 -7.64
C SER C 39 -22.67 -2.19 -8.05
N SER C 40 -22.84 -2.45 -9.33
CA SER C 40 -23.81 -3.39 -9.83
C SER C 40 -23.16 -4.35 -10.81
N SER C 41 -23.72 -5.54 -10.91
CA SER C 41 -23.33 -6.52 -11.91
C SER C 41 -24.56 -7.13 -12.55
N THR C 42 -24.43 -7.54 -13.81
CA THR C 42 -25.48 -8.31 -14.46
C THR C 42 -25.71 -9.68 -13.83
N GLY C 43 -24.77 -10.18 -13.05
CA GLY C 43 -24.85 -11.50 -12.49
C GLY C 43 -24.27 -12.60 -13.35
N LYS C 44 -23.74 -12.29 -14.52
CA LYS C 44 -23.23 -13.27 -15.49
C LYS C 44 -21.81 -12.96 -15.91
N ILE C 45 -21.02 -14.00 -16.14
CA ILE C 45 -19.65 -13.85 -16.63
C ILE C 45 -19.68 -13.86 -18.16
N CYS C 46 -19.14 -12.82 -18.76
CA CYS C 46 -19.17 -12.73 -20.21
C CYS C 46 -18.08 -13.59 -20.83
N ASN C 47 -18.42 -14.29 -21.90
CA ASN C 47 -17.46 -15.22 -22.45
C ASN C 47 -16.48 -14.57 -23.41
N ASN C 48 -16.64 -13.30 -23.71
CA ASN C 48 -15.62 -12.59 -24.48
C ASN C 48 -15.22 -11.34 -23.72
N PRO C 49 -13.97 -10.92 -23.90
CA PRO C 49 -12.93 -11.41 -24.80
C PRO C 49 -11.99 -12.43 -24.21
N HIS C 50 -12.17 -12.79 -22.96
CA HIS C 50 -11.29 -13.76 -22.30
C HIS C 50 -11.80 -15.17 -22.50
N ARG C 51 -10.86 -16.09 -22.60
CA ARG C 51 -11.16 -17.51 -22.69
C ARG C 51 -11.60 -18.04 -21.34
N ILE C 52 -12.90 -18.22 -21.16
CA ILE C 52 -13.45 -18.80 -19.93
C ILE C 52 -13.53 -20.32 -20.07
N LEU C 53 -13.08 -21.03 -19.04
CA LEU C 53 -13.19 -22.48 -18.97
C LEU C 53 -13.99 -22.81 -17.74
N ASP C 54 -15.23 -23.26 -17.94
CA ASP C 54 -16.14 -23.58 -16.85
C ASP C 54 -15.82 -24.99 -16.36
N GLY C 55 -15.41 -25.13 -15.10
CA GLY C 55 -15.03 -26.42 -14.60
C GLY C 55 -16.20 -27.33 -14.28
N ILE C 56 -17.39 -26.77 -14.21
CA ILE C 56 -18.63 -27.46 -13.91
C ILE C 56 -18.49 -28.36 -12.68
N ASP C 57 -18.28 -29.65 -12.87
CA ASP C 57 -18.19 -30.53 -11.72
C ASP C 57 -16.77 -30.74 -11.27
N CYS C 58 -15.80 -30.03 -11.85
CA CYS C 58 -14.41 -30.38 -11.68
C CYS C 58 -13.60 -29.23 -11.09
N THR C 59 -12.80 -29.53 -10.08
CA THR C 59 -11.77 -28.60 -9.72
C THR C 59 -10.61 -28.71 -10.70
N LEU C 60 -9.78 -27.69 -10.71
CA LEU C 60 -8.63 -27.70 -11.60
C LEU C 60 -7.70 -28.86 -11.26
N ILE C 61 -7.49 -29.16 -9.98
CA ILE C 61 -6.60 -30.24 -9.61
C ILE C 61 -7.17 -31.59 -10.06
N ASP C 62 -8.48 -31.78 -9.97
CA ASP C 62 -9.05 -33.02 -10.47
C ASP C 62 -8.94 -33.14 -11.98
N ALA C 63 -9.09 -32.05 -12.71
CA ALA C 63 -8.87 -32.12 -14.15
C ALA C 63 -7.40 -32.36 -14.46
N LEU C 64 -6.51 -31.80 -13.66
CA LEU C 64 -5.08 -32.00 -13.84
C LEU C 64 -4.70 -33.46 -13.66
N LEU C 65 -5.12 -34.08 -12.54
CA LEU C 65 -4.75 -35.46 -12.25
C LEU C 65 -5.41 -36.43 -13.20
N GLY C 66 -6.63 -36.14 -13.60
CA GLY C 66 -7.32 -36.96 -14.54
C GLY C 66 -8.37 -37.83 -13.92
N ASP C 67 -9.03 -37.37 -12.90
CA ASP C 67 -10.23 -37.99 -12.42
C ASP C 67 -11.16 -38.26 -13.60
N PRO C 68 -11.63 -39.50 -13.79
CA PRO C 68 -12.35 -39.82 -15.03
C PRO C 68 -13.45 -38.87 -15.43
N HIS C 69 -14.33 -38.45 -14.51
CA HIS C 69 -15.40 -37.50 -14.88
C HIS C 69 -14.88 -36.12 -15.21
N CYS C 70 -13.57 -35.89 -15.08
CA CYS C 70 -12.93 -34.65 -15.43
C CYS C 70 -12.04 -34.78 -16.65
N ASP C 71 -11.92 -35.99 -17.22
CA ASP C 71 -11.01 -36.11 -18.35
C ASP C 71 -11.50 -35.40 -19.61
N VAL C 72 -12.74 -34.88 -19.63
N VAL C 72 -12.73 -34.88 -19.60
CA VAL C 72 -13.15 -33.96 -20.69
CA VAL C 72 -13.18 -33.98 -20.65
C VAL C 72 -12.24 -32.75 -20.77
C VAL C 72 -12.35 -32.70 -20.71
N PHE C 73 -11.55 -32.40 -19.70
CA PHE C 73 -10.73 -31.21 -19.71
C PHE C 73 -9.29 -31.44 -20.18
N GLN C 74 -8.95 -32.65 -20.61
CA GLN C 74 -7.60 -32.94 -21.07
C GLN C 74 -7.17 -31.97 -22.16
N ASN C 75 -5.93 -31.49 -22.04
CA ASN C 75 -5.30 -30.58 -23.03
C ASN C 75 -6.05 -29.25 -23.22
N GLU C 76 -6.92 -28.88 -22.29
CA GLU C 76 -7.62 -27.63 -22.36
C GLU C 76 -6.73 -26.46 -21.97
N THR C 77 -7.13 -25.28 -22.42
CA THR C 77 -6.47 -24.03 -22.07
C THR C 77 -7.51 -23.05 -21.61
N TRP C 78 -7.06 -22.03 -20.88
CA TRP C 78 -7.97 -21.03 -20.36
C TRP C 78 -7.22 -19.72 -20.16
N ASP C 79 -7.97 -18.62 -20.18
CA ASP C 79 -7.55 -17.37 -19.54
C ASP C 79 -7.99 -17.36 -18.09
N LEU C 80 -9.23 -17.71 -17.85
CA LEU C 80 -9.82 -17.83 -16.53
C LEU C 80 -10.48 -19.19 -16.44
N PHE C 81 -10.01 -20.01 -15.51
CA PHE C 81 -10.67 -21.23 -15.09
C PHE C 81 -11.65 -20.86 -13.98
N VAL C 82 -12.92 -21.23 -14.12
CA VAL C 82 -13.96 -20.98 -13.12
C VAL C 82 -14.32 -22.27 -12.38
N GLU C 83 -14.11 -22.32 -11.07
CA GLU C 83 -14.43 -23.46 -10.21
C GLU C 83 -15.77 -23.28 -9.53
N ARG C 84 -16.63 -24.27 -9.64
CA ARG C 84 -17.95 -24.20 -9.08
C ARG C 84 -17.99 -24.85 -7.71
N SER C 85 -18.91 -24.39 -6.86
CA SER C 85 -18.99 -24.98 -5.54
C SER C 85 -19.55 -26.41 -5.56
N LYS C 86 -20.18 -26.83 -6.65
CA LYS C 86 -20.75 -28.16 -6.74
C LYS C 86 -19.73 -29.21 -7.18
N ALA C 87 -18.48 -28.82 -7.39
CA ALA C 87 -17.47 -29.74 -7.86
C ALA C 87 -17.27 -30.85 -6.83
N PHE C 88 -16.94 -32.05 -7.32
CA PHE C 88 -16.73 -33.21 -6.47
C PHE C 88 -15.62 -34.07 -7.06
N SER C 89 -14.91 -34.79 -6.18
CA SER C 89 -13.95 -35.80 -6.58
C SER C 89 -14.63 -37.16 -6.66
N ASN C 90 -14.18 -37.98 -7.59
CA ASN C 90 -14.79 -39.30 -7.71
C ASN C 90 -13.77 -40.35 -8.09
N CYS C 91 -12.59 -40.29 -7.48
CA CYS C 91 -11.50 -41.16 -7.82
C CYS C 91 -10.85 -41.58 -6.51
N TYR C 92 -9.62 -42.02 -6.55
CA TYR C 92 -8.96 -42.48 -5.34
C TYR C 92 -8.80 -41.32 -4.36
N PRO C 93 -9.10 -41.49 -3.08
CA PRO C 93 -8.95 -40.38 -2.14
C PRO C 93 -7.51 -39.94 -2.03
N TYR C 94 -7.31 -38.63 -2.02
CA TYR C 94 -5.98 -38.08 -2.11
C TYR C 94 -5.87 -36.79 -1.33
N ASP C 95 -4.64 -36.39 -1.04
CA ASP C 95 -4.36 -35.08 -0.51
C ASP C 95 -3.17 -34.51 -1.25
N VAL C 96 -3.10 -33.18 -1.32
CA VAL C 96 -1.96 -32.52 -1.92
C VAL C 96 -1.32 -31.61 -0.87
N PRO C 97 -0.18 -31.94 -0.30
CA PRO C 97 0.56 -30.95 0.48
C PRO C 97 0.88 -29.73 -0.36
N ASP C 98 0.60 -28.56 0.19
CA ASP C 98 0.66 -27.31 -0.59
C ASP C 98 -0.25 -27.36 -1.82
N TYR C 99 -1.50 -27.75 -1.58
CA TYR C 99 -2.52 -27.73 -2.62
C TYR C 99 -2.63 -26.36 -3.27
N ALA C 100 -2.67 -25.31 -2.46
CA ALA C 100 -2.90 -23.97 -2.96
C ALA C 100 -1.81 -23.53 -3.93
N SER C 101 -0.56 -23.88 -3.66
CA SER C 101 0.50 -23.50 -4.58
C SER C 101 0.40 -24.24 -5.91
N LEU C 102 0.10 -25.55 -5.88
CA LEU C 102 -0.03 -26.31 -7.12
C LEU C 102 -1.19 -25.79 -7.94
N ARG C 103 -2.33 -25.60 -7.30
CA ARG C 103 -3.47 -25.02 -7.98
C ARG C 103 -3.11 -23.69 -8.60
N SER C 104 -2.30 -22.90 -7.91
CA SER C 104 -1.92 -21.56 -8.39
C SER C 104 -0.98 -21.61 -9.58
N LEU C 105 0.05 -22.46 -9.55
CA LEU C 105 0.97 -22.47 -10.68
C LEU C 105 0.33 -23.11 -11.90
N VAL C 106 -0.55 -24.10 -11.73
CA VAL C 106 -1.25 -24.60 -12.91
C VAL C 106 -2.20 -23.55 -13.45
N ALA C 107 -2.95 -22.89 -12.59
CA ALA C 107 -3.86 -21.86 -13.09
C ALA C 107 -3.11 -20.76 -13.82
N SER C 108 -1.97 -20.34 -13.28
CA SER C 108 -1.20 -19.27 -13.90
C SER C 108 -0.59 -19.74 -15.21
N SER C 109 -0.28 -21.02 -15.33
CA SER C 109 0.25 -21.53 -16.58
C SER C 109 -0.82 -21.52 -17.68
N GLY C 110 -2.07 -21.75 -17.33
CA GLY C 110 -3.14 -21.60 -18.29
C GLY C 110 -3.38 -22.77 -19.22
N THR C 111 -2.77 -23.93 -18.97
CA THR C 111 -2.96 -25.04 -19.88
C THR C 111 -2.82 -26.37 -19.13
N LEU C 112 -3.57 -27.36 -19.60
CA LEU C 112 -3.41 -28.75 -19.20
C LEU C 112 -2.72 -29.59 -20.27
N GLU C 113 -2.06 -28.99 -21.25
CA GLU C 113 -1.31 -29.72 -22.27
C GLU C 113 -0.43 -30.80 -21.68
N PHE C 114 -0.73 -32.05 -22.00
CA PHE C 114 0.02 -33.18 -21.47
C PHE C 114 0.73 -33.92 -22.59
N ILE C 115 2.01 -34.19 -22.38
CA ILE C 115 2.83 -34.97 -23.30
C ILE C 115 3.22 -36.27 -22.60
N THR C 116 2.76 -37.41 -23.14
N THR C 116 2.79 -37.40 -23.15
CA THR C 116 3.15 -38.73 -22.66
CA THR C 116 3.17 -38.69 -22.63
C THR C 116 4.60 -39.04 -23.01
C THR C 116 4.61 -39.03 -23.00
N GLU C 117 5.33 -39.59 -22.05
CA GLU C 117 6.74 -39.96 -22.22
C GLU C 117 6.93 -41.46 -21.99
N GLY C 118 7.95 -42.03 -22.62
CA GLY C 118 8.14 -43.46 -22.58
C GLY C 118 8.91 -43.96 -21.38
N PHE C 119 8.27 -43.99 -20.22
CA PHE C 119 8.90 -44.52 -19.02
C PHE C 119 8.92 -46.04 -19.07
N THR C 120 10.02 -46.62 -18.64
CA THR C 120 10.16 -48.08 -18.57
C THR C 120 10.18 -48.49 -17.11
N TRP C 121 9.17 -49.21 -16.68
CA TRP C 121 9.06 -49.66 -15.29
C TRP C 121 9.39 -51.14 -15.24
N THR C 122 10.68 -51.44 -15.16
CA THR C 122 11.15 -52.82 -15.22
C THR C 122 10.87 -53.54 -13.92
N GLY C 123 10.07 -54.58 -14.00
CA GLY C 123 9.89 -55.44 -12.87
C GLY C 123 8.68 -55.17 -12.02
N VAL C 124 7.79 -54.30 -12.46
CA VAL C 124 6.61 -54.00 -11.66
C VAL C 124 5.39 -54.15 -12.56
N THR C 125 4.25 -54.42 -11.95
CA THR C 125 2.98 -54.38 -12.66
C THR C 125 2.52 -52.93 -12.79
N GLN C 126 2.06 -52.55 -13.98
CA GLN C 126 1.61 -51.21 -14.27
C GLN C 126 0.09 -51.10 -14.29
N ASN C 127 -0.38 -49.86 -14.34
CA ASN C 127 -1.78 -49.51 -14.59
C ASN C 127 -2.72 -49.99 -13.50
N GLY C 128 -2.28 -49.92 -12.24
CA GLY C 128 -3.17 -50.28 -11.14
C GLY C 128 -4.43 -49.44 -11.13
N GLY C 129 -5.49 -49.99 -10.59
CA GLY C 129 -6.80 -49.39 -10.62
C GLY C 129 -7.60 -49.67 -9.36
N SER C 130 -8.79 -49.08 -9.29
CA SER C 130 -9.61 -49.19 -8.09
C SER C 130 -11.07 -48.97 -8.46
N ASN C 131 -11.95 -49.63 -7.71
CA ASN C 131 -13.37 -49.38 -7.91
C ASN C 131 -13.81 -48.08 -7.26
N ALA C 132 -12.93 -47.44 -6.50
CA ALA C 132 -13.22 -46.09 -6.08
C ALA C 132 -13.09 -45.09 -7.22
N CYS C 133 -12.48 -45.49 -8.35
CA CYS C 133 -12.19 -44.61 -9.45
C CYS C 133 -12.58 -45.29 -10.76
N LYS C 134 -13.89 -45.51 -10.97
CA LYS C 134 -14.33 -46.28 -12.13
C LYS C 134 -14.17 -45.49 -13.41
N ARG C 135 -13.63 -46.12 -14.43
CA ARG C 135 -13.49 -45.54 -15.77
C ARG C 135 -14.35 -46.37 -16.72
N GLY C 136 -15.57 -45.95 -16.96
CA GLY C 136 -16.53 -46.80 -17.61
C GLY C 136 -17.09 -47.80 -16.62
N PRO C 137 -17.39 -49.03 -17.04
CA PRO C 137 -17.89 -50.03 -16.08
C PRO C 137 -16.82 -50.58 -15.16
N GLY C 138 -15.56 -50.59 -15.59
CA GLY C 138 -14.52 -51.24 -14.82
C GLY C 138 -13.73 -50.28 -13.93
N SER C 139 -12.96 -50.89 -13.04
CA SER C 139 -12.12 -50.15 -12.13
C SER C 139 -11.06 -49.38 -12.93
N GLY C 140 -10.55 -48.31 -12.34
CA GLY C 140 -9.67 -47.41 -13.05
C GLY C 140 -8.88 -46.50 -12.14
N PHE C 141 -8.29 -45.46 -12.73
CA PHE C 141 -7.37 -44.62 -12.00
C PHE C 141 -7.28 -43.27 -12.71
N PHE C 142 -6.53 -42.35 -12.12
CA PHE C 142 -6.24 -41.09 -12.76
C PHE C 142 -5.60 -41.32 -14.12
N SER C 143 -6.05 -40.58 -15.13
CA SER C 143 -5.50 -40.83 -16.45
C SER C 143 -4.03 -40.43 -16.54
N ARG C 144 -3.54 -39.57 -15.66
CA ARG C 144 -2.19 -39.07 -15.80
C ARG C 144 -1.20 -39.72 -14.85
N LEU C 145 -1.66 -40.63 -14.00
CA LEU C 145 -0.84 -41.32 -13.04
C LEU C 145 -0.85 -42.82 -13.31
N ASN C 146 0.21 -43.50 -12.88
CA ASN C 146 0.47 -44.90 -13.15
C ASN C 146 0.76 -45.63 -11.83
N TRP C 147 -0.23 -46.31 -11.28
CA TRP C 147 -0.11 -47.04 -10.03
C TRP C 147 0.68 -48.32 -10.26
N LEU C 148 1.93 -48.35 -9.83
CA LEU C 148 2.81 -49.49 -10.04
C LEU C 148 2.77 -50.40 -8.82
N THR C 149 2.63 -51.70 -9.05
CA THR C 149 2.61 -52.72 -8.00
C THR C 149 3.62 -53.83 -8.29
N LYS C 150 3.69 -54.79 -7.38
CA LYS C 150 4.64 -55.89 -7.54
C LYS C 150 4.28 -56.73 -8.75
N SER C 151 5.32 -57.29 -9.37
CA SER C 151 5.18 -58.19 -10.50
C SER C 151 5.54 -59.60 -10.03
N GLY C 152 4.56 -60.49 -10.03
CA GLY C 152 4.81 -61.81 -9.49
C GLY C 152 4.95 -61.81 -7.99
N SER C 153 6.18 -61.80 -7.47
CA SER C 153 6.35 -61.76 -6.02
C SER C 153 7.50 -60.88 -5.58
N THR C 154 8.06 -60.06 -6.46
CA THR C 154 9.10 -59.10 -6.10
C THR C 154 8.69 -57.70 -6.54
N TYR C 155 9.26 -56.70 -5.89
CA TYR C 155 9.18 -55.30 -6.29
C TYR C 155 10.61 -54.78 -6.30
N PRO C 156 11.26 -54.74 -7.45
CA PRO C 156 12.65 -54.30 -7.49
C PRO C 156 12.78 -52.82 -7.15
N VAL C 157 14.02 -52.38 -6.98
CA VAL C 157 14.28 -50.96 -6.83
C VAL C 157 14.17 -50.30 -8.21
N LEU C 158 13.15 -49.47 -8.39
CA LEU C 158 12.99 -48.69 -9.61
C LEU C 158 13.92 -47.51 -9.60
N ASN C 159 14.58 -47.28 -10.73
CA ASN C 159 15.55 -46.20 -10.87
C ASN C 159 15.56 -45.79 -12.35
N VAL C 160 14.69 -44.85 -12.70
CA VAL C 160 14.51 -44.44 -14.08
C VAL C 160 14.87 -42.98 -14.25
N THR C 161 15.21 -42.61 -15.47
CA THR C 161 15.57 -41.22 -15.74
C THR C 161 14.92 -40.71 -17.01
N MET C 162 14.81 -39.39 -17.09
CA MET C 162 14.13 -38.74 -18.20
C MET C 162 14.68 -37.33 -18.38
N PRO C 163 15.48 -37.09 -19.41
CA PRO C 163 16.08 -35.77 -19.58
C PRO C 163 15.17 -34.83 -20.34
N ASN C 164 15.36 -33.54 -20.09
CA ASN C 164 14.60 -32.50 -20.75
C ASN C 164 15.48 -31.83 -21.80
N ASN C 165 15.34 -32.27 -23.05
CA ASN C 165 16.07 -31.68 -24.16
C ASN C 165 15.27 -30.65 -24.90
N ASP C 166 14.08 -30.31 -24.42
CA ASP C 166 13.29 -29.26 -25.04
C ASP C 166 13.77 -27.91 -24.56
N ASN C 167 13.07 -26.86 -24.98
CA ASN C 167 13.41 -25.50 -24.58
C ASN C 167 12.36 -24.88 -23.68
N PHE C 168 11.53 -25.70 -23.05
CA PHE C 168 10.56 -25.21 -22.09
C PHE C 168 10.66 -26.02 -20.82
N ASP C 169 9.95 -25.56 -19.80
CA ASP C 169 9.92 -26.22 -18.51
C ASP C 169 8.91 -27.33 -18.52
N LYS C 170 9.25 -28.45 -17.89
CA LYS C 170 8.37 -29.60 -17.77
C LYS C 170 7.86 -29.72 -16.33
N LEU C 171 6.57 -29.96 -16.19
CA LEU C 171 5.93 -30.16 -14.89
C LEU C 171 5.51 -31.62 -14.76
N TYR C 172 6.09 -32.32 -13.81
CA TYR C 172 5.78 -33.71 -13.49
C TYR C 172 4.95 -33.75 -12.24
N ILE C 173 3.81 -34.43 -12.31
CA ILE C 173 2.92 -34.66 -11.18
C ILE C 173 3.03 -36.13 -10.82
N TRP C 174 3.31 -36.42 -9.57
CA TRP C 174 3.53 -37.79 -9.15
C TRP C 174 2.98 -37.94 -7.75
N GLY C 175 3.06 -39.15 -7.19
CA GLY C 175 2.40 -39.38 -5.92
C GLY C 175 2.99 -40.51 -5.12
N VAL C 176 2.51 -40.62 -3.89
CA VAL C 176 2.92 -41.66 -2.96
C VAL C 176 1.68 -42.31 -2.36
N HIS C 177 1.64 -43.63 -2.35
CA HIS C 177 0.52 -44.36 -1.81
C HIS C 177 0.72 -44.63 -0.32
N HIS C 178 -0.29 -44.33 0.50
CA HIS C 178 -0.31 -44.58 1.94
C HIS C 178 -1.34 -45.66 2.23
N PRO C 179 -0.93 -46.93 2.29
CA PRO C 179 -1.86 -48.01 2.65
C PRO C 179 -2.32 -47.89 4.08
N SER C 180 -3.45 -48.48 4.36
CA SER C 180 -3.96 -48.36 5.72
C SER C 180 -3.57 -49.52 6.63
N THR C 181 -3.10 -50.64 6.09
CA THR C 181 -2.67 -51.78 6.90
C THR C 181 -1.31 -52.26 6.41
N ASN C 182 -0.57 -52.95 7.28
CA ASN C 182 0.70 -53.55 6.85
C ASN C 182 0.49 -54.66 5.82
N GLN C 183 -0.61 -55.41 5.92
CA GLN C 183 -0.83 -56.45 4.92
C GLN C 183 -0.99 -55.85 3.54
N GLU C 184 -1.79 -54.79 3.40
CA GLU C 184 -1.93 -54.09 2.13
C GLU C 184 -0.56 -53.65 1.61
N GLN C 185 0.25 -53.06 2.48
CA GLN C 185 1.57 -52.60 2.06
C GLN C 185 2.37 -53.74 1.45
N THR C 186 2.48 -54.88 2.14
CA THR C 186 3.33 -55.96 1.63
C THR C 186 2.68 -56.64 0.45
N SER C 187 1.36 -56.79 0.48
CA SER C 187 0.60 -57.41 -0.58
C SER C 187 0.71 -56.63 -1.89
N LEU C 188 0.98 -55.32 -1.85
CA LEU C 188 1.15 -54.52 -3.07
C LEU C 188 2.61 -54.29 -3.44
N TYR C 189 3.41 -53.89 -2.49
CA TYR C 189 4.82 -53.59 -2.64
C TYR C 189 5.51 -54.54 -1.67
N VAL C 190 6.04 -55.64 -2.18
CA VAL C 190 6.52 -56.69 -1.28
C VAL C 190 7.74 -56.15 -0.55
N GLN C 191 7.50 -55.27 0.41
CA GLN C 191 8.46 -54.52 1.21
C GLN C 191 7.68 -53.86 2.32
N ALA C 192 8.26 -53.80 3.51
CA ALA C 192 7.52 -53.31 4.67
C ALA C 192 7.50 -51.81 4.79
N SER C 193 8.36 -51.12 4.07
CA SER C 193 8.45 -49.69 4.15
C SER C 193 8.86 -49.17 2.79
N GLY C 194 7.98 -48.42 2.14
CA GLY C 194 8.29 -47.93 0.81
C GLY C 194 9.12 -46.67 0.85
N ARG C 195 9.49 -46.20 -0.33
N ARG C 195 9.51 -46.21 -0.33
CA ARG C 195 10.27 -44.99 -0.42
CA ARG C 195 10.30 -44.99 -0.42
C ARG C 195 10.21 -44.47 -1.85
C ARG C 195 10.20 -44.47 -1.85
N VAL C 196 9.98 -43.17 -1.98
CA VAL C 196 9.92 -42.49 -3.28
C VAL C 196 10.84 -41.29 -3.21
N THR C 197 11.79 -41.22 -4.13
CA THR C 197 12.73 -40.11 -4.23
C THR C 197 12.70 -39.60 -5.66
N VAL C 198 12.35 -38.33 -5.84
CA VAL C 198 12.29 -37.72 -7.14
C VAL C 198 13.23 -36.52 -7.14
N SER C 199 14.15 -36.46 -8.10
CA SER C 199 15.22 -35.49 -8.04
C SER C 199 15.55 -34.93 -9.41
N THR C 200 16.00 -33.69 -9.43
CA THR C 200 16.66 -33.13 -10.59
C THR C 200 18.10 -32.81 -10.23
N ARG C 201 18.75 -31.92 -10.97
CA ARG C 201 20.12 -31.63 -10.62
C ARG C 201 20.21 -30.72 -9.42
N ARG C 202 19.25 -29.82 -9.23
CA ARG C 202 19.38 -28.85 -8.16
C ARG C 202 18.35 -29.00 -7.05
N SER C 203 17.45 -29.97 -7.15
CA SER C 203 16.43 -30.17 -6.14
C SER C 203 16.19 -31.65 -5.96
N GLN C 204 15.52 -31.99 -4.87
CA GLN C 204 15.25 -33.38 -4.56
C GLN C 204 14.11 -33.43 -3.53
N GLN C 205 13.35 -34.53 -3.54
CA GLN C 205 12.33 -34.80 -2.54
C GLN C 205 12.33 -36.28 -2.24
N THR C 206 12.29 -36.65 -0.96
CA THR C 206 12.13 -38.06 -0.59
C THR C 206 10.97 -38.20 0.38
N ILE C 207 10.03 -39.05 0.02
CA ILE C 207 8.82 -39.28 0.77
C ILE C 207 8.80 -40.73 1.22
N ILE C 208 8.43 -40.92 2.48
CA ILE C 208 8.26 -42.21 3.13
C ILE C 208 6.80 -42.38 3.43
N PRO C 209 6.13 -43.39 2.91
CA PRO C 209 4.70 -43.54 3.14
C PRO C 209 4.39 -43.78 4.60
N ASN C 210 3.13 -43.66 4.95
CA ASN C 210 2.65 -43.81 6.32
C ASN C 210 1.48 -44.77 6.31
N ILE C 211 1.61 -45.84 7.04
CA ILE C 211 0.56 -46.84 7.10
C ILE C 211 -0.37 -46.50 8.23
N GLY C 212 -1.66 -46.65 7.99
CA GLY C 212 -2.62 -46.32 9.03
C GLY C 212 -3.95 -45.98 8.44
N SER C 213 -4.98 -46.05 9.28
CA SER C 213 -6.33 -45.78 8.82
C SER C 213 -6.67 -44.30 8.91
N ARG C 214 -7.31 -43.82 7.87
CA ARG C 214 -7.94 -42.54 7.75
C ARG C 214 -9.43 -42.75 7.62
N PRO C 215 -10.25 -41.71 7.69
CA PRO C 215 -11.69 -41.88 7.50
C PRO C 215 -11.97 -42.46 6.13
N TRP C 216 -13.09 -43.17 6.01
CA TRP C 216 -13.46 -43.78 4.75
C TRP C 216 -13.91 -42.72 3.77
N VAL C 217 -13.36 -42.77 2.57
CA VAL C 217 -13.80 -41.94 1.47
C VAL C 217 -13.99 -42.86 0.29
N ARG C 218 -15.19 -42.88 -0.28
CA ARG C 218 -15.49 -43.73 -1.43
C ARG C 218 -14.97 -45.14 -1.27
N GLY C 219 -15.15 -45.70 -0.07
CA GLY C 219 -14.80 -47.07 0.22
C GLY C 219 -13.42 -47.29 0.80
N LEU C 220 -12.55 -46.30 0.78
CA LEU C 220 -11.15 -46.52 1.08
C LEU C 220 -10.70 -45.77 2.32
N SER C 221 -9.87 -46.42 3.11
N SER C 221 -9.87 -46.45 3.12
CA SER C 221 -9.22 -45.74 4.22
CA SER C 221 -9.15 -45.81 4.21
C SER C 221 -7.75 -45.52 3.95
C SER C 221 -7.73 -45.46 3.84
N SER C 222 -7.28 -45.81 2.75
N SER C 222 -7.26 -45.89 2.67
CA SER C 222 -5.93 -45.43 2.34
CA SER C 222 -5.95 -45.52 2.20
C SER C 222 -6.00 -44.15 1.53
C SER C 222 -6.00 -44.16 1.50
N ARG C 223 -4.82 -43.61 1.21
CA ARG C 223 -4.76 -42.31 0.59
C ARG C 223 -3.62 -42.30 -0.40
N ILE C 224 -3.66 -41.35 -1.31
CA ILE C 224 -2.51 -41.01 -2.15
C ILE C 224 -2.14 -39.55 -1.91
N SER C 225 -0.84 -39.28 -1.89
CA SER C 225 -0.34 -37.92 -1.71
C SER C 225 0.31 -37.44 -2.99
N ILE C 226 -0.04 -36.24 -3.43
CA ILE C 226 0.37 -35.68 -4.70
C ILE C 226 1.52 -34.71 -4.51
N TYR C 227 2.56 -34.85 -5.32
CA TYR C 227 3.73 -34.00 -5.32
C TYR C 227 4.01 -33.57 -6.75
N TRP C 228 4.80 -32.51 -6.89
CA TRP C 228 5.16 -32.04 -8.22
C TRP C 228 6.64 -31.72 -8.25
N THR C 229 7.18 -31.74 -9.46
CA THR C 229 8.59 -31.49 -9.74
C THR C 229 8.67 -30.79 -11.07
N ILE C 230 9.40 -29.69 -11.14
CA ILE C 230 9.63 -28.98 -12.39
C ILE C 230 11.05 -29.27 -12.84
N VAL C 231 11.22 -29.55 -14.12
CA VAL C 231 12.51 -29.85 -14.71
C VAL C 231 12.76 -28.79 -15.78
N LYS C 232 13.79 -27.97 -15.59
CA LYS C 232 14.10 -26.92 -16.54
C LYS C 232 14.93 -27.47 -17.69
N PRO C 233 15.00 -26.75 -18.81
CA PRO C 233 15.78 -27.23 -19.96
C PRO C 233 17.24 -27.52 -19.63
N GLY C 234 17.68 -28.71 -20.01
CA GLY C 234 19.00 -29.15 -19.69
C GLY C 234 19.10 -29.99 -18.44
N ASP C 235 18.14 -29.88 -17.54
CA ASP C 235 18.14 -30.69 -16.33
C ASP C 235 17.55 -32.06 -16.62
N VAL C 236 17.66 -32.93 -15.62
CA VAL C 236 17.29 -34.32 -15.72
C VAL C 236 16.31 -34.62 -14.61
N LEU C 237 15.33 -35.47 -14.89
CA LEU C 237 14.46 -36.01 -13.84
C LEU C 237 14.92 -37.43 -13.56
N VAL C 238 15.04 -37.77 -12.28
CA VAL C 238 15.37 -39.14 -11.85
C VAL C 238 14.36 -39.57 -10.81
N ILE C 239 13.72 -40.71 -11.03
CA ILE C 239 12.77 -41.28 -10.08
C ILE C 239 13.38 -42.56 -9.55
N ASN C 240 13.43 -42.69 -8.22
CA ASN C 240 14.04 -43.81 -7.51
C ASN C 240 13.05 -44.24 -6.45
N SER C 241 12.58 -45.48 -6.50
CA SER C 241 11.58 -45.94 -5.54
C SER C 241 11.69 -47.42 -5.26
N ASN C 242 11.45 -47.82 -4.01
CA ASN C 242 11.37 -49.25 -3.77
C ASN C 242 9.99 -49.67 -3.29
N GLY C 243 8.98 -48.91 -3.62
CA GLY C 243 7.62 -49.24 -3.25
C GLY C 243 6.83 -47.97 -3.14
N ASN C 244 5.51 -48.10 -3.34
CA ASN C 244 4.52 -47.06 -3.11
C ASN C 244 4.57 -45.93 -4.15
N LEU C 245 5.34 -46.04 -5.22
CA LEU C 245 5.36 -44.99 -6.21
C LEU C 245 4.08 -44.96 -7.05
N ILE C 246 3.46 -43.78 -7.15
CA ILE C 246 2.41 -43.52 -8.13
C ILE C 246 3.10 -42.69 -9.21
N ALA C 247 3.36 -43.28 -10.28
CA ALA C 247 4.35 -42.78 -11.20
C ALA C 247 3.72 -41.81 -12.18
N PRO C 248 4.50 -40.90 -12.76
CA PRO C 248 3.96 -40.05 -13.82
C PRO C 248 3.93 -40.78 -15.16
N ARG C 249 3.00 -40.36 -16.03
CA ARG C 249 2.99 -40.84 -17.39
C ARG C 249 3.62 -39.87 -18.37
N GLY C 250 3.99 -38.69 -17.90
CA GLY C 250 4.53 -37.66 -18.77
C GLY C 250 4.60 -36.34 -18.04
N TYR C 251 4.69 -35.26 -18.79
CA TYR C 251 4.79 -33.95 -18.17
C TYR C 251 3.69 -33.06 -18.73
N PHE C 252 3.36 -32.01 -17.96
CA PHE C 252 2.54 -30.92 -18.46
C PHE C 252 3.44 -29.79 -18.94
N LYS C 253 3.06 -29.13 -20.02
CA LYS C 253 3.87 -28.05 -20.58
C LYS C 253 3.60 -26.74 -19.84
N MET C 254 4.64 -26.16 -19.26
N MET C 254 4.64 -26.17 -19.24
CA MET C 254 4.49 -24.93 -18.47
CA MET C 254 4.54 -24.92 -18.50
C MET C 254 4.63 -23.70 -19.35
C MET C 254 4.58 -23.73 -19.43
N ARG C 255 3.61 -22.83 -19.30
CA ARG C 255 3.58 -21.57 -20.00
C ARG C 255 3.53 -20.44 -18.98
N THR C 256 3.87 -19.24 -19.41
CA THR C 256 3.67 -18.07 -18.57
C THR C 256 2.78 -17.09 -19.32
N GLY C 257 1.89 -16.43 -18.60
CA GLY C 257 1.01 -15.47 -19.22
C GLY C 257 0.00 -14.89 -18.26
N LYS C 258 -1.17 -14.52 -18.76
CA LYS C 258 -2.15 -13.77 -18.02
C LYS C 258 -3.31 -14.63 -17.47
N SER C 259 -3.11 -15.95 -17.40
CA SER C 259 -4.20 -16.83 -17.00
C SER C 259 -4.31 -16.94 -15.50
N SER C 260 -5.52 -17.19 -15.04
CA SER C 260 -5.72 -17.37 -13.59
C SER C 260 -6.93 -18.24 -13.36
N ILE C 261 -7.34 -18.34 -12.12
CA ILE C 261 -8.48 -19.16 -11.71
C ILE C 261 -9.35 -18.36 -10.75
N MET C 262 -10.66 -18.63 -10.74
CA MET C 262 -11.61 -17.93 -9.88
C MET C 262 -12.69 -18.86 -9.36
N ARG C 263 -13.12 -18.65 -8.13
CA ARG C 263 -14.26 -19.38 -7.58
C ARG C 263 -15.53 -18.58 -7.78
N SER C 264 -16.55 -19.18 -8.39
CA SER C 264 -17.77 -18.44 -8.66
C SER C 264 -18.87 -19.42 -9.00
N ASP C 265 -20.12 -19.08 -8.65
CA ASP C 265 -21.26 -19.82 -9.14
C ASP C 265 -22.09 -19.04 -10.17
N ALA C 266 -21.55 -17.99 -10.74
CA ALA C 266 -22.31 -17.18 -11.69
C ALA C 266 -22.33 -17.83 -13.07
N PRO C 267 -23.47 -17.84 -13.72
CA PRO C 267 -23.55 -18.47 -15.04
C PRO C 267 -22.73 -17.71 -16.05
N ILE C 268 -22.36 -18.41 -17.11
CA ILE C 268 -21.62 -17.82 -18.21
C ILE C 268 -22.58 -17.49 -19.33
N ASP C 269 -22.44 -16.29 -19.86
CA ASP C 269 -23.32 -15.78 -20.90
C ASP C 269 -22.46 -15.36 -22.06
N THR C 270 -23.13 -15.15 -23.19
CA THR C 270 -22.50 -14.68 -24.42
C THR C 270 -22.69 -13.16 -24.48
N CYS C 271 -21.66 -12.43 -24.06
CA CYS C 271 -21.60 -10.97 -24.05
C CYS C 271 -20.14 -10.59 -24.05
N ILE C 272 -19.87 -9.31 -23.97
CA ILE C 272 -18.51 -8.79 -23.94
C ILE C 272 -18.32 -7.99 -22.67
N SER C 273 -17.23 -8.26 -21.97
CA SER C 273 -16.91 -7.54 -20.76
C SER C 273 -15.48 -7.84 -20.38
N GLU C 274 -14.66 -6.82 -20.25
CA GLU C 274 -13.26 -6.98 -19.91
C GLU C 274 -13.03 -7.35 -18.47
N CYS C 275 -13.96 -7.06 -17.59
CA CYS C 275 -13.76 -7.22 -16.16
C CYS C 275 -14.68 -8.29 -15.61
N ILE C 276 -14.12 -9.26 -14.90
CA ILE C 276 -14.89 -10.33 -14.31
C ILE C 276 -14.69 -10.30 -12.82
N THR C 277 -15.77 -10.50 -12.06
CA THR C 277 -15.76 -10.72 -10.63
C THR C 277 -16.53 -12.00 -10.33
N PRO C 278 -16.37 -12.60 -9.15
CA PRO C 278 -17.20 -13.76 -8.82
C PRO C 278 -18.69 -13.49 -8.84
N ASN C 279 -19.12 -12.23 -8.74
CA ASN C 279 -20.52 -11.89 -8.84
C ASN C 279 -20.98 -11.81 -10.27
N GLY C 280 -20.09 -11.84 -11.23
CA GLY C 280 -20.39 -11.60 -12.62
C GLY C 280 -19.48 -10.55 -13.21
N SER C 281 -19.69 -10.28 -14.50
CA SER C 281 -18.93 -9.24 -15.16
C SER C 281 -19.39 -7.84 -14.73
N ILE C 282 -18.48 -6.89 -14.79
CA ILE C 282 -18.86 -5.51 -14.51
C ILE C 282 -18.25 -4.58 -15.53
N PRO C 283 -18.91 -3.48 -15.81
CA PRO C 283 -18.33 -2.46 -16.67
C PRO C 283 -17.12 -1.82 -16.01
N ASN C 284 -16.15 -1.42 -16.82
CA ASN C 284 -14.93 -0.84 -16.31
C ASN C 284 -14.75 0.60 -16.78
N ASP C 285 -15.86 1.29 -17.01
CA ASP C 285 -15.80 2.69 -17.39
C ASP C 285 -15.54 3.60 -16.17
N LYS C 286 -16.01 3.25 -15.01
CA LYS C 286 -15.75 3.95 -13.77
C LYS C 286 -14.38 3.57 -13.20
N PRO C 287 -13.73 4.46 -12.48
CA PRO C 287 -12.39 4.16 -11.97
C PRO C 287 -12.37 3.28 -10.74
N PHE C 288 -13.48 3.19 -10.03
CA PHE C 288 -13.57 2.44 -8.81
C PHE C 288 -14.76 1.48 -8.87
N GLN C 289 -14.73 0.46 -8.02
CA GLN C 289 -15.84 -0.48 -7.94
C GLN C 289 -15.95 -1.01 -6.54
N ASN C 290 -17.15 -1.46 -6.22
CA ASN C 290 -17.52 -1.96 -4.90
C ASN C 290 -18.08 -3.38 -4.96
N VAL C 291 -18.00 -4.06 -6.10
CA VAL C 291 -18.61 -5.36 -6.24
C VAL C 291 -17.79 -6.43 -5.51
N ASN C 292 -16.51 -6.57 -5.84
CA ASN C 292 -15.71 -7.60 -5.23
C ASN C 292 -14.23 -7.26 -5.30
N LYS C 293 -13.51 -7.54 -4.22
CA LYS C 293 -12.08 -7.34 -4.25
C LYS C 293 -11.37 -8.35 -5.16
N ILE C 294 -11.99 -9.51 -5.40
CA ILE C 294 -11.52 -10.50 -6.35
C ILE C 294 -11.97 -10.09 -7.75
N THR C 295 -11.02 -9.89 -8.65
CA THR C 295 -11.32 -9.53 -10.04
C THR C 295 -10.36 -10.23 -10.98
N TYR C 296 -10.73 -10.22 -12.27
CA TYR C 296 -9.87 -10.69 -13.33
C TYR C 296 -10.09 -9.80 -14.54
N GLY C 297 -9.01 -9.41 -15.20
CA GLY C 297 -9.13 -8.50 -16.34
C GLY C 297 -8.80 -7.06 -16.00
N ALA C 298 -9.09 -6.18 -16.94
CA ALA C 298 -8.89 -4.74 -16.79
C ALA C 298 -10.03 -4.15 -15.98
N CYS C 299 -9.78 -3.86 -14.72
CA CYS C 299 -10.87 -3.66 -13.79
C CYS C 299 -10.76 -2.37 -12.99
N PRO C 300 -11.89 -1.79 -12.61
CA PRO C 300 -11.86 -0.67 -11.65
C PRO C 300 -11.28 -1.11 -10.33
N LYS C 301 -10.62 -0.18 -9.64
CA LYS C 301 -10.01 -0.46 -8.35
C LYS C 301 -11.08 -0.59 -7.29
N TYR C 302 -10.91 -1.57 -6.39
CA TYR C 302 -11.88 -1.85 -5.37
C TYR C 302 -11.77 -0.87 -4.22
N VAL C 303 -12.91 -0.31 -3.79
CA VAL C 303 -12.93 0.62 -2.67
C VAL C 303 -14.07 0.22 -1.75
N LYS C 304 -14.02 0.71 -0.52
CA LYS C 304 -15.05 0.43 0.46
C LYS C 304 -16.30 1.26 0.26
N GLN C 305 -16.20 2.39 -0.42
CA GLN C 305 -17.35 3.26 -0.60
C GLN C 305 -18.30 2.64 -1.61
N ASN C 306 -19.59 2.74 -1.35
CA ASN C 306 -20.55 2.24 -2.34
C ASN C 306 -20.99 3.30 -3.33
N THR C 307 -20.71 4.56 -3.05
CA THR C 307 -20.95 5.66 -3.98
C THR C 307 -19.90 6.76 -3.78
N LEU C 308 -19.55 7.40 -4.87
CA LEU C 308 -18.65 8.53 -4.89
C LEU C 308 -19.06 9.41 -6.08
N LYS C 309 -19.65 10.56 -5.82
CA LYS C 309 -20.19 11.41 -6.88
C LYS C 309 -19.19 12.49 -7.24
N LEU C 310 -18.81 12.57 -8.50
CA LEU C 310 -17.95 13.61 -9.01
C LEU C 310 -18.79 14.71 -9.67
N ALA C 311 -18.72 15.93 -9.15
CA ALA C 311 -19.48 17.04 -9.72
C ALA C 311 -19.04 17.32 -11.14
N THR C 312 -20.00 17.45 -12.03
CA THR C 312 -19.76 17.83 -13.40
C THR C 312 -20.49 19.11 -13.76
N GLY C 313 -20.88 19.87 -12.75
CA GLY C 313 -21.57 21.12 -12.98
C GLY C 313 -21.33 22.04 -11.81
N MET C 314 -21.85 23.25 -11.93
CA MET C 314 -21.60 24.27 -10.92
C MET C 314 -22.48 24.06 -9.70
N ARG C 315 -22.22 24.84 -8.67
N ARG C 315 -22.27 24.93 -8.70
CA ARG C 315 -23.10 24.86 -7.51
CA ARG C 315 -23.14 24.99 -7.54
C ARG C 315 -24.53 25.27 -7.91
C ARG C 315 -24.58 25.29 -7.98
N ASN C 316 -25.51 24.50 -7.47
CA ASN C 316 -26.92 24.67 -7.81
C ASN C 316 -27.58 25.58 -6.80
N VAL C 317 -27.99 26.76 -7.27
CA VAL C 317 -28.60 27.76 -6.41
C VAL C 317 -29.94 28.12 -7.03
N PRO C 318 -30.95 27.25 -6.91
CA PRO C 318 -32.24 27.59 -7.49
C PRO C 318 -32.95 28.72 -6.74
N GLU C 319 -32.57 28.99 -5.50
CA GLU C 319 -33.08 30.22 -4.85
C GLU C 319 -32.07 30.97 -4.00
N GLY D 1 -18.12 29.98 -2.92
CA GLY D 1 -16.93 29.78 -3.72
C GLY D 1 -15.90 30.85 -3.45
N LEU D 2 -14.69 30.62 -3.95
CA LEU D 2 -13.59 31.53 -3.71
C LEU D 2 -13.81 32.89 -4.35
N PHE D 3 -14.63 32.98 -5.40
CA PHE D 3 -14.72 34.22 -6.15
C PHE D 3 -15.96 35.03 -5.85
N GLY D 4 -16.90 34.50 -5.09
CA GLY D 4 -17.99 35.30 -4.58
C GLY D 4 -19.09 35.61 -5.53
N ALA D 5 -19.16 34.95 -6.69
CA ALA D 5 -20.20 35.23 -7.69
C ALA D 5 -21.37 34.25 -7.52
N ILE D 6 -21.17 33.00 -7.90
CA ILE D 6 -22.21 32.00 -7.71
C ILE D 6 -22.44 31.81 -6.22
N ALA D 7 -23.71 31.80 -5.81
CA ALA D 7 -24.09 31.81 -4.39
C ALA D 7 -23.43 32.95 -3.63
N GLY D 8 -23.23 34.06 -4.33
CA GLY D 8 -22.62 35.27 -3.78
C GLY D 8 -23.35 36.49 -4.26
N PHE D 9 -22.66 37.39 -4.96
CA PHE D 9 -23.37 38.58 -5.40
C PHE D 9 -24.38 38.28 -6.48
N ILE D 10 -24.28 37.15 -7.16
CA ILE D 10 -25.42 36.65 -7.95
C ILE D 10 -26.30 35.93 -6.97
N GLU D 11 -27.54 36.37 -6.79
CA GLU D 11 -28.31 35.82 -5.68
C GLU D 11 -28.67 34.36 -5.92
N ASN D 12 -29.13 34.03 -7.11
CA ASN D 12 -29.54 32.68 -7.40
C ASN D 12 -29.36 32.45 -8.89
N GLY D 13 -29.41 31.19 -9.28
CA GLY D 13 -29.32 30.82 -10.67
C GLY D 13 -30.67 30.85 -11.36
N TRP D 14 -30.62 30.57 -12.63
CA TRP D 14 -31.72 30.71 -13.57
C TRP D 14 -32.14 29.34 -14.08
N GLU D 15 -33.26 28.81 -13.62
CA GLU D 15 -33.76 27.57 -14.19
C GLU D 15 -34.22 27.72 -15.63
N GLY D 16 -34.50 28.95 -16.08
CA GLY D 16 -34.92 29.24 -17.44
C GLY D 16 -33.82 29.39 -18.46
N MET D 17 -32.57 29.40 -18.02
N MET D 17 -32.57 29.36 -18.01
CA MET D 17 -31.46 29.43 -18.95
CA MET D 17 -31.41 29.40 -18.89
C MET D 17 -31.13 28.00 -19.32
C MET D 17 -31.10 27.97 -19.31
N ILE D 18 -31.67 27.54 -20.43
CA ILE D 18 -31.54 26.13 -20.79
C ILE D 18 -30.46 25.89 -21.83
N ASP D 19 -30.09 26.91 -22.57
CA ASP D 19 -29.16 26.71 -23.67
C ASP D 19 -27.76 27.22 -23.35
N GLY D 20 -27.46 27.40 -22.08
CA GLY D 20 -26.11 27.70 -21.68
C GLY D 20 -25.97 27.63 -20.19
N TRP D 21 -24.73 27.67 -19.75
CA TRP D 21 -24.41 27.69 -18.34
C TRP D 21 -24.38 29.09 -17.77
N TYR D 22 -23.98 30.07 -18.57
CA TYR D 22 -23.91 31.46 -18.20
C TYR D 22 -24.58 32.27 -19.29
N GLY D 23 -25.02 33.48 -18.98
CA GLY D 23 -25.64 34.27 -20.03
C GLY D 23 -26.09 35.61 -19.53
N PHE D 24 -26.91 36.26 -20.36
CA PHE D 24 -27.35 37.64 -20.17
C PHE D 24 -28.86 37.68 -20.15
N ARG D 25 -29.42 38.49 -19.27
CA ARG D 25 -30.82 38.90 -19.35
C ARG D 25 -30.88 40.41 -19.36
N HIS D 26 -31.77 40.97 -20.18
CA HIS D 26 -31.84 42.43 -20.30
C HIS D 26 -33.30 42.90 -20.27
N GLN D 27 -33.48 44.15 -19.87
CA GLN D 27 -34.73 44.86 -20.08
C GLN D 27 -34.43 46.22 -20.66
N ASN D 28 -35.03 46.51 -21.81
CA ASN D 28 -34.86 47.79 -22.45
C ASN D 28 -36.20 48.23 -23.00
N SER D 29 -36.17 49.29 -23.80
CA SER D 29 -37.38 49.93 -24.31
C SER D 29 -38.26 48.97 -25.09
N GLU D 30 -37.66 47.99 -25.78
CA GLU D 30 -38.39 47.00 -26.58
C GLU D 30 -38.81 45.76 -25.82
N GLY D 31 -38.51 45.63 -24.53
CA GLY D 31 -38.93 44.44 -23.83
C GLY D 31 -37.81 43.73 -23.09
N THR D 32 -37.95 42.43 -22.88
CA THR D 32 -36.98 41.66 -22.13
C THR D 32 -36.39 40.55 -22.98
N GLY D 33 -35.19 40.13 -22.63
CA GLY D 33 -34.59 39.06 -23.42
C GLY D 33 -33.57 38.29 -22.64
N GLN D 34 -33.14 37.18 -23.22
CA GLN D 34 -32.18 36.27 -22.62
C GLN D 34 -31.30 35.60 -23.65
N ALA D 35 -30.04 35.43 -23.33
CA ALA D 35 -29.15 34.75 -24.25
C ALA D 35 -28.02 34.05 -23.51
N ALA D 36 -27.72 32.83 -23.90
CA ALA D 36 -26.57 32.13 -23.37
C ALA D 36 -25.29 32.76 -23.91
N ASP D 37 -24.24 32.78 -23.07
CA ASP D 37 -22.90 33.13 -23.53
C ASP D 37 -22.15 31.84 -23.82
N LEU D 38 -21.87 31.61 -25.10
N LEU D 38 -21.85 31.61 -25.09
CA LEU D 38 -21.24 30.36 -25.53
CA LEU D 38 -21.25 30.34 -25.48
C LEU D 38 -19.80 30.22 -25.01
C LEU D 38 -19.79 30.21 -25.06
N LYS D 39 -19.00 31.28 -25.06
CA LYS D 39 -17.58 31.13 -24.71
C LYS D 39 -17.37 30.75 -23.24
N SER D 40 -18.07 31.40 -22.32
N SER D 40 -18.05 31.43 -22.32
CA SER D 40 -17.88 31.05 -20.92
CA SER D 40 -17.93 31.07 -20.91
C SER D 40 -18.50 29.68 -20.59
C SER D 40 -18.47 29.67 -20.65
N THR D 41 -19.65 29.37 -21.20
CA THR D 41 -20.21 28.04 -21.09
C THR D 41 -19.23 26.96 -21.54
N GLN D 42 -18.62 27.16 -22.70
CA GLN D 42 -17.75 26.16 -23.26
C GLN D 42 -16.44 26.10 -22.51
N ALA D 43 -16.01 27.19 -21.91
CA ALA D 43 -14.82 27.12 -21.08
C ALA D 43 -15.05 26.26 -19.84
N ALA D 44 -16.20 26.40 -19.20
CA ALA D 44 -16.47 25.52 -18.07
C ALA D 44 -16.63 24.07 -18.50
N ILE D 45 -17.33 23.85 -19.59
CA ILE D 45 -17.59 22.50 -20.04
C ILE D 45 -16.29 21.81 -20.45
N ASP D 46 -15.40 22.53 -21.15
CA ASP D 46 -14.14 21.92 -21.54
C ASP D 46 -13.30 21.57 -20.33
N GLN D 47 -13.28 22.43 -19.31
CA GLN D 47 -12.48 22.08 -18.15
C GLN D 47 -13.03 20.85 -17.42
N ILE D 48 -14.34 20.77 -17.25
CA ILE D 48 -14.90 19.62 -16.57
C ILE D 48 -14.71 18.34 -17.39
N ASN D 49 -14.87 18.40 -18.70
CA ASN D 49 -14.56 17.22 -19.53
C ASN D 49 -13.10 16.84 -19.42
N GLY D 50 -12.22 17.81 -19.31
CA GLY D 50 -10.82 17.49 -19.10
C GLY D 50 -10.61 16.70 -17.82
N LYS D 51 -11.18 17.16 -16.70
CA LYS D 51 -11.02 16.47 -15.42
C LYS D 51 -11.62 15.10 -15.46
N LEU D 52 -12.76 15.00 -16.09
CA LEU D 52 -13.46 13.74 -16.20
C LEU D 52 -12.69 12.74 -17.07
N ASN D 53 -12.02 13.20 -18.12
CA ASN D 53 -11.23 12.29 -18.93
C ASN D 53 -9.97 11.85 -18.22
N ARG D 54 -9.33 12.73 -17.46
CA ARG D 54 -8.16 12.29 -16.73
C ARG D 54 -8.51 11.27 -15.64
N VAL D 55 -9.69 11.37 -15.03
CA VAL D 55 -10.00 10.49 -13.91
C VAL D 55 -10.15 9.02 -14.37
N ILE D 56 -10.65 8.78 -15.58
CA ILE D 56 -10.87 7.43 -16.10
C ILE D 56 -9.80 6.97 -17.08
N GLU D 57 -8.59 7.50 -16.97
CA GLU D 57 -7.44 7.13 -17.82
C GLU D 57 -6.81 5.75 -17.52
N LYS D 58 -5.97 5.68 -16.50
CA LYS D 58 -5.11 4.50 -16.27
C LYS D 58 -5.48 3.75 -15.00
N THR D 59 -6.74 3.32 -14.89
CA THR D 59 -7.23 2.75 -13.63
C THR D 59 -7.37 1.23 -13.65
N ASN D 60 -6.60 0.52 -14.47
CA ASN D 60 -7.07 -0.80 -14.93
C ASN D 60 -6.05 -1.88 -14.61
N GLU D 61 -5.50 -2.58 -15.63
CA GLU D 61 -5.46 -4.06 -15.71
C GLU D 61 -4.43 -4.81 -14.84
N LYS D 62 -4.93 -5.81 -14.11
CA LYS D 62 -4.12 -6.78 -13.37
C LYS D 62 -4.66 -8.19 -13.62
N PHE D 63 -3.75 -9.16 -13.76
CA PHE D 63 -4.13 -10.54 -14.06
C PHE D 63 -3.89 -11.49 -12.90
N HIS D 64 -2.66 -11.60 -12.39
CA HIS D 64 -2.44 -12.48 -11.24
C HIS D 64 -2.57 -11.68 -9.96
N GLN D 65 -3.58 -12.05 -9.20
CA GLN D 65 -3.82 -11.54 -7.88
C GLN D 65 -3.61 -12.70 -6.93
N ILE D 66 -3.37 -12.40 -5.67
CA ILE D 66 -3.32 -13.41 -4.64
C ILE D 66 -4.75 -13.85 -4.34
N GLU D 67 -4.88 -14.89 -3.54
CA GLU D 67 -6.18 -15.29 -3.04
C GLU D 67 -6.65 -14.30 -1.99
N LYS D 68 -7.94 -14.05 -1.97
CA LYS D 68 -8.51 -13.06 -1.11
C LYS D 68 -9.65 -13.57 -0.24
N GLU D 69 -10.14 -14.79 -0.44
CA GLU D 69 -11.06 -15.45 0.47
C GLU D 69 -10.49 -16.80 0.82
N PHE D 70 -10.77 -17.25 2.03
CA PHE D 70 -10.16 -18.48 2.54
C PHE D 70 -11.19 -19.36 3.23
N SER D 71 -11.14 -20.65 2.94
CA SER D 71 -12.13 -21.57 3.47
C SER D 71 -11.65 -22.32 4.71
N GLU D 72 -10.40 -22.15 5.10
CA GLU D 72 -9.83 -22.84 6.24
C GLU D 72 -9.03 -21.83 7.05
N VAL D 73 -8.96 -22.07 8.35
CA VAL D 73 -8.05 -21.34 9.21
C VAL D 73 -6.65 -21.83 8.98
N GLU D 74 -5.68 -20.92 8.88
CA GLU D 74 -4.32 -21.29 8.55
C GLU D 74 -3.24 -20.55 9.34
N GLY D 75 -3.51 -19.41 9.91
CA GLY D 75 -2.49 -18.70 10.67
C GLY D 75 -1.67 -17.77 9.78
N ARG D 76 -0.35 -17.84 9.93
CA ARG D 76 0.55 -16.71 9.67
C ARG D 76 0.48 -16.21 8.23
N ILE D 77 0.70 -17.09 7.24
N ILE D 77 0.71 -17.10 7.26
CA ILE D 77 0.71 -16.65 5.84
CA ILE D 77 0.70 -16.72 5.84
C ILE D 77 -0.66 -16.12 5.42
C ILE D 77 -0.65 -16.14 5.42
N GLN D 78 -1.73 -16.76 5.87
CA GLN D 78 -3.06 -16.25 5.53
C GLN D 78 -3.29 -14.92 6.20
N ASP D 79 -2.77 -14.73 7.41
CA ASP D 79 -2.89 -13.45 8.11
C ASP D 79 -2.22 -12.32 7.33
N LEU D 80 -1.09 -12.61 6.71
CA LEU D 80 -0.39 -11.61 5.92
C LEU D 80 -1.08 -11.38 4.57
N GLU D 81 -1.58 -12.42 3.92
CA GLU D 81 -2.35 -12.19 2.72
C GLU D 81 -3.53 -11.26 2.99
N LYS D 82 -4.22 -11.47 4.11
CA LYS D 82 -5.37 -10.64 4.44
C LYS D 82 -4.95 -9.22 4.83
N TYR D 83 -3.83 -9.06 5.52
CA TYR D 83 -3.38 -7.73 5.92
C TYR D 83 -2.90 -6.90 4.73
N VAL D 84 -2.20 -7.51 3.79
CA VAL D 84 -1.82 -6.86 2.57
C VAL D 84 -3.06 -6.40 1.82
N GLU D 85 -4.10 -7.25 1.75
CA GLU D 85 -5.25 -6.83 0.97
C GLU D 85 -6.08 -5.75 1.68
N ASP D 86 -6.23 -5.85 3.00
CA ASP D 86 -6.92 -4.78 3.73
C ASP D 86 -6.14 -3.48 3.70
N THR D 87 -4.82 -3.55 3.77
CA THR D 87 -3.99 -2.37 3.69
C THR D 87 -4.15 -1.69 2.34
N LYS D 88 -4.15 -2.49 1.27
CA LYS D 88 -4.31 -1.98 -0.06
C LYS D 88 -5.65 -1.31 -0.25
N ILE D 89 -6.73 -1.95 0.21
CA ILE D 89 -8.06 -1.40 0.02
C ILE D 89 -8.22 -0.09 0.81
N ASP D 90 -7.65 -0.02 2.02
CA ASP D 90 -7.75 1.20 2.80
C ASP D 90 -7.05 2.36 2.11
N LEU D 91 -5.87 2.08 1.52
CA LEU D 91 -5.13 3.11 0.83
C LEU D 91 -5.85 3.59 -0.44
N TRP D 92 -6.48 2.69 -1.19
CA TRP D 92 -7.21 3.13 -2.38
C TRP D 92 -8.50 3.84 -2.02
N SER D 93 -9.19 3.37 -0.98
CA SER D 93 -10.39 4.06 -0.51
C SER D 93 -10.08 5.47 -0.08
N TYR D 94 -8.95 5.67 0.59
CA TYR D 94 -8.54 7.01 0.95
C TYR D 94 -8.23 7.82 -0.32
N ASN D 95 -7.49 7.23 -1.28
CA ASN D 95 -7.22 7.95 -2.51
C ASN D 95 -8.50 8.35 -3.20
N ALA D 96 -9.49 7.50 -3.20
CA ALA D 96 -10.70 7.82 -3.94
C ALA D 96 -11.48 8.93 -3.25
N GLU D 97 -11.53 8.88 -1.93
CA GLU D 97 -12.22 9.92 -1.16
C GLU D 97 -11.55 11.29 -1.34
N LEU D 98 -10.22 11.32 -1.27
CA LEU D 98 -9.51 12.59 -1.38
C LEU D 98 -9.58 13.14 -2.79
N LEU D 99 -9.44 12.28 -3.79
CA LEU D 99 -9.52 12.72 -5.17
C LEU D 99 -10.85 13.39 -5.44
N VAL D 100 -11.96 12.73 -5.06
N VAL D 100 -11.95 12.79 -5.02
CA VAL D 100 -13.27 13.30 -5.37
CA VAL D 100 -13.24 13.33 -5.35
C VAL D 100 -13.51 14.58 -4.57
C VAL D 100 -13.51 14.59 -4.56
N ALA D 101 -13.02 14.65 -3.32
CA ALA D 101 -13.16 15.85 -2.52
C ALA D 101 -12.46 17.06 -3.15
N LEU D 102 -11.20 16.89 -3.58
CA LEU D 102 -10.45 17.96 -4.22
C LEU D 102 -11.02 18.33 -5.58
N GLU D 103 -11.38 17.33 -6.38
CA GLU D 103 -11.95 17.64 -7.68
C GLU D 103 -13.23 18.43 -7.51
N ASN D 104 -14.11 18.02 -6.59
CA ASN D 104 -15.36 18.74 -6.41
C ASN D 104 -15.14 20.18 -5.93
N GLN D 105 -14.22 20.38 -4.98
CA GLN D 105 -13.90 21.73 -4.56
C GLN D 105 -13.43 22.55 -5.74
N HIS D 106 -12.61 21.95 -6.59
CA HIS D 106 -12.06 22.69 -7.70
C HIS D 106 -13.10 22.98 -8.77
N THR D 107 -14.06 22.09 -8.96
CA THR D 107 -15.10 22.33 -9.93
C THR D 107 -16.00 23.48 -9.52
N ILE D 108 -16.35 23.54 -8.24
CA ILE D 108 -17.16 24.64 -7.75
C ILE D 108 -16.39 25.96 -7.88
N ASP D 109 -15.09 25.94 -7.64
CA ASP D 109 -14.34 27.18 -7.72
C ASP D 109 -14.14 27.66 -9.16
N LEU D 110 -13.91 26.74 -10.10
CA LEU D 110 -13.67 27.18 -11.45
C LEU D 110 -14.95 27.64 -12.14
N THR D 111 -16.08 27.04 -11.82
CA THR D 111 -17.33 27.54 -12.40
C THR D 111 -17.74 28.88 -11.78
N ASP D 112 -17.53 29.06 -10.47
CA ASP D 112 -17.68 30.37 -9.86
C ASP D 112 -16.78 31.40 -10.54
N SER D 113 -15.54 31.03 -10.79
CA SER D 113 -14.59 31.92 -11.44
C SER D 113 -15.00 32.29 -12.87
N GLU D 114 -15.60 31.37 -13.64
CA GLU D 114 -16.02 31.77 -15.00
C GLU D 114 -17.17 32.75 -14.96
N MET D 115 -18.07 32.61 -13.99
CA MET D 115 -19.13 33.58 -13.80
C MET D 115 -18.55 34.96 -13.49
N ASN D 116 -17.56 35.00 -12.61
CA ASN D 116 -16.94 36.27 -12.30
C ASN D 116 -16.18 36.86 -13.49
N LYS D 117 -15.49 36.02 -14.27
CA LYS D 117 -14.76 36.50 -15.43
C LYS D 117 -15.70 37.14 -16.43
N LEU D 118 -16.84 36.52 -16.69
CA LEU D 118 -17.81 37.09 -17.62
C LEU D 118 -18.35 38.41 -17.11
N PHE D 119 -18.62 38.50 -15.81
CA PHE D 119 -19.09 39.77 -15.28
C PHE D 119 -18.03 40.88 -15.45
N GLU D 120 -16.78 40.60 -15.12
CA GLU D 120 -15.75 41.62 -15.25
C GLU D 120 -15.52 42.04 -16.69
N LYS D 121 -15.60 41.09 -17.61
CA LYS D 121 -15.44 41.37 -19.01
C LYS D 121 -16.52 42.30 -19.51
N THR D 122 -17.77 42.05 -19.10
CA THR D 122 -18.87 42.90 -19.53
C THR D 122 -18.75 44.30 -18.95
N GLY D 123 -18.36 44.38 -17.68
CA GLY D 123 -18.16 45.70 -17.08
C GLY D 123 -17.07 46.48 -17.76
N ARG D 124 -16.00 45.81 -18.21
CA ARG D 124 -14.95 46.51 -18.94
C ARG D 124 -15.40 46.94 -20.33
N GLN D 125 -16.30 46.20 -20.96
CA GLN D 125 -16.81 46.61 -22.25
C GLN D 125 -17.60 47.91 -22.13
N LEU D 126 -18.46 48.01 -21.12
CA LEU D 126 -19.14 49.27 -20.82
C LEU D 126 -18.13 50.18 -20.13
N ARG D 127 -17.90 51.35 -20.63
CA ARG D 127 -16.75 52.12 -20.16
C ARG D 127 -17.30 53.47 -19.78
N GLU D 128 -17.67 53.62 -18.52
CA GLU D 128 -18.34 54.82 -18.01
C GLU D 128 -19.75 54.94 -18.51
N ASN D 129 -20.22 54.05 -19.37
CA ASN D 129 -21.59 54.13 -19.82
C ASN D 129 -22.54 53.38 -18.93
N ALA D 130 -22.04 52.74 -17.86
CA ALA D 130 -22.86 51.84 -17.06
C ALA D 130 -22.31 51.75 -15.66
N GLU D 131 -23.17 51.35 -14.74
CA GLU D 131 -22.77 51.17 -13.36
C GLU D 131 -23.15 49.80 -12.85
N ASP D 132 -22.28 49.27 -12.01
CA ASP D 132 -22.49 47.97 -11.39
C ASP D 132 -23.46 48.14 -10.23
N MET D 133 -24.63 47.53 -10.36
CA MET D 133 -25.66 47.63 -9.35
C MET D 133 -25.43 46.73 -8.15
N GLY D 134 -24.37 45.92 -8.15
CA GLY D 134 -23.96 45.11 -7.03
C GLY D 134 -24.59 43.74 -6.96
N ASN D 135 -25.45 43.38 -7.90
CA ASN D 135 -26.11 42.09 -7.88
C ASN D 135 -25.89 41.34 -9.19
N GLY D 136 -24.81 41.66 -9.90
CA GLY D 136 -24.61 41.08 -11.19
C GLY D 136 -25.28 41.81 -12.35
N CYS D 137 -25.95 42.96 -12.10
CA CYS D 137 -26.60 43.70 -13.17
C CYS D 137 -25.92 45.04 -13.38
N PHE D 138 -25.86 45.49 -14.61
CA PHE D 138 -25.39 46.83 -14.95
C PHE D 138 -26.57 47.72 -15.29
N LYS D 139 -26.61 48.90 -14.70
CA LYS D 139 -27.52 49.94 -15.19
C LYS D 139 -26.82 50.67 -16.32
N ILE D 140 -27.44 50.63 -17.50
CA ILE D 140 -26.90 51.25 -18.71
C ILE D 140 -27.55 52.60 -18.89
N TYR D 141 -26.74 53.64 -18.93
CA TYR D 141 -27.27 55.00 -18.91
C TYR D 141 -27.44 55.61 -20.30
N HIS D 142 -28.00 54.87 -21.25
CA HIS D 142 -28.30 55.40 -22.56
C HIS D 142 -29.33 54.49 -23.20
N LYS D 143 -29.94 54.97 -24.27
CA LYS D 143 -30.91 54.15 -24.96
C LYS D 143 -30.19 52.96 -25.56
N CYS D 144 -30.72 51.76 -25.35
CA CYS D 144 -29.97 50.55 -25.75
C CYS D 144 -30.96 49.53 -26.26
N ASP D 145 -31.25 49.61 -27.55
CA ASP D 145 -32.20 48.73 -28.20
C ASP D 145 -31.61 47.32 -28.34
N ASN D 146 -32.37 46.42 -28.97
CA ASN D 146 -31.95 45.03 -29.11
C ASN D 146 -30.61 44.91 -29.82
N ALA D 147 -30.36 45.77 -30.79
CA ALA D 147 -29.09 45.71 -31.49
C ALA D 147 -27.94 46.14 -30.61
N CYS D 148 -28.19 47.08 -29.71
CA CYS D 148 -27.13 47.54 -28.81
C CYS D 148 -26.78 46.46 -27.80
N ILE D 149 -27.80 45.85 -27.19
CA ILE D 149 -27.61 44.70 -26.32
C ILE D 149 -26.84 43.62 -27.07
N GLU D 150 -27.28 43.29 -28.28
CA GLU D 150 -26.59 42.25 -29.02
C GLU D 150 -25.16 42.65 -29.31
N SER D 151 -24.88 43.93 -29.44
CA SER D 151 -23.50 44.30 -29.64
C SER D 151 -22.69 44.14 -28.37
N ILE D 152 -23.32 44.26 -27.21
CA ILE D 152 -22.61 43.96 -25.98
C ILE D 152 -22.33 42.47 -25.88
N ARG D 153 -23.32 41.63 -26.18
CA ARG D 153 -23.16 40.20 -26.00
C ARG D 153 -22.15 39.63 -26.97
N ASN D 154 -22.00 40.21 -28.15
CA ASN D 154 -21.09 39.67 -29.14
C ASN D 154 -19.77 40.44 -29.22
N GLY D 155 -19.47 41.25 -28.23
CA GLY D 155 -18.18 41.91 -28.10
C GLY D 155 -17.84 42.99 -29.12
N THR D 156 -18.84 43.63 -29.74
CA THR D 156 -18.56 44.70 -30.70
C THR D 156 -19.12 46.05 -30.27
N TYR D 157 -19.59 46.17 -29.03
CA TYR D 157 -20.10 47.43 -28.52
C TYR D 157 -19.00 48.48 -28.50
N ASP D 158 -19.28 49.63 -29.08
CA ASP D 158 -18.34 50.75 -29.12
C ASP D 158 -18.77 51.77 -28.09
N HIS D 159 -18.02 51.86 -27.00
CA HIS D 159 -18.47 52.67 -25.88
C HIS D 159 -18.44 54.17 -26.19
N ASP D 160 -17.57 54.60 -27.13
CA ASP D 160 -17.46 56.01 -27.48
C ASP D 160 -18.73 56.56 -28.10
N VAL D 161 -19.43 55.75 -28.90
CA VAL D 161 -20.68 56.16 -29.54
C VAL D 161 -21.68 56.69 -28.53
N TYR D 162 -21.71 56.10 -27.33
CA TYR D 162 -22.70 56.45 -26.32
C TYR D 162 -22.11 57.18 -25.12
N ARG D 163 -20.82 57.43 -25.10
CA ARG D 163 -20.23 57.98 -23.90
C ARG D 163 -20.88 59.29 -23.49
N ASP D 164 -21.13 60.21 -24.46
CA ASP D 164 -21.66 61.53 -24.10
C ASP D 164 -23.06 61.46 -23.51
N GLU D 165 -23.94 60.70 -24.15
CA GLU D 165 -25.28 60.51 -23.61
C GLU D 165 -25.22 59.90 -22.22
N ALA D 166 -24.30 58.94 -22.02
CA ALA D 166 -24.26 58.22 -20.76
C ALA D 166 -23.67 59.08 -19.66
N LEU D 167 -22.54 59.72 -19.93
CA LEU D 167 -21.98 60.63 -18.93
C LEU D 167 -22.98 61.70 -18.58
N ASN D 168 -23.75 62.16 -19.55
CA ASN D 168 -24.71 63.19 -19.24
C ASN D 168 -25.80 62.67 -18.29
N ASN D 169 -26.28 61.44 -18.51
CA ASN D 169 -27.29 60.91 -17.59
C ASN D 169 -26.71 60.49 -16.24
N ARG D 170 -25.45 60.06 -16.19
CA ARG D 170 -24.90 59.64 -14.91
C ARG D 170 -24.73 60.82 -13.97
N PHE D 171 -24.17 61.93 -14.49
CA PHE D 171 -23.77 63.08 -13.66
C PHE D 171 -24.59 64.36 -13.88
N PRO E 3 -3.32 63.85 -25.94
CA PRO E 3 -2.82 64.52 -24.72
C PRO E 3 -2.89 63.59 -23.49
N GLY E 4 -2.50 62.34 -23.68
CA GLY E 4 -2.54 61.36 -22.61
C GLY E 4 -1.38 60.39 -22.64
N ALA E 5 -1.64 59.17 -22.18
CA ALA E 5 -0.64 58.13 -22.14
C ALA E 5 -1.38 56.81 -22.09
N THR E 6 -0.69 55.75 -22.50
CA THR E 6 -1.17 54.39 -22.35
C THR E 6 -0.14 53.61 -21.53
N LEU E 7 -0.60 52.92 -20.48
CA LEU E 7 0.27 52.02 -19.72
C LEU E 7 -0.33 50.63 -19.76
N CYS E 8 0.40 49.66 -20.32
CA CYS E 8 -0.05 48.28 -20.51
C CYS E 8 0.69 47.33 -19.60
N LEU E 9 -0.04 46.39 -18.99
CA LEU E 9 0.54 45.32 -18.16
C LEU E 9 0.68 44.01 -18.92
N GLY E 10 1.73 43.25 -18.62
CA GLY E 10 1.90 41.99 -19.31
C GLY E 10 2.92 41.05 -18.70
N HIS E 11 3.16 39.95 -19.42
CA HIS E 11 3.99 38.87 -18.93
C HIS E 11 4.80 38.30 -20.06
N HIS E 12 5.83 37.54 -19.75
CA HIS E 12 6.66 37.05 -20.84
C HIS E 12 6.11 35.75 -21.48
N ALA E 13 6.79 35.35 -22.54
CA ALA E 13 6.47 34.19 -23.35
C ALA E 13 7.74 33.80 -24.07
N VAL E 14 7.74 32.60 -24.62
CA VAL E 14 8.86 32.10 -25.42
C VAL E 14 8.32 31.40 -26.63
N PRO E 15 9.08 31.29 -27.72
CA PRO E 15 8.54 30.70 -28.93
C PRO E 15 7.99 29.30 -28.75
N ASN E 16 8.69 28.41 -28.06
CA ASN E 16 8.11 27.11 -27.71
C ASN E 16 8.55 26.73 -26.30
N GLY E 17 7.58 26.40 -25.44
CA GLY E 17 7.84 25.96 -24.08
C GLY E 17 7.86 24.44 -23.91
N THR E 18 7.34 23.98 -22.78
N THR E 18 7.36 23.97 -22.77
CA THR E 18 7.28 22.56 -22.43
CA THR E 18 7.28 22.55 -22.48
C THR E 18 5.83 22.17 -22.13
C THR E 18 5.86 22.17 -22.13
N LEU E 19 5.41 21.02 -22.64
CA LEU E 19 4.11 20.46 -22.28
C LEU E 19 4.16 19.74 -20.94
N VAL E 20 3.16 20.00 -20.11
CA VAL E 20 3.03 19.39 -18.79
C VAL E 20 1.57 18.98 -18.63
N LYS E 21 1.30 18.22 -17.57
CA LYS E 21 -0.05 17.76 -17.29
C LYS E 21 -0.63 18.49 -16.08
N THR E 22 -1.95 18.69 -16.09
CA THR E 22 -2.60 19.21 -14.92
C THR E 22 -3.80 18.34 -14.57
N ILE E 23 -4.58 18.80 -13.61
CA ILE E 23 -5.80 18.12 -13.26
C ILE E 23 -6.79 18.15 -14.41
N THR E 24 -6.79 19.23 -15.19
N THR E 24 -6.82 19.24 -15.16
CA THR E 24 -7.79 19.40 -16.24
CA THR E 24 -7.77 19.41 -16.25
C THR E 24 -7.24 19.21 -17.66
C THR E 24 -7.23 18.98 -17.61
N ASP E 25 -5.93 19.05 -17.83
CA ASP E 25 -5.35 18.96 -19.16
C ASP E 25 -4.35 17.84 -19.24
N ASP E 26 -4.52 16.98 -20.24
CA ASP E 26 -3.48 16.01 -20.57
C ASP E 26 -2.20 16.68 -21.04
N GLN E 27 -2.29 17.86 -21.66
CA GLN E 27 -1.16 18.57 -22.22
C GLN E 27 -1.42 20.07 -22.26
N ILE E 28 -0.63 20.84 -21.54
CA ILE E 28 -0.73 22.28 -21.61
C ILE E 28 0.67 22.88 -21.51
N GLU E 29 0.90 23.95 -22.26
CA GLU E 29 2.24 24.47 -22.49
C GLU E 29 2.58 25.57 -21.51
N VAL E 30 3.71 25.41 -20.82
CA VAL E 30 4.24 26.37 -19.87
C VAL E 30 5.64 26.77 -20.35
N THR E 31 6.19 27.84 -19.76
CA THR E 31 7.46 28.36 -20.27
C THR E 31 8.64 27.50 -19.92
N ASN E 32 8.52 26.69 -18.88
CA ASN E 32 9.65 25.95 -18.36
C ASN E 32 9.09 24.84 -17.46
N ALA E 33 9.80 23.71 -17.40
CA ALA E 33 9.42 22.60 -16.54
C ALA E 33 10.69 21.89 -16.12
N THR E 34 10.59 21.11 -15.06
CA THR E 34 11.69 20.30 -14.57
C THR E 34 11.28 18.82 -14.50
N GLU E 35 12.23 17.93 -14.75
CA GLU E 35 11.96 16.50 -14.82
C GLU E 35 12.10 15.87 -13.43
N LEU E 36 11.08 15.12 -13.02
CA LEU E 36 11.06 14.50 -11.70
C LEU E 36 11.42 13.02 -11.67
N VAL E 37 11.54 12.33 -12.81
CA VAL E 37 11.81 10.90 -12.85
C VAL E 37 13.21 10.67 -13.37
N GLN E 38 14.07 10.06 -12.54
CA GLN E 38 15.37 9.62 -13.02
C GLN E 38 15.23 8.40 -13.90
N SER E 39 15.73 8.46 -15.13
CA SER E 39 15.48 7.36 -16.05
C SER E 39 16.75 6.88 -16.71
N SER E 40 17.90 7.35 -16.28
CA SER E 40 19.15 6.91 -16.88
C SER E 40 20.12 6.50 -15.80
N SER E 41 21.03 5.62 -16.17
CA SER E 41 22.09 5.14 -15.29
C SER E 41 23.45 5.20 -15.97
N THR E 42 24.51 5.31 -15.18
CA THR E 42 25.84 5.19 -15.75
C THR E 42 26.18 3.78 -16.22
N GLY E 43 25.45 2.76 -15.77
CA GLY E 43 25.78 1.39 -16.11
C GLY E 43 26.84 0.75 -15.23
N LYS E 44 27.35 1.46 -14.25
CA LYS E 44 28.42 1.03 -13.38
C LYS E 44 28.03 1.23 -11.92
N ILE E 45 28.50 0.33 -11.07
CA ILE E 45 28.28 0.46 -9.63
C ILE E 45 29.45 1.20 -9.01
N CYS E 46 29.16 2.31 -8.36
CA CYS E 46 30.21 3.10 -7.73
C CYS E 46 30.65 2.50 -6.42
N ASN E 47 31.95 2.48 -6.20
CA ASN E 47 32.51 1.80 -5.04
C ASN E 47 32.52 2.64 -3.79
N ASN E 48 32.07 3.88 -3.83
CA ASN E 48 31.86 4.65 -2.58
C ASN E 48 30.47 5.24 -2.59
N PRO E 49 29.88 5.46 -1.41
CA PRO E 49 30.43 5.32 -0.06
C PRO E 49 30.13 4.00 0.59
N HIS E 50 29.43 3.11 -0.09
CA HIS E 50 29.10 1.81 0.44
C HIS E 50 30.23 0.84 0.17
N ARG E 51 30.47 -0.08 1.09
CA ARG E 51 31.43 -1.15 0.83
C ARG E 51 30.80 -2.19 -0.07
N ILE E 52 31.16 -2.15 -1.35
CA ILE E 52 30.71 -3.14 -2.32
C ILE E 52 31.68 -4.30 -2.32
N LEU E 53 31.14 -5.51 -2.30
CA LEU E 53 31.91 -6.75 -2.35
C LEU E 53 31.44 -7.57 -3.54
N ASP E 54 32.30 -7.70 -4.54
CA ASP E 54 31.99 -8.46 -5.74
C ASP E 54 32.27 -9.96 -5.52
N GLY E 55 31.22 -10.77 -5.57
CA GLY E 55 31.34 -12.21 -5.46
C GLY E 55 31.57 -12.83 -6.80
N ILE E 56 32.59 -12.35 -7.49
CA ILE E 56 32.96 -12.77 -8.84
C ILE E 56 32.37 -14.10 -9.27
N ASP E 57 33.03 -15.20 -8.94
CA ASP E 57 32.53 -16.52 -9.31
C ASP E 57 31.71 -17.17 -8.21
N CYS E 58 31.47 -16.49 -7.11
CA CYS E 58 30.95 -17.09 -5.90
C CYS E 58 29.63 -16.45 -5.52
N THR E 59 28.64 -17.29 -5.27
CA THR E 59 27.46 -16.86 -4.57
C THR E 59 27.76 -16.70 -3.07
N LEU E 60 26.87 -15.99 -2.40
CA LEU E 60 27.08 -15.76 -0.98
C LEU E 60 27.02 -17.06 -0.19
N ILE E 61 26.11 -17.97 -0.54
CA ILE E 61 25.99 -19.25 0.17
C ILE E 61 27.25 -20.12 -0.02
N ASP E 62 27.82 -20.16 -1.23
CA ASP E 62 29.04 -20.92 -1.45
C ASP E 62 30.21 -20.31 -0.70
N ALA E 63 30.27 -18.99 -0.60
CA ALA E 63 31.31 -18.35 0.22
C ALA E 63 31.10 -18.60 1.70
N LEU E 64 29.84 -18.71 2.12
CA LEU E 64 29.49 -19.03 3.49
C LEU E 64 29.97 -20.43 3.87
N LEU E 65 29.60 -21.43 3.08
CA LEU E 65 29.94 -22.80 3.39
C LEU E 65 31.44 -23.06 3.25
N GLY E 66 32.07 -22.41 2.28
CA GLY E 66 33.47 -22.59 2.02
C GLY E 66 33.77 -23.48 0.84
N ASP E 67 32.97 -23.45 -0.22
CA ASP E 67 33.35 -24.00 -1.50
C ASP E 67 34.77 -23.52 -1.81
N PRO E 68 35.72 -24.42 -2.13
CA PRO E 68 37.14 -24.02 -2.24
C PRO E 68 37.47 -22.84 -3.16
N HIS E 69 36.89 -22.77 -4.36
CA HIS E 69 37.19 -21.56 -5.12
C HIS E 69 36.62 -20.30 -4.51
N CYS E 70 35.96 -20.36 -3.36
CA CYS E 70 35.41 -19.22 -2.64
C CYS E 70 36.18 -18.94 -1.39
N ASP E 71 37.29 -19.64 -1.17
CA ASP E 71 38.00 -19.46 0.09
C ASP E 71 38.52 -18.06 0.29
N VAL E 72 38.62 -17.28 -0.80
CA VAL E 72 39.13 -15.95 -0.68
C VAL E 72 38.19 -15.06 0.12
N PHE E 73 36.93 -15.45 0.26
CA PHE E 73 35.93 -14.64 0.94
C PHE E 73 35.83 -14.88 2.45
N GLN E 74 36.68 -15.71 3.02
CA GLN E 74 36.59 -15.96 4.45
C GLN E 74 36.74 -14.66 5.22
N ASN E 75 35.88 -14.47 6.22
CA ASN E 75 35.91 -13.34 7.16
C ASN E 75 35.63 -11.99 6.48
N GLU E 76 35.07 -12.01 5.27
CA GLU E 76 34.75 -10.79 4.54
C GLU E 76 33.55 -10.05 5.09
N THR E 77 33.49 -8.76 4.80
CA THR E 77 32.37 -7.92 5.17
C THR E 77 31.88 -7.12 3.97
N TRP E 78 30.65 -6.62 4.07
CA TRP E 78 30.10 -5.85 2.97
C TRP E 78 28.98 -4.95 3.49
N ASP E 79 28.76 -3.86 2.77
CA ASP E 79 27.45 -3.22 2.80
C ASP E 79 26.55 -3.85 1.75
N LEU E 80 27.06 -4.02 0.53
CA LEU E 80 26.33 -4.64 -0.56
C LEU E 80 27.20 -5.75 -1.16
N PHE E 81 26.73 -6.99 -1.07
CA PHE E 81 27.31 -8.12 -1.76
C PHE E 81 26.65 -8.25 -3.13
N VAL E 82 27.46 -8.34 -4.19
CA VAL E 82 26.98 -8.40 -5.56
C VAL E 82 27.19 -9.80 -6.12
N GLU E 83 26.11 -10.46 -6.53
CA GLU E 83 26.18 -11.80 -7.11
C GLU E 83 26.15 -11.73 -8.63
N ARG E 84 27.10 -12.38 -9.26
CA ARG E 84 27.23 -12.35 -10.69
C ARG E 84 26.50 -13.53 -11.29
N SER E 85 26.01 -13.36 -12.51
CA SER E 85 25.31 -14.48 -13.11
C SER E 85 26.25 -15.59 -13.52
N LYS E 86 27.56 -15.31 -13.59
CA LYS E 86 28.56 -16.29 -14.00
C LYS E 86 29.02 -17.16 -12.84
N ALA E 87 28.48 -16.95 -11.64
CA ALA E 87 28.89 -17.74 -10.48
C ALA E 87 28.53 -19.19 -10.68
N PHE E 88 29.32 -20.08 -10.10
CA PHE E 88 29.08 -21.52 -10.19
C PHE E 88 29.50 -22.19 -8.89
N SER E 89 28.91 -23.31 -8.58
CA SER E 89 29.38 -24.17 -7.49
C SER E 89 30.34 -25.21 -8.03
N ASN E 90 31.34 -25.54 -7.21
CA ASN E 90 32.33 -26.55 -7.60
C ASN E 90 32.76 -27.40 -6.41
N CYS E 91 31.80 -27.81 -5.59
CA CYS E 91 32.08 -28.60 -4.41
C CYS E 91 31.04 -29.72 -4.37
N TYR E 92 30.80 -30.28 -3.20
CA TYR E 92 29.89 -31.40 -3.07
C TYR E 92 28.48 -30.95 -3.44
N PRO E 93 27.75 -31.71 -4.25
CA PRO E 93 26.39 -31.30 -4.63
C PRO E 93 25.52 -31.18 -3.39
N TYR E 94 24.73 -30.09 -3.31
CA TYR E 94 23.97 -29.81 -2.11
C TYR E 94 22.69 -29.08 -2.45
N ASP E 95 21.79 -29.06 -1.48
CA ASP E 95 20.65 -28.16 -1.56
C ASP E 95 20.46 -27.56 -0.17
N VAL E 96 19.79 -26.40 -0.15
CA VAL E 96 19.43 -25.74 1.09
C VAL E 96 17.91 -25.61 1.11
N PRO E 97 17.20 -26.39 1.92
CA PRO E 97 15.79 -26.07 2.16
C PRO E 97 15.68 -24.65 2.73
N ASP E 98 14.73 -23.91 2.20
CA ASP E 98 14.62 -22.48 2.50
C ASP E 98 15.95 -21.76 2.28
N TYR E 99 16.50 -21.99 1.09
CA TYR E 99 17.72 -21.33 0.64
C TYR E 99 17.62 -19.80 0.73
N ALA E 100 16.53 -19.23 0.20
CA ALA E 100 16.39 -17.78 0.18
C ALA E 100 16.49 -17.19 1.57
N SER E 101 15.94 -17.87 2.57
CA SER E 101 16.00 -17.34 3.93
C SER E 101 17.41 -17.29 4.47
N LEU E 102 18.20 -18.33 4.25
CA LEU E 102 19.59 -18.32 4.69
C LEU E 102 20.38 -17.25 3.95
N ARG E 103 20.23 -17.19 2.63
CA ARG E 103 20.89 -16.15 1.85
C ARG E 103 20.53 -14.73 2.32
N SER E 104 19.27 -14.52 2.69
CA SER E 104 18.83 -13.21 3.15
C SER E 104 19.38 -12.90 4.55
N LEU E 105 19.30 -13.85 5.48
CA LEU E 105 19.76 -13.48 6.80
C LEU E 105 21.28 -13.31 6.79
N VAL E 106 22.02 -14.08 5.99
CA VAL E 106 23.46 -13.84 5.94
C VAL E 106 23.77 -12.51 5.24
N ALA E 107 23.07 -12.21 4.14
CA ALA E 107 23.33 -10.93 3.48
C ALA E 107 23.04 -9.77 4.42
N SER E 108 21.96 -9.84 5.18
CA SER E 108 21.62 -8.77 6.11
C SER E 108 22.59 -8.69 7.28
N SER E 109 23.21 -9.79 7.68
CA SER E 109 24.19 -9.75 8.76
C SER E 109 25.46 -9.00 8.37
N GLY E 110 25.88 -9.07 7.11
CA GLY E 110 26.94 -8.25 6.60
C GLY E 110 28.36 -8.71 6.84
N THR E 111 28.55 -9.95 7.31
CA THR E 111 29.88 -10.43 7.64
C THR E 111 29.89 -11.94 7.51
N LEU E 112 31.05 -12.48 7.10
CA LEU E 112 31.32 -13.92 7.16
C LEU E 112 32.33 -14.28 8.25
N GLU E 113 32.46 -13.44 9.28
N GLU E 113 32.47 -13.43 9.28
CA GLU E 113 33.40 -13.69 10.37
CA GLU E 113 33.36 -13.68 10.41
C GLU E 113 33.12 -15.01 11.06
C GLU E 113 33.07 -15.04 11.03
N PHE E 114 34.00 -15.98 10.89
CA PHE E 114 33.86 -17.33 11.44
C PHE E 114 34.77 -17.52 12.64
N ILE E 115 34.23 -18.12 13.69
CA ILE E 115 34.94 -18.43 14.93
C ILE E 115 35.01 -19.94 15.03
N THR E 116 36.20 -20.52 14.92
CA THR E 116 36.35 -21.97 15.04
C THR E 116 36.24 -22.39 16.51
N GLU E 117 35.45 -23.42 16.78
CA GLU E 117 35.25 -23.87 18.16
C GLU E 117 35.75 -25.30 18.33
N GLY E 118 36.13 -25.64 19.55
CA GLY E 118 36.70 -26.96 19.81
C GLY E 118 35.66 -28.04 19.99
N PHE E 119 35.03 -28.47 18.92
CA PHE E 119 34.10 -29.58 19.04
C PHE E 119 34.88 -30.87 19.20
N THR E 120 34.36 -31.75 20.04
CA THR E 120 34.92 -33.08 20.26
C THR E 120 33.98 -34.10 19.63
N TRP E 121 34.45 -34.81 18.62
CA TRP E 121 33.69 -35.84 17.95
C TRP E 121 34.35 -37.17 18.30
N THR E 122 34.00 -37.71 19.46
CA THR E 122 34.63 -38.90 19.97
C THR E 122 34.14 -40.12 19.20
N GLY E 123 35.05 -40.87 18.61
CA GLY E 123 34.69 -42.15 18.05
C GLY E 123 34.44 -42.17 16.57
N VAL E 124 34.71 -41.07 15.87
CA VAL E 124 34.50 -41.00 14.43
C VAL E 124 35.74 -40.43 13.76
N THR E 125 35.84 -40.68 12.47
CA THR E 125 36.82 -40.02 11.61
C THR E 125 36.30 -38.65 11.16
N GLN E 126 37.17 -37.64 11.23
CA GLN E 126 36.83 -36.28 10.86
C GLN E 126 37.40 -35.92 9.49
N ASN E 127 36.95 -34.77 8.98
CA ASN E 127 37.52 -34.11 7.82
C ASN E 127 37.41 -34.95 6.55
N GLY E 128 36.28 -35.61 6.38
CA GLY E 128 36.05 -36.32 5.14
C GLY E 128 36.04 -35.39 3.93
N GLY E 129 36.42 -35.93 2.78
CA GLY E 129 36.54 -35.18 1.55
C GLY E 129 36.06 -35.96 0.36
N SER E 130 36.04 -35.31 -0.79
CA SER E 130 35.48 -35.82 -2.04
C SER E 130 36.18 -35.22 -3.25
N ASN E 131 36.25 -35.99 -4.34
CA ASN E 131 36.80 -35.45 -5.57
C ASN E 131 35.83 -34.54 -6.29
N ALA E 132 34.58 -34.47 -5.84
CA ALA E 132 33.66 -33.46 -6.34
C ALA E 132 33.97 -32.07 -5.82
N CYS E 133 34.79 -31.98 -4.79
CA CYS E 133 35.12 -30.75 -4.12
C CYS E 133 36.64 -30.68 -3.95
N LYS E 134 37.36 -30.59 -5.06
CA LYS E 134 38.82 -30.62 -5.02
C LYS E 134 39.39 -29.34 -4.45
N ARG E 135 40.37 -29.50 -3.60
CA ARG E 135 41.13 -28.38 -3.05
C ARG E 135 42.56 -28.62 -3.53
N GLY E 136 42.93 -27.98 -4.62
CA GLY E 136 44.14 -28.29 -5.32
C GLY E 136 43.88 -29.49 -6.20
N PRO E 137 44.88 -30.34 -6.40
CA PRO E 137 44.64 -31.55 -7.19
C PRO E 137 43.92 -32.65 -6.40
N GLY E 138 43.93 -32.57 -5.07
CA GLY E 138 43.37 -33.61 -4.23
C GLY E 138 41.95 -33.35 -3.72
N SER E 139 41.37 -34.38 -3.14
CA SER E 139 40.01 -34.32 -2.62
C SER E 139 39.86 -33.37 -1.45
N GLY E 140 38.66 -32.81 -1.29
CA GLY E 140 38.41 -31.83 -0.26
C GLY E 140 36.94 -31.65 0.03
N PHE E 141 36.61 -30.59 0.74
CA PHE E 141 35.24 -30.39 1.20
C PHE E 141 35.04 -28.91 1.54
N PHE E 142 33.82 -28.54 1.87
CA PHE E 142 33.53 -27.20 2.34
C PHE E 142 34.41 -26.82 3.51
N SER E 143 34.93 -25.60 3.51
CA SER E 143 35.90 -25.29 4.56
C SER E 143 35.27 -25.18 5.95
N ARG E 144 33.98 -24.88 6.04
CA ARG E 144 33.33 -24.63 7.32
C ARG E 144 32.48 -25.80 7.82
N LEU E 145 32.44 -26.90 7.09
CA LEU E 145 31.69 -28.07 7.47
C LEU E 145 32.66 -29.23 7.68
N ASN E 146 32.26 -30.21 8.51
CA ASN E 146 33.12 -31.32 8.92
C ASN E 146 32.44 -32.66 8.63
N TRP E 147 32.85 -33.32 7.57
CA TRP E 147 32.26 -34.59 7.17
C TRP E 147 32.76 -35.71 8.11
N LEU E 148 31.91 -36.15 9.03
CA LEU E 148 32.26 -37.19 10.00
C LEU E 148 31.84 -38.57 9.49
N THR E 149 32.74 -39.55 9.61
CA THR E 149 32.47 -40.93 9.18
C THR E 149 32.91 -41.94 10.25
N LYS E 150 32.69 -43.22 9.96
CA LYS E 150 33.04 -44.28 10.90
C LYS E 150 34.54 -44.32 11.16
N SER E 151 34.88 -44.73 12.38
CA SER E 151 36.26 -44.98 12.80
C SER E 151 36.41 -46.46 13.09
N GLY E 152 37.24 -47.13 12.32
CA GLY E 152 37.37 -48.55 12.49
C GLY E 152 36.16 -49.31 12.00
N SER E 153 35.27 -49.65 12.91
CA SER E 153 34.09 -50.41 12.54
C SER E 153 32.86 -49.90 13.25
N THR E 154 32.97 -48.79 13.96
CA THR E 154 31.86 -48.24 14.71
C THR E 154 31.62 -46.81 14.28
N TYR E 155 30.38 -46.38 14.47
CA TYR E 155 30.02 -44.97 14.45
C TYR E 155 29.16 -44.79 15.67
N PRO E 156 29.72 -44.31 16.76
CA PRO E 156 28.96 -44.16 18.00
C PRO E 156 27.85 -43.16 17.85
N VAL E 157 27.05 -43.08 18.90
CA VAL E 157 26.11 -41.97 19.01
C VAL E 157 26.87 -40.76 19.47
N LEU E 158 26.91 -39.73 18.63
CA LEU E 158 27.47 -38.45 18.99
C LEU E 158 26.48 -37.65 19.80
N ASN E 159 26.98 -37.01 20.85
CA ASN E 159 26.13 -36.21 21.72
C ASN E 159 27.03 -35.11 22.29
N VAL E 160 27.04 -33.96 21.61
CA VAL E 160 27.92 -32.85 21.99
C VAL E 160 27.10 -31.62 22.30
N THR E 161 27.68 -30.78 23.12
CA THR E 161 27.02 -29.54 23.52
C THR E 161 28.05 -28.41 23.44
N MET E 162 27.53 -27.19 23.21
CA MET E 162 28.37 -26.02 22.99
C MET E 162 27.58 -24.81 23.42
N PRO E 163 27.92 -24.22 24.56
CA PRO E 163 27.15 -23.11 25.09
C PRO E 163 27.57 -21.77 24.53
N ASN E 164 26.64 -20.83 24.55
CA ASN E 164 26.92 -19.48 24.09
C ASN E 164 27.03 -18.59 25.31
N ASN E 165 28.25 -18.38 25.77
CA ASN E 165 28.49 -17.52 26.91
C ASN E 165 28.87 -16.10 26.51
N ASP E 166 28.83 -15.79 25.21
CA ASP E 166 29.09 -14.44 24.73
C ASP E 166 27.82 -13.59 24.80
N ASN E 167 27.89 -12.35 24.32
CA ASN E 167 26.76 -11.45 24.37
C ASN E 167 26.22 -11.13 22.98
N PHE E 168 26.47 -12.00 22.01
CA PHE E 168 25.92 -11.88 20.66
C PHE E 168 25.33 -13.21 20.24
N ASP E 169 24.61 -13.19 19.13
CA ASP E 169 24.01 -14.40 18.59
C ASP E 169 25.02 -15.17 17.76
N LYS E 170 24.98 -16.50 17.85
CA LYS E 170 25.84 -17.37 17.06
C LYS E 170 25.03 -18.04 15.96
N LEU E 171 25.59 -18.08 14.76
CA LEU E 171 24.97 -18.76 13.63
C LEU E 171 25.75 -20.03 13.31
N TYR E 172 25.09 -21.20 13.44
CA TYR E 172 25.71 -22.48 13.13
C TYR E 172 25.16 -23.00 11.81
N ILE E 173 26.07 -23.41 10.93
CA ILE E 173 25.73 -24.06 9.68
C ILE E 173 26.16 -25.51 9.77
N TRP E 174 25.22 -26.42 9.46
CA TRP E 174 25.48 -27.85 9.53
C TRP E 174 24.68 -28.53 8.42
N GLY E 175 24.82 -29.86 8.31
CA GLY E 175 24.20 -30.55 7.20
C GLY E 175 23.95 -32.02 7.47
N VAL E 176 23.26 -32.65 6.53
CA VAL E 176 22.94 -34.08 6.61
C VAL E 176 23.30 -34.69 5.28
N HIS E 177 23.98 -35.83 5.31
CA HIS E 177 24.40 -36.52 4.11
C HIS E 177 23.35 -37.52 3.61
N HIS E 178 23.05 -37.48 2.32
CA HIS E 178 22.07 -38.35 1.66
C HIS E 178 22.80 -39.28 0.70
N PRO E 179 23.15 -40.49 1.14
CA PRO E 179 23.85 -41.44 0.27
C PRO E 179 22.96 -41.97 -0.84
N SER E 180 23.61 -42.46 -1.89
CA SER E 180 22.85 -42.98 -3.03
C SER E 180 22.54 -44.47 -2.96
N THR E 181 23.22 -45.23 -2.08
CA THR E 181 22.98 -46.67 -1.92
C THR E 181 23.03 -47.05 -0.45
N ASN E 182 22.41 -48.18 -0.13
CA ASN E 182 22.54 -48.74 1.21
C ASN E 182 23.98 -49.15 1.47
N GLN E 183 24.68 -49.58 0.43
CA GLN E 183 26.08 -49.90 0.56
C GLN E 183 26.87 -48.71 1.05
N GLU E 184 26.67 -47.56 0.38
CA GLU E 184 27.30 -46.32 0.79
C GLU E 184 26.94 -45.96 2.22
N GLN E 185 25.65 -46.02 2.54
CA GLN E 185 25.20 -45.66 3.88
C GLN E 185 25.94 -46.44 4.95
N THR E 186 25.98 -47.77 4.84
CA THR E 186 26.59 -48.57 5.91
C THR E 186 28.12 -48.52 5.88
N SER E 187 28.72 -48.37 4.70
N SER E 187 28.70 -48.33 4.70
CA SER E 187 30.17 -48.24 4.62
CA SER E 187 30.15 -48.25 4.59
C SER E 187 30.67 -46.97 5.30
C SER E 187 30.70 -46.96 5.20
N LEU E 188 29.91 -45.87 5.22
CA LEU E 188 30.33 -44.61 5.83
C LEU E 188 29.91 -44.49 7.28
N TYR E 189 28.68 -44.79 7.56
CA TYR E 189 28.11 -44.77 8.90
C TYR E 189 27.64 -46.20 9.13
N VAL E 190 28.06 -46.83 10.21
CA VAL E 190 27.78 -48.27 10.16
C VAL E 190 26.26 -48.52 10.23
N GLN E 191 25.53 -47.74 11.03
CA GLN E 191 24.07 -47.82 11.10
C GLN E 191 23.42 -47.79 9.72
N ALA E 192 22.27 -48.45 9.59
CA ALA E 192 21.59 -48.55 8.31
C ALA E 192 20.71 -47.35 7.98
N SER E 193 20.36 -46.53 8.97
CA SER E 193 19.58 -45.32 8.74
C SER E 193 19.98 -44.31 9.80
N GLY E 194 20.49 -43.16 9.35
CA GLY E 194 21.00 -42.16 10.26
C GLY E 194 19.94 -41.26 10.87
N ARG E 195 20.44 -40.28 11.62
CA ARG E 195 19.59 -39.26 12.21
C ARG E 195 20.47 -38.15 12.73
N VAL E 196 20.06 -36.90 12.45
CA VAL E 196 20.72 -35.70 12.94
C VAL E 196 19.69 -34.88 13.70
N THR E 197 19.96 -34.58 14.97
CA THR E 197 19.06 -33.76 15.78
C THR E 197 19.87 -32.62 16.38
N VAL E 198 19.47 -31.39 16.08
CA VAL E 198 20.16 -30.20 16.54
C VAL E 198 19.17 -29.34 17.30
N SER E 199 19.53 -28.94 18.51
CA SER E 199 18.55 -28.27 19.35
C SER E 199 19.17 -27.19 20.21
N THR E 200 18.35 -26.20 20.56
CA THR E 200 18.61 -25.27 21.65
C THR E 200 17.56 -25.50 22.74
N ARG E 201 17.51 -24.62 23.74
N ARG E 201 17.51 -24.60 23.71
CA ARG E 201 16.64 -24.90 24.87
CA ARG E 201 16.67 -24.83 24.88
C ARG E 201 15.17 -24.83 24.49
C ARG E 201 15.19 -24.81 24.50
N ARG E 202 14.81 -23.99 23.52
CA ARG E 202 13.42 -23.81 23.18
C ARG E 202 13.06 -24.26 21.77
N SER E 203 14.01 -24.77 21.00
CA SER E 203 13.72 -25.21 19.63
C SER E 203 14.56 -26.42 19.27
N GLN E 204 14.14 -27.11 18.21
CA GLN E 204 14.84 -28.32 17.79
C GLN E 204 14.54 -28.58 16.32
N GLN E 205 15.46 -29.29 15.66
CA GLN E 205 15.25 -29.75 14.29
C GLN E 205 15.83 -31.16 14.25
N THR E 206 15.08 -32.09 13.67
CA THR E 206 15.54 -33.45 13.49
C THR E 206 15.37 -33.83 12.04
N ILE E 207 16.44 -34.29 11.41
CA ILE E 207 16.46 -34.65 10.01
C ILE E 207 16.81 -36.14 9.90
N ILE E 208 16.12 -36.81 8.99
CA ILE E 208 16.32 -38.22 8.69
C ILE E 208 16.85 -38.30 7.25
N PRO E 209 18.02 -38.87 7.01
CA PRO E 209 18.59 -38.89 5.66
C PRO E 209 17.72 -39.67 4.69
N ASN E 210 18.03 -39.56 3.41
CA ASN E 210 17.25 -40.19 2.37
C ASN E 210 18.16 -40.87 1.37
N ILE E 211 18.04 -42.16 1.25
CA ILE E 211 18.90 -42.93 0.36
C ILE E 211 18.21 -43.09 -0.98
N GLY E 212 18.98 -43.01 -2.05
CA GLY E 212 18.44 -43.12 -3.39
C GLY E 212 19.38 -42.50 -4.41
N SER E 213 19.19 -42.88 -5.66
CA SER E 213 20.03 -42.40 -6.74
C SER E 213 19.48 -41.07 -7.24
N ARG E 214 20.34 -40.13 -7.44
CA ARG E 214 19.97 -38.84 -8.01
C ARG E 214 20.80 -38.60 -9.26
N PRO E 215 20.52 -37.58 -10.06
CA PRO E 215 21.36 -37.34 -11.24
C PRO E 215 22.79 -37.06 -10.84
N TRP E 216 23.73 -37.55 -11.66
CA TRP E 216 25.13 -37.26 -11.38
C TRP E 216 25.39 -35.77 -11.45
N VAL E 217 26.06 -35.26 -10.43
CA VAL E 217 26.61 -33.91 -10.43
C VAL E 217 28.06 -34.02 -9.96
N ARG E 218 28.99 -33.60 -10.82
CA ARG E 218 30.42 -33.68 -10.52
C ARG E 218 30.78 -35.07 -10.00
N GLY E 219 30.26 -36.10 -10.67
CA GLY E 219 30.61 -37.46 -10.36
C GLY E 219 29.72 -38.13 -9.34
N LEU E 220 28.85 -37.41 -8.66
CA LEU E 220 28.13 -37.93 -7.51
C LEU E 220 26.64 -38.00 -7.74
N SER E 221 26.02 -38.98 -7.07
CA SER E 221 24.58 -39.10 -6.96
C SER E 221 24.10 -38.84 -5.55
N SER E 222 25.00 -38.75 -4.61
CA SER E 222 24.65 -38.43 -3.25
C SER E 222 24.52 -36.91 -3.11
N ARG E 223 23.96 -36.50 -1.98
CA ARG E 223 23.66 -35.11 -1.79
C ARG E 223 23.92 -34.78 -0.35
N ILE E 224 24.05 -33.50 -0.07
CA ILE E 224 24.04 -32.96 1.28
C ILE E 224 22.94 -31.91 1.38
N SER E 225 22.25 -31.85 2.52
CA SER E 225 21.28 -30.82 2.78
C SER E 225 21.76 -29.92 3.92
N ILE E 226 21.64 -28.60 3.70
CA ILE E 226 22.20 -27.60 4.61
C ILE E 226 21.10 -27.02 5.48
N TYR E 227 21.37 -26.94 6.77
CA TYR E 227 20.48 -26.39 7.79
C TYR E 227 21.27 -25.40 8.61
N TRP E 228 20.56 -24.48 9.27
N TRP E 228 20.55 -24.48 9.26
CA TRP E 228 21.19 -23.51 10.14
CA TRP E 228 21.16 -23.49 10.14
C TRP E 228 20.48 -23.47 11.48
C TRP E 228 20.48 -23.49 11.50
N THR E 229 21.17 -22.94 12.49
CA THR E 229 20.65 -22.82 13.85
C THR E 229 21.27 -21.58 14.48
N ILE E 230 20.46 -20.71 15.07
CA ILE E 230 20.95 -19.54 15.78
C ILE E 230 20.83 -19.79 17.28
N VAL E 231 21.89 -19.49 18.01
CA VAL E 231 21.95 -19.68 19.45
C VAL E 231 22.18 -18.34 20.12
N LYS E 232 21.21 -17.92 20.92
CA LYS E 232 21.22 -16.63 21.57
C LYS E 232 22.04 -16.68 22.85
N PRO E 233 22.49 -15.52 23.35
CA PRO E 233 23.29 -15.52 24.58
C PRO E 233 22.56 -16.14 25.74
N GLY E 234 23.23 -17.08 26.41
CA GLY E 234 22.65 -17.84 27.48
C GLY E 234 22.10 -19.18 27.06
N ASP E 235 21.78 -19.34 25.79
CA ASP E 235 21.32 -20.63 25.31
C ASP E 235 22.51 -21.53 25.02
N VAL E 236 22.23 -22.76 24.61
CA VAL E 236 23.28 -23.73 24.34
C VAL E 236 22.86 -24.56 23.14
N LEU E 237 23.86 -25.07 22.42
CA LEU E 237 23.64 -25.90 21.26
C LEU E 237 23.87 -27.35 21.62
N VAL E 238 22.99 -28.23 21.19
CA VAL E 238 23.15 -29.65 21.43
C VAL E 238 22.98 -30.38 20.10
N ILE E 239 24.00 -31.16 19.74
CA ILE E 239 24.00 -31.94 18.52
C ILE E 239 24.00 -33.39 18.94
N ASN E 240 23.10 -34.14 18.35
CA ASN E 240 22.90 -35.54 18.68
C ASN E 240 22.73 -36.29 17.37
N SER E 241 23.64 -37.18 17.05
CA SER E 241 23.49 -37.87 15.77
C SER E 241 24.03 -39.29 15.88
N ASN E 242 23.40 -40.20 15.14
CA ASN E 242 23.98 -41.53 15.06
C ASN E 242 24.40 -41.86 13.64
N GLY E 243 24.64 -40.85 12.82
CA GLY E 243 25.08 -41.07 11.46
C GLY E 243 24.65 -39.91 10.60
N ASN E 244 25.38 -39.73 9.49
CA ASN E 244 25.06 -38.82 8.40
C ASN E 244 25.19 -37.34 8.75
N LEU E 245 25.72 -37.00 9.92
CA LEU E 245 25.92 -35.60 10.27
C LEU E 245 27.06 -34.98 9.47
N ILE E 246 26.81 -33.81 8.88
CA ILE E 246 27.85 -32.93 8.38
C ILE E 246 27.97 -31.82 9.41
N ALA E 247 29.02 -31.85 10.17
CA ALA E 247 29.08 -31.15 11.45
C ALA E 247 29.54 -29.71 11.31
N PRO E 248 29.22 -28.86 12.27
CA PRO E 248 29.78 -27.52 12.26
C PRO E 248 31.20 -27.53 12.81
N ARG E 249 32.00 -26.56 12.36
CA ARG E 249 33.33 -26.35 12.88
C ARG E 249 33.37 -25.17 13.81
N GLY E 250 32.27 -24.46 13.94
CA GLY E 250 32.24 -23.24 14.73
C GLY E 250 31.03 -22.44 14.34
N TYR E 251 31.06 -21.16 14.64
CA TYR E 251 29.92 -20.33 14.35
C TYR E 251 30.29 -19.10 13.53
N PHE E 252 29.29 -18.54 12.84
CA PHE E 252 29.40 -17.21 12.23
C PHE E 252 28.85 -16.17 13.20
N LYS E 253 29.51 -15.04 13.30
CA LYS E 253 29.04 -14.00 14.21
C LYS E 253 27.95 -13.19 13.53
N MET E 254 26.84 -12.95 14.22
N MET E 254 26.84 -12.98 14.22
CA MET E 254 25.70 -12.27 13.62
CA MET E 254 25.68 -12.25 13.67
C MET E 254 25.69 -10.79 13.99
C MET E 254 25.76 -10.76 13.98
N ARG E 255 25.45 -9.95 12.98
CA ARG E 255 25.30 -8.52 13.18
C ARG E 255 23.96 -8.06 12.63
N THR E 256 23.57 -6.87 13.07
CA THR E 256 22.42 -6.19 12.53
C THR E 256 22.92 -4.89 11.91
N GLY E 257 22.34 -4.52 10.78
CA GLY E 257 22.72 -3.27 10.16
C GLY E 257 22.06 -3.14 8.82
N LYS E 258 22.70 -2.38 7.95
CA LYS E 258 22.09 -2.02 6.69
C LYS E 258 22.61 -2.86 5.53
N SER E 259 23.18 -4.03 5.80
CA SER E 259 23.79 -4.80 4.72
C SER E 259 22.74 -5.56 3.94
N SER E 260 23.04 -5.80 2.67
CA SER E 260 22.13 -6.53 1.80
C SER E 260 22.87 -7.15 0.64
N ILE E 261 22.12 -7.68 -0.32
CA ILE E 261 22.67 -8.41 -1.45
C ILE E 261 21.91 -8.05 -2.69
N MET E 262 22.59 -8.07 -3.83
CA MET E 262 21.99 -7.71 -5.10
C MET E 262 22.57 -8.57 -6.20
N ARG E 263 21.75 -8.96 -7.14
CA ARG E 263 22.21 -9.63 -8.35
C ARG E 263 22.43 -8.59 -9.44
N SER E 264 23.62 -8.57 -10.03
CA SER E 264 23.92 -7.55 -11.03
C SER E 264 25.14 -7.96 -11.82
N ASP E 265 25.15 -7.66 -13.11
CA ASP E 265 26.35 -7.88 -13.91
C ASP E 265 27.04 -6.58 -14.27
N ALA E 266 26.70 -5.50 -13.61
CA ALA E 266 27.31 -4.23 -13.90
C ALA E 266 28.68 -4.15 -13.24
N PRO E 267 29.70 -3.63 -13.91
CA PRO E 267 31.03 -3.52 -13.32
C PRO E 267 31.11 -2.47 -12.23
N ILE E 268 32.02 -2.69 -11.30
N ILE E 268 32.01 -2.72 -11.29
CA ILE E 268 32.27 -1.75 -10.21
CA ILE E 268 32.30 -1.76 -10.22
C ILE E 268 33.29 -0.72 -10.67
C ILE E 268 33.25 -0.70 -10.74
N ASP E 269 33.09 0.53 -10.26
CA ASP E 269 33.88 1.65 -10.74
C ASP E 269 34.28 2.51 -9.57
N THR E 270 35.25 3.40 -9.79
CA THR E 270 35.68 4.32 -8.74
C THR E 270 34.94 5.63 -8.91
N CYS E 271 33.86 5.80 -8.18
CA CYS E 271 33.05 7.02 -8.20
C CYS E 271 32.26 7.02 -6.90
N ILE E 272 31.46 8.05 -6.69
CA ILE E 272 30.66 8.17 -5.47
C ILE E 272 29.20 8.27 -5.86
N SER E 273 28.36 7.45 -5.21
CA SER E 273 26.93 7.45 -5.47
C SER E 273 26.19 6.72 -4.36
N GLU E 274 25.22 7.38 -3.74
CA GLU E 274 24.49 6.78 -2.64
C GLU E 274 23.52 5.71 -3.09
N CYS E 275 23.04 5.76 -4.33
CA CYS E 275 22.00 4.87 -4.81
C CYS E 275 22.54 3.90 -5.85
N ILE E 276 22.31 2.61 -5.63
CA ILE E 276 22.75 1.53 -6.50
C ILE E 276 21.53 0.77 -6.99
N THR E 277 21.52 0.45 -8.27
CA THR E 277 20.53 -0.44 -8.86
C THR E 277 21.29 -1.52 -9.60
N PRO E 278 20.61 -2.64 -9.95
CA PRO E 278 21.29 -3.67 -10.76
C PRO E 278 21.77 -3.17 -12.11
N ASN E 279 21.21 -2.08 -12.62
CA ASN E 279 21.65 -1.45 -13.85
C ASN E 279 22.88 -0.59 -13.66
N GLY E 280 23.26 -0.31 -12.43
CA GLY E 280 24.31 0.63 -12.09
C GLY E 280 23.83 1.64 -11.08
N SER E 281 24.73 2.54 -10.73
CA SER E 281 24.39 3.63 -9.83
C SER E 281 23.53 4.68 -10.53
N ILE E 282 22.67 5.33 -9.74
CA ILE E 282 21.87 6.44 -10.28
C ILE E 282 21.91 7.59 -9.25
N PRO E 283 21.74 8.82 -9.78
CA PRO E 283 21.66 9.97 -8.87
C PRO E 283 20.37 9.97 -8.09
N ASN E 284 20.40 10.54 -6.90
CA ASN E 284 19.20 10.57 -6.07
C ASN E 284 18.70 11.98 -5.81
N ASP E 285 18.93 12.89 -6.73
CA ASP E 285 18.40 14.24 -6.57
C ASP E 285 16.93 14.32 -6.99
N LYS E 286 16.48 13.52 -7.96
CA LYS E 286 15.07 13.55 -8.31
C LYS E 286 14.23 12.69 -7.37
N PRO E 287 12.95 12.99 -7.20
CA PRO E 287 12.15 12.24 -6.22
C PRO E 287 11.69 10.88 -6.68
N PHE E 288 11.65 10.63 -7.99
CA PHE E 288 11.19 9.39 -8.55
C PHE E 288 12.23 8.86 -9.53
N GLN E 289 12.17 7.56 -9.75
CA GLN E 289 13.04 6.89 -10.71
C GLN E 289 12.29 5.74 -11.38
N ASN E 290 12.78 5.43 -12.57
CA ASN E 290 12.23 4.46 -13.51
C ASN E 290 13.25 3.40 -13.90
N VAL E 291 14.41 3.35 -13.25
CA VAL E 291 15.46 2.44 -13.66
C VAL E 291 15.18 1.02 -13.18
N ASN E 292 14.96 0.81 -11.89
CA ASN E 292 14.76 -0.53 -11.38
C ASN E 292 14.00 -0.46 -10.07
N LYS E 293 13.03 -1.36 -9.89
CA LYS E 293 12.39 -1.44 -8.59
C LYS E 293 13.33 -1.98 -7.56
N ILE E 294 14.39 -2.68 -7.96
CA ILE E 294 15.42 -3.15 -7.04
C ILE E 294 16.45 -2.05 -6.85
N THR E 295 16.64 -1.60 -5.61
CA THR E 295 17.59 -0.56 -5.29
C THR E 295 18.27 -0.84 -3.96
N TYR E 296 19.37 -0.16 -3.73
CA TYR E 296 20.07 -0.17 -2.47
C TYR E 296 20.62 1.22 -2.19
N GLY E 297 20.46 1.68 -0.96
CA GLY E 297 20.88 3.02 -0.58
C GLY E 297 19.72 3.99 -0.52
N ALA E 298 20.04 5.27 -0.36
CA ALA E 298 19.03 6.33 -0.35
C ALA E 298 18.61 6.61 -1.77
N CYS E 299 17.44 6.17 -2.16
CA CYS E 299 17.11 6.14 -3.57
C CYS E 299 15.78 6.83 -3.86
N PRO E 300 15.61 7.40 -5.04
CA PRO E 300 14.27 7.84 -5.46
C PRO E 300 13.30 6.67 -5.46
N LYS E 301 12.03 6.99 -5.29
CA LYS E 301 11.01 5.94 -5.32
C LYS E 301 10.72 5.51 -6.74
N TYR E 302 10.51 4.20 -6.93
CA TYR E 302 10.29 3.64 -8.24
C TYR E 302 8.87 3.89 -8.66
N VAL E 303 8.70 4.38 -9.89
CA VAL E 303 7.38 4.63 -10.45
C VAL E 303 7.33 4.07 -11.85
N LYS E 304 6.12 3.89 -12.37
CA LYS E 304 5.99 3.35 -13.71
C LYS E 304 6.24 4.35 -14.81
N GLN E 305 6.12 5.64 -14.53
CA GLN E 305 6.31 6.66 -15.54
C GLN E 305 7.77 6.82 -15.90
N ASN E 306 8.07 6.95 -17.18
CA ASN E 306 9.44 7.30 -17.52
C ASN E 306 9.70 8.79 -17.52
N THR E 307 8.66 9.62 -17.48
CA THR E 307 8.88 11.05 -17.35
C THR E 307 7.73 11.68 -16.59
N LEU E 308 8.05 12.71 -15.81
CA LEU E 308 7.07 13.50 -15.07
C LEU E 308 7.60 14.93 -14.98
N LYS E 309 6.96 15.86 -15.69
CA LYS E 309 7.42 17.24 -15.77
C LYS E 309 6.63 18.09 -14.81
N LEU E 310 7.34 18.77 -13.92
CA LEU E 310 6.78 19.73 -12.99
C LEU E 310 6.99 21.14 -13.56
N ALA E 311 5.89 21.89 -13.76
CA ALA E 311 5.99 23.25 -14.27
C ALA E 311 6.80 24.14 -13.32
N THR E 312 7.77 24.87 -13.86
CA THR E 312 8.52 25.85 -13.10
C THR E 312 8.36 27.23 -13.69
N GLY E 313 7.32 27.45 -14.48
CA GLY E 313 6.98 28.74 -15.02
C GLY E 313 5.53 28.78 -15.38
N MET E 314 5.10 29.97 -15.81
CA MET E 314 3.71 30.26 -16.11
C MET E 314 3.26 29.65 -17.43
N ARG E 315 1.98 29.76 -17.71
N ARG E 315 1.97 29.76 -17.72
CA ARG E 315 1.47 29.32 -18.97
CA ARG E 315 1.45 29.36 -19.02
C ARG E 315 2.07 30.12 -20.16
C ARG E 315 2.14 30.13 -20.14
N ASN E 316 2.48 29.42 -21.21
CA ASN E 316 3.15 30.03 -22.36
C ASN E 316 2.12 30.36 -23.43
N VAL E 317 1.88 31.65 -23.64
CA VAL E 317 0.90 32.16 -24.59
C VAL E 317 1.58 33.11 -25.56
N PRO E 318 2.37 32.63 -26.52
CA PRO E 318 3.06 33.58 -27.42
C PRO E 318 2.14 34.26 -28.40
N GLU E 319 0.98 33.68 -28.70
CA GLU E 319 0.00 34.33 -29.55
C GLU E 319 -1.40 34.13 -29.01
N LYS E 320 -2.32 34.96 -29.47
CA LYS E 320 -3.72 34.76 -29.10
C LYS E 320 -4.30 33.46 -29.69
N GLY F 1 -6.76 30.15 -16.65
CA GLY F 1 -6.48 30.08 -15.22
C GLY F 1 -7.68 30.61 -14.46
N LEU F 2 -7.70 30.39 -13.16
CA LEU F 2 -8.83 30.83 -12.35
C LEU F 2 -8.99 32.34 -12.32
N PHE F 3 -7.94 33.10 -12.55
CA PHE F 3 -8.04 34.53 -12.33
C PHE F 3 -8.25 35.32 -13.61
N GLY F 4 -8.17 34.69 -14.76
CA GLY F 4 -8.63 35.32 -15.95
C GLY F 4 -7.71 36.36 -16.53
N ALA F 5 -6.46 36.44 -16.10
CA ALA F 5 -5.51 37.41 -16.67
C ALA F 5 -4.66 36.72 -17.75
N ILE F 6 -3.73 35.84 -17.34
CA ILE F 6 -2.95 35.13 -18.32
C ILE F 6 -3.85 34.27 -19.18
N ALA F 7 -3.66 34.36 -20.50
CA ALA F 7 -4.55 33.74 -21.48
C ALA F 7 -6.00 34.14 -21.21
N GLY F 8 -6.21 35.34 -20.72
CA GLY F 8 -7.54 35.87 -20.45
C GLY F 8 -7.68 37.28 -20.98
N PHE F 9 -7.91 38.27 -20.10
CA PHE F 9 -8.06 39.63 -20.59
C PHE F 9 -6.73 40.19 -21.09
N ILE F 10 -5.61 39.57 -20.74
N ILE F 10 -5.62 39.57 -20.71
CA ILE F 10 -4.36 39.84 -21.43
CA ILE F 10 -4.36 39.77 -21.41
C ILE F 10 -4.24 38.84 -22.58
C ILE F 10 -4.34 38.80 -22.59
N GLU F 11 -4.31 39.35 -23.80
CA GLU F 11 -4.44 38.51 -25.00
C GLU F 11 -3.30 37.51 -25.14
N ASN F 12 -2.07 37.92 -24.90
CA ASN F 12 -0.93 37.04 -25.05
C ASN F 12 0.22 37.57 -24.24
N GLY F 13 1.26 36.78 -24.14
CA GLY F 13 2.48 37.22 -23.52
C GLY F 13 3.42 37.90 -24.50
N TRP F 14 4.50 38.41 -23.99
CA TRP F 14 5.46 39.24 -24.68
C TRP F 14 6.76 38.46 -24.82
N GLU F 15 7.03 37.93 -26.01
CA GLU F 15 8.34 37.32 -26.22
C GLU F 15 9.47 38.32 -26.05
N GLY F 16 9.18 39.62 -26.18
CA GLY F 16 10.16 40.68 -26.04
C GLY F 16 10.50 41.08 -24.62
N MET F 17 9.77 40.59 -23.62
N MET F 17 9.77 40.58 -23.62
CA MET F 17 10.13 40.81 -22.22
CA MET F 17 10.10 40.79 -22.21
C MET F 17 11.09 39.71 -21.80
C MET F 17 11.09 39.70 -21.80
N ILE F 18 12.37 40.03 -21.74
CA ILE F 18 13.40 39.03 -21.47
C ILE F 18 14.11 39.22 -20.15
N ASP F 19 13.78 40.25 -19.39
CA ASP F 19 14.43 40.45 -18.09
C ASP F 19 13.44 40.32 -16.92
N GLY F 20 12.28 39.71 -17.13
CA GLY F 20 11.36 39.54 -16.03
C GLY F 20 10.18 38.73 -16.45
N TRP F 21 9.35 38.37 -15.49
CA TRP F 21 8.17 37.58 -15.81
C TRP F 21 6.96 38.43 -16.10
N TYR F 22 6.83 39.56 -15.40
CA TYR F 22 5.76 40.52 -15.52
C TYR F 22 6.34 41.91 -15.71
N GLY F 23 5.55 42.82 -16.27
CA GLY F 23 6.06 44.16 -16.43
C GLY F 23 5.10 45.09 -17.14
N PHE F 24 5.67 46.22 -17.55
CA PHE F 24 4.92 47.34 -18.10
C PHE F 24 5.44 47.71 -19.48
N ARG F 25 4.53 48.01 -20.36
CA ARG F 25 4.83 48.71 -21.60
C ARG F 25 4.02 49.99 -21.61
N HIS F 26 4.62 51.07 -22.08
CA HIS F 26 3.93 52.37 -22.10
C HIS F 26 4.09 53.07 -23.44
N GLN F 27 3.13 53.96 -23.70
CA GLN F 27 3.22 54.99 -24.72
C GLN F 27 2.87 56.34 -24.11
N ASN F 28 3.79 57.30 -24.23
CA ASN F 28 3.54 58.68 -23.77
C ASN F 28 4.10 59.66 -24.80
N SER F 29 4.13 60.95 -24.43
CA SER F 29 4.57 61.99 -25.37
C SER F 29 6.01 61.78 -25.82
N GLU F 30 6.88 61.29 -24.92
CA GLU F 30 8.29 61.03 -25.24
C GLU F 30 8.54 59.67 -25.90
N GLY F 31 7.52 58.87 -26.20
CA GLY F 31 7.76 57.61 -26.89
C GLY F 31 7.19 56.35 -26.24
N THR F 32 7.79 55.19 -26.51
CA THR F 32 7.30 53.93 -26.01
C THR F 32 8.40 53.20 -25.24
N GLY F 33 8.01 52.36 -24.27
CA GLY F 33 9.00 51.69 -23.45
C GLY F 33 8.51 50.42 -22.78
N GLN F 34 9.47 49.71 -22.17
CA GLN F 34 9.21 48.43 -21.52
C GLN F 34 10.07 48.32 -20.28
N ALA F 35 9.51 47.77 -19.21
CA ALA F 35 10.29 47.60 -18.00
C ALA F 35 9.69 46.45 -17.22
N ALA F 36 10.53 45.56 -16.71
CA ALA F 36 10.04 44.49 -15.88
C ALA F 36 9.69 44.99 -14.49
N ASP F 37 8.69 44.38 -13.88
CA ASP F 37 8.38 44.58 -12.47
C ASP F 37 9.11 43.51 -11.66
N LEU F 38 10.00 43.94 -10.78
N LEU F 38 10.00 43.93 -10.77
CA LEU F 38 10.82 42.99 -10.05
CA LEU F 38 10.82 42.94 -10.08
C LEU F 38 10.03 42.24 -8.97
C LEU F 38 10.09 42.25 -8.92
N LYS F 39 9.18 42.94 -8.22
CA LYS F 39 8.51 42.32 -7.07
C LYS F 39 7.57 41.19 -7.48
N SER F 40 6.76 41.39 -8.52
N SER F 40 6.74 41.41 -8.51
CA SER F 40 5.86 40.32 -8.95
CA SER F 40 5.87 40.36 -9.00
C SER F 40 6.66 39.14 -9.52
C SER F 40 6.67 39.15 -9.50
N THR F 41 7.72 39.43 -10.27
CA THR F 41 8.59 38.38 -10.79
C THR F 41 9.18 37.53 -9.68
N GLN F 42 9.68 38.19 -8.64
CA GLN F 42 10.31 37.48 -7.54
C GLN F 42 9.27 36.76 -6.68
N ALA F 43 8.07 37.29 -6.58
CA ALA F 43 7.04 36.57 -5.84
C ALA F 43 6.72 35.25 -6.52
N ALA F 44 6.55 35.27 -7.85
CA ALA F 44 6.28 34.02 -8.55
C ALA F 44 7.47 33.06 -8.48
N ILE F 45 8.69 33.58 -8.63
CA ILE F 45 9.84 32.70 -8.60
C ILE F 45 10.01 32.08 -7.20
N ASP F 46 9.78 32.86 -6.15
CA ASP F 46 9.91 32.34 -4.79
C ASP F 46 8.87 31.28 -4.50
N GLN F 47 7.64 31.46 -4.96
CA GLN F 47 6.67 30.42 -4.69
C GLN F 47 7.02 29.14 -5.44
N ILE F 48 7.50 29.24 -6.67
CA ILE F 48 7.78 28.03 -7.44
C ILE F 48 9.01 27.33 -6.89
N ASN F 49 10.03 28.09 -6.50
CA ASN F 49 11.16 27.49 -5.84
C ASN F 49 10.76 26.83 -4.53
N GLY F 50 9.84 27.43 -3.80
CA GLY F 50 9.41 26.83 -2.55
C GLY F 50 8.79 25.47 -2.77
N LYS F 51 7.87 25.40 -3.72
CA LYS F 51 7.19 24.16 -4.04
C LYS F 51 8.16 23.12 -4.59
N LEU F 52 9.13 23.55 -5.37
CA LEU F 52 10.13 22.65 -5.89
C LEU F 52 11.01 22.10 -4.77
N ASN F 53 11.34 22.92 -3.77
CA ASN F 53 12.14 22.43 -2.67
C ASN F 53 11.37 21.47 -1.79
N ARG F 54 10.06 21.66 -1.62
CA ARG F 54 9.30 20.69 -0.84
C ARG F 54 9.22 19.36 -1.58
N VAL F 55 9.09 19.39 -2.91
CA VAL F 55 8.93 18.13 -3.64
C VAL F 55 10.20 17.27 -3.58
N ILE F 56 11.38 17.87 -3.57
CA ILE F 56 12.62 17.11 -3.51
C ILE F 56 13.18 17.07 -2.10
N GLU F 57 12.33 17.28 -1.09
CA GLU F 57 12.71 17.22 0.32
C GLU F 57 13.00 15.78 0.70
N LYS F 58 12.47 15.37 1.84
CA LYS F 58 12.81 14.08 2.45
C LYS F 58 12.16 12.92 1.71
N THR F 59 12.91 12.36 0.77
CA THR F 59 12.54 11.12 0.11
C THR F 59 13.53 10.03 0.60
N ASN F 60 13.61 8.93 -0.13
CA ASN F 60 14.78 8.05 -0.19
C ASN F 60 14.81 6.84 0.78
N GLU F 61 15.62 6.97 1.83
CA GLU F 61 16.57 5.92 2.27
C GLU F 61 16.08 4.57 2.78
N LYS F 62 16.22 3.59 1.89
CA LYS F 62 16.16 2.16 2.20
C LYS F 62 15.15 1.84 3.31
N PHE F 63 15.63 1.18 4.38
CA PHE F 63 14.99 0.12 5.19
C PHE F 63 15.03 -1.16 4.35
N HIS F 64 15.16 -2.33 4.98
CA HIS F 64 15.47 -3.56 4.22
C HIS F 64 14.44 -3.85 3.14
N GLN F 65 14.91 -4.39 2.01
CA GLN F 65 13.97 -4.77 0.97
C GLN F 65 13.90 -6.27 0.76
N ILE F 66 12.74 -6.73 0.27
CA ILE F 66 12.51 -8.09 -0.19
C ILE F 66 13.04 -8.31 -1.61
N GLU F 67 12.99 -9.56 -2.08
CA GLU F 67 13.31 -9.89 -3.45
C GLU F 67 12.21 -9.46 -4.39
N LYS F 68 12.60 -9.07 -5.58
CA LYS F 68 11.64 -8.59 -6.55
C LYS F 68 11.74 -9.27 -7.91
N GLU F 69 12.75 -10.12 -8.12
CA GLU F 69 12.85 -10.99 -9.28
C GLU F 69 13.01 -12.43 -8.83
N PHE F 70 12.47 -13.36 -9.61
CA PHE F 70 12.45 -14.75 -9.20
C PHE F 70 12.80 -15.65 -10.37
N SER F 71 13.65 -16.64 -10.13
CA SER F 71 14.11 -17.48 -11.21
C SER F 71 13.43 -18.84 -11.29
N GLU F 72 12.61 -19.19 -10.31
CA GLU F 72 11.90 -20.46 -10.29
C GLU F 72 10.48 -20.19 -9.85
N VAL F 73 9.54 -20.90 -10.45
N VAL F 73 9.52 -20.90 -10.43
CA VAL F 73 8.16 -20.90 -9.98
CA VAL F 73 8.14 -20.74 -9.96
C VAL F 73 8.11 -21.51 -8.58
C VAL F 73 7.98 -21.51 -8.65
N GLU F 74 7.38 -20.85 -7.66
CA GLU F 74 7.28 -21.34 -6.28
C GLU F 74 5.87 -21.39 -5.70
N GLY F 75 4.91 -20.70 -6.25
CA GLY F 75 3.56 -20.69 -5.69
C GLY F 75 3.38 -19.58 -4.64
N ARG F 76 2.81 -19.95 -3.51
CA ARG F 76 2.02 -19.04 -2.67
C ARG F 76 2.82 -17.85 -2.16
N ILE F 77 4.00 -18.08 -1.62
CA ILE F 77 4.61 -16.91 -1.01
C ILE F 77 5.36 -16.05 -2.03
N GLN F 78 5.87 -16.64 -3.12
CA GLN F 78 6.35 -15.78 -4.19
C GLN F 78 5.21 -14.98 -4.82
N ASP F 79 4.03 -15.57 -4.97
CA ASP F 79 2.89 -14.80 -5.44
C ASP F 79 2.63 -13.62 -4.53
N LEU F 80 2.82 -13.79 -3.22
CA LEU F 80 2.55 -12.67 -2.32
C LEU F 80 3.66 -11.61 -2.40
N GLU F 81 4.91 -12.02 -2.52
CA GLU F 81 5.98 -11.07 -2.72
C GLU F 81 5.74 -10.22 -3.96
N LYS F 82 5.28 -10.83 -5.05
CA LYS F 82 5.05 -10.05 -6.26
C LYS F 82 3.84 -9.15 -6.11
N TYR F 83 2.78 -9.62 -5.45
CA TYR F 83 1.59 -8.79 -5.31
C TYR F 83 1.86 -7.59 -4.41
N VAL F 84 2.62 -7.79 -3.32
CA VAL F 84 3.05 -6.68 -2.48
C VAL F 84 3.83 -5.64 -3.26
N GLU F 85 4.78 -6.09 -4.09
CA GLU F 85 5.57 -5.09 -4.79
C GLU F 85 4.79 -4.43 -5.93
N ASP F 86 3.93 -5.14 -6.64
CA ASP F 86 3.12 -4.50 -7.67
C ASP F 86 2.16 -3.49 -7.09
N THR F 87 1.56 -3.81 -5.96
CA THR F 87 0.65 -2.92 -5.28
C THR F 87 1.35 -1.66 -4.81
N LYS F 88 2.58 -1.81 -4.26
CA LYS F 88 3.35 -0.65 -3.83
C LYS F 88 3.72 0.24 -5.01
N ILE F 89 4.20 -0.34 -6.11
CA ILE F 89 4.56 0.45 -7.29
C ILE F 89 3.35 1.18 -7.85
N ASP F 90 2.19 0.52 -7.89
CA ASP F 90 1.00 1.17 -8.39
C ASP F 90 0.57 2.37 -7.53
N LEU F 91 0.67 2.23 -6.21
CA LEU F 91 0.29 3.31 -5.31
C LEU F 91 1.29 4.47 -5.38
N TRP F 92 2.57 4.20 -5.57
CA TRP F 92 3.52 5.28 -5.72
C TRP F 92 3.38 5.94 -7.08
N SER F 93 3.13 5.17 -8.13
CA SER F 93 2.88 5.74 -9.45
C SER F 93 1.67 6.67 -9.43
N TYR F 94 0.64 6.30 -8.69
CA TYR F 94 -0.51 7.17 -8.55
C TYR F 94 -0.16 8.42 -7.75
N ASN F 95 0.57 8.28 -6.65
CA ASN F 95 0.95 9.45 -5.88
C ASN F 95 1.71 10.44 -6.73
N ALA F 96 2.61 9.94 -7.57
CA ALA F 96 3.45 10.83 -8.36
C ALA F 96 2.65 11.51 -9.47
N GLU F 97 1.75 10.79 -10.12
CA GLU F 97 0.91 11.41 -11.14
C GLU F 97 0.06 12.52 -10.56
N LEU F 98 -0.59 12.27 -9.42
CA LEU F 98 -1.47 13.28 -8.85
C LEU F 98 -0.67 14.44 -8.28
N LEU F 99 0.47 14.17 -7.66
CA LEU F 99 1.28 15.27 -7.13
C LEU F 99 1.65 16.24 -8.22
N VAL F 100 2.09 15.73 -9.37
N VAL F 100 2.09 15.75 -9.37
CA VAL F 100 2.50 16.65 -10.43
CA VAL F 100 2.49 16.62 -10.46
C VAL F 100 1.29 17.34 -11.06
C VAL F 100 1.27 17.32 -11.07
N ALA F 101 0.15 16.65 -11.21
CA ALA F 101 -1.04 17.30 -11.73
C ALA F 101 -1.52 18.46 -10.83
N LEU F 102 -1.58 18.25 -9.52
CA LEU F 102 -2.04 19.28 -8.59
C LEU F 102 -1.06 20.43 -8.53
N GLU F 103 0.22 20.10 -8.44
CA GLU F 103 1.24 21.14 -8.38
C GLU F 103 1.22 22.01 -9.63
N ASN F 104 1.10 21.39 -10.81
CA ASN F 104 1.10 22.16 -12.05
C ASN F 104 -0.13 23.03 -12.15
N GLN F 105 -1.30 22.49 -11.83
CA GLN F 105 -2.50 23.31 -11.79
C GLN F 105 -2.30 24.51 -10.87
N HIS F 106 -1.62 24.31 -9.76
CA HIS F 106 -1.45 25.42 -8.83
C HIS F 106 -0.41 26.43 -9.32
N THR F 107 0.65 26.01 -10.01
CA THR F 107 1.64 26.93 -10.55
C THR F 107 1.02 27.82 -11.62
N ILE F 108 0.16 27.25 -12.46
CA ILE F 108 -0.55 28.01 -13.46
C ILE F 108 -1.48 29.03 -12.79
N ASP F 109 -2.15 28.64 -11.71
CA ASP F 109 -3.09 29.55 -11.05
C ASP F 109 -2.39 30.63 -10.26
N LEU F 110 -1.27 30.33 -9.65
CA LEU F 110 -0.59 31.37 -8.89
C LEU F 110 0.12 32.36 -9.81
N THR F 111 0.64 31.91 -10.95
CA THR F 111 1.25 32.87 -11.87
C THR F 111 0.19 33.78 -12.51
N ASP F 112 -0.95 33.21 -12.90
CA ASP F 112 -2.08 34.01 -13.33
C ASP F 112 -2.48 35.02 -12.24
N SER F 113 -2.50 34.59 -10.99
CA SER F 113 -2.86 35.46 -9.89
C SER F 113 -1.86 36.61 -9.72
N GLU F 114 -0.57 36.36 -9.90
CA GLU F 114 0.37 37.47 -9.76
C GLU F 114 0.16 38.48 -10.86
N MET F 115 -0.17 38.03 -12.07
CA MET F 115 -0.46 38.98 -13.13
C MET F 115 -1.66 39.84 -12.75
N ASN F 116 -2.71 39.21 -12.27
CA ASN F 116 -3.89 39.95 -11.90
C ASN F 116 -3.64 40.90 -10.72
N LYS F 117 -2.84 40.47 -9.76
CA LYS F 117 -2.53 41.34 -8.63
C LYS F 117 -1.78 42.58 -9.07
N LEU F 118 -0.80 42.44 -9.95
CA LEU F 118 -0.08 43.63 -10.43
C LEU F 118 -1.03 44.56 -11.20
N PHE F 119 -1.97 44.00 -11.98
CA PHE F 119 -2.93 44.82 -12.69
C PHE F 119 -3.81 45.62 -11.73
N GLU F 120 -4.36 44.97 -10.70
N GLU F 120 -4.36 44.98 -10.70
CA GLU F 120 -5.23 45.66 -9.76
CA GLU F 120 -5.23 45.66 -9.75
C GLU F 120 -4.48 46.71 -8.96
C GLU F 120 -4.48 46.71 -8.96
N LYS F 121 -3.21 46.44 -8.64
CA LYS F 121 -2.42 47.41 -7.91
C LYS F 121 -2.21 48.69 -8.72
N THR F 122 -1.90 48.54 -10.02
CA THR F 122 -1.67 49.69 -10.89
C THR F 122 -2.94 50.50 -11.06
N GLY F 123 -4.05 49.80 -11.26
CA GLY F 123 -5.31 50.52 -11.31
C GLY F 123 -5.60 51.26 -10.03
N ARG F 124 -5.22 50.70 -8.88
CA ARG F 124 -5.54 51.41 -7.65
C ARG F 124 -4.71 52.65 -7.46
N GLN F 125 -3.48 52.67 -7.98
CA GLN F 125 -2.66 53.87 -7.94
C GLN F 125 -3.28 54.99 -8.76
N LEU F 126 -3.72 54.69 -9.96
CA LEU F 126 -4.47 55.67 -10.72
C LEU F 126 -5.87 55.78 -10.11
N ARG F 127 -6.33 56.97 -9.86
CA ARG F 127 -7.55 57.13 -9.06
C ARG F 127 -8.38 58.10 -9.87
N GLU F 128 -9.23 57.60 -10.72
CA GLU F 128 -10.00 58.47 -11.60
C GLU F 128 -9.17 59.18 -12.65
N ASN F 129 -7.85 59.06 -12.63
CA ASN F 129 -6.98 59.60 -13.67
C ASN F 129 -6.81 58.66 -14.86
N ALA F 130 -7.45 57.49 -14.85
CA ALA F 130 -7.25 56.47 -15.87
C ALA F 130 -8.53 55.68 -16.02
N GLU F 131 -8.66 55.02 -17.13
CA GLU F 131 -9.75 54.09 -17.38
C GLU F 131 -9.17 52.76 -17.85
N ASP F 132 -9.80 51.66 -17.43
CA ASP F 132 -9.37 50.31 -17.80
C ASP F 132 -9.94 49.98 -19.17
N MET F 133 -9.07 49.79 -20.15
CA MET F 133 -9.43 49.53 -21.54
C MET F 133 -9.80 48.10 -21.84
N GLY F 134 -9.71 47.18 -20.88
CA GLY F 134 -10.20 45.83 -21.06
C GLY F 134 -9.19 44.82 -21.59
N ASN F 135 -7.96 45.23 -21.85
CA ASN F 135 -6.95 44.35 -22.39
C ASN F 135 -5.69 44.37 -21.56
N GLY F 136 -5.79 44.79 -20.32
CA GLY F 136 -4.63 44.93 -19.49
C GLY F 136 -3.95 46.26 -19.58
N CYS F 137 -4.54 47.23 -20.29
CA CYS F 137 -3.97 48.55 -20.47
C CYS F 137 -4.81 49.60 -19.79
N PHE F 138 -4.15 50.62 -19.27
CA PHE F 138 -4.82 51.81 -18.75
C PHE F 138 -4.66 52.97 -19.71
N LYS F 139 -5.77 53.61 -20.05
CA LYS F 139 -5.75 54.92 -20.67
C LYS F 139 -5.57 55.98 -19.59
N ILE F 140 -4.47 56.69 -19.62
CA ILE F 140 -4.18 57.71 -18.64
C ILE F 140 -4.54 59.06 -19.26
N TYR F 141 -5.46 59.77 -18.63
CA TYR F 141 -6.03 60.98 -19.19
C TYR F 141 -5.27 62.22 -18.78
N HIS F 142 -3.94 62.22 -18.82
CA HIS F 142 -3.18 63.43 -18.59
C HIS F 142 -1.79 63.24 -19.17
N LYS F 143 -1.01 64.31 -19.17
CA LYS F 143 0.33 64.22 -19.71
C LYS F 143 1.20 63.46 -18.72
N CYS F 144 1.89 62.44 -19.20
CA CYS F 144 2.63 61.58 -18.28
C CYS F 144 3.98 61.30 -18.92
N ASP F 145 4.95 62.13 -18.59
CA ASP F 145 6.27 61.95 -19.16
C ASP F 145 6.92 60.74 -18.52
N ASN F 146 8.16 60.47 -18.95
CA ASN F 146 8.84 59.28 -18.49
C ASN F 146 8.97 59.27 -16.97
N ALA F 147 9.15 60.41 -16.35
CA ALA F 147 9.28 60.36 -14.91
C ALA F 147 7.97 60.00 -14.25
N CYS F 148 6.85 60.39 -14.85
CA CYS F 148 5.54 60.07 -14.29
C CYS F 148 5.24 58.57 -14.45
N ILE F 149 5.51 58.00 -15.65
CA ILE F 149 5.42 56.56 -15.84
C ILE F 149 6.28 55.84 -14.81
N GLU F 150 7.54 56.26 -14.66
CA GLU F 150 8.36 55.58 -13.69
C GLU F 150 7.80 55.75 -12.28
N SER F 151 7.12 56.85 -12.00
CA SER F 151 6.52 56.99 -10.69
C SER F 151 5.37 56.00 -10.51
N ILE F 152 4.71 55.62 -11.60
CA ILE F 152 3.72 54.56 -11.49
C ILE F 152 4.38 53.22 -11.23
N ARG F 153 5.43 52.92 -11.95
CA ARG F 153 6.07 51.62 -11.81
C ARG F 153 6.69 51.43 -10.44
N ASN F 154 7.12 52.51 -9.77
CA ASN F 154 7.74 52.32 -8.46
C ASN F 154 6.83 52.68 -7.31
N GLY F 155 5.53 52.78 -7.58
CA GLY F 155 4.56 52.95 -6.53
C GLY F 155 4.59 54.28 -5.81
N THR F 156 5.02 55.37 -6.47
CA THR F 156 5.06 56.70 -5.86
C THR F 156 4.23 57.73 -6.60
N TYR F 157 3.40 57.33 -7.54
CA TYR F 157 2.54 58.23 -8.26
C TYR F 157 1.55 58.88 -7.32
N ASP F 158 1.43 60.21 -7.39
CA ASP F 158 0.50 61.00 -6.58
C ASP F 158 -0.69 61.41 -7.46
N HIS F 159 -1.83 60.80 -7.23
CA HIS F 159 -2.94 61.00 -8.17
C HIS F 159 -3.52 62.40 -8.05
N ASP F 160 -3.40 63.04 -6.88
CA ASP F 160 -4.01 64.36 -6.71
C ASP F 160 -3.33 65.40 -7.59
N VAL F 161 -2.03 65.28 -7.80
CA VAL F 161 -1.30 66.19 -8.66
C VAL F 161 -1.95 66.32 -10.02
N TYR F 162 -2.51 65.22 -10.55
CA TYR F 162 -3.04 65.18 -11.91
C TYR F 162 -4.53 65.05 -11.97
N ARG F 163 -5.21 64.98 -10.83
CA ARG F 163 -6.63 64.67 -10.83
C ARG F 163 -7.45 65.68 -11.63
N ASP F 164 -7.19 66.99 -11.44
CA ASP F 164 -8.00 68.02 -12.10
C ASP F 164 -7.86 67.96 -13.61
N GLU F 165 -6.62 67.86 -14.09
CA GLU F 165 -6.38 67.71 -15.52
C GLU F 165 -7.05 66.44 -16.07
N ALA F 166 -6.95 65.33 -15.32
CA ALA F 166 -7.46 64.07 -15.82
C ALA F 166 -8.97 64.05 -15.82
N LEU F 167 -9.57 64.48 -14.71
CA LEU F 167 -11.02 64.56 -14.64
C LEU F 167 -11.57 65.43 -15.74
N ASN F 168 -10.87 66.53 -16.08
CA ASN F 168 -11.34 67.37 -17.17
C ASN F 168 -11.32 66.63 -18.51
N ASN F 169 -10.26 65.85 -18.77
CA ASN F 169 -10.21 65.13 -20.04
C ASN F 169 -11.16 63.94 -20.09
N ARG F 170 -11.41 63.30 -18.96
CA ARG F 170 -12.35 62.18 -18.98
C ARG F 170 -13.77 62.67 -19.18
N PHE F 171 -14.17 63.74 -18.47
CA PHE F 171 -15.55 64.21 -18.48
C PHE F 171 -15.71 65.58 -19.13
#